data_7MFT
#
_entry.id   7MFT
#
_cell.length_a   1.00
_cell.length_b   1.00
_cell.length_c   1.00
_cell.angle_alpha   90.00
_cell.angle_beta   90.00
_cell.angle_gamma   90.00
#
_symmetry.space_group_name_H-M   'P 1'
#
loop_
_entity.id
_entity.type
_entity.pdbx_description
1 polymer 'Glutamate dehydrogenase'
2 polymer 'Glutamate synthase (NADPH) large chain'
3 polymer 'Glutamate synthase (NADPH) small chain'
4 non-polymer 'FLAVIN MONONUCLEOTIDE'
5 non-polymer 'FE3-S4 CLUSTER'
6 non-polymer 'FLAVIN-ADENINE DINUCLEOTIDE'
7 non-polymer 'IRON/SULFUR CLUSTER'
#
loop_
_entity_poly.entity_id
_entity_poly.type
_entity_poly.pdbx_seq_one_letter_code
_entity_poly.pdbx_strand_id
1 'polypeptide(L)'
;MAADRNTGHTEEDKLDVLKSTQTVIHKALEKLGYPEEVYELLKEPMRLLTVKIPVRMDDGSVKIFTGYRAQHNDSVGPTK
GGIRFHPNVTEKEVKALSIWMSLKCGIIDLPYGGGKGGIVCDPRDMSFRELERLSRGYVRAISQIVGPTKDVPAPDVFTN
SQIMAWMMDEYSRIDEFNSPGFITGKPLVLGGSHGRESATAKGVTICIKEAAKKRGIDIKGARVVVQGFGNAGSYLAKFM
HDAGAKVVGISDAYGGLYDPEGLDIDYLLDRRDSFGTVTKLFNDTITNQELLELDCDILVPAAIENQITEENAHNIRAKI
VVEAANGPTTLEGTKILSDRDILLVPDVLASAGGVTVSYFEWVQNNQGFYWSEEEVEEKLEKMMVKSFNNIYEMANNRRI
DMRLAAYMVGVRKMAEASRFRGWI
;
A
2 'polypeptide(L)'
;MTYNQMPKAQGLYRPEFEHDACGIGLYAHLKGKQTHDIVKQGLKMLCQLDHRGGQGSDPDTGDGAGLLVQIPDAFFRKEC
KNINLPEKERYGVGMVFFSQKEDERKKIEKQINALIEQEGQVVLGWRTVPVNVGKIGTVAQKSCPFVRQVFIGASSDLKD
NLSFERKLYVIRKQAENWGVTEGLDFYFASLSSQTIVYKGLLTPEQVDAFYSDLQDEAFVSAFALVHSRFSTNTFPTWER
AHPNRYLVHNGEINTLRGNINWMRAREQQFVSESFGEDLNKILPILNADGSDSSILDNAFEFFVMAGRKPAHTAMMLIPE
PWTENTHMSKEKRAFYEYHSSLMEPWDGPTAISFTDGKQIGAILDRNGLRPARYYVTKDDYIIFSSEVGVIEVEQENVLY
KNRLEPGKMLLIDLEEGRIISDEEVKTQIATEYPYQKWLEEELVQVNPDPESREEEQFSDLLTRQKAFGYTYEDIQKYLI
PVIKEGKDPLGSMGNDAPLAVLSDRAQSLFNYFKQLFAQVTNPPIDAIREQLVTSTMTWLGAEGDLLHPSERNVRRIKLY
TPVLSNEQFYALKTIVHPDLKSQKIDVLFSEDLERGLKDMFTQAEKAISQGVSLLILSDKKMNERLTPIPPLLAVSALHQ
HLIRKGLRTKVSIIVESGEAREVHHFAALIGYGADAINPYLAYATYKQEIDEGRLDISYEEAVSKYGKSITEGVVKVMSK
MGISTVQSYRGAQIFEAVGISRDVIDRYFSGTASQLGGIDLQTIAEEAQRRHREAYQDDYSKTLEPGSDFQWRNGGEHHA
FNPKTIHTLQWACRRNDYNLFKQYTKAADEERIGFLRNLFAFDGNRKPLKLEEVESAESIVKRFKTGAMSFGSLSKEAHE
ALAIAMNRLGGKSNSGEGGEDPKRFVPDENGDDRRSAIKQIASGRFGVKSHYLVNADELQIKMAQGAKPGEGGQLPGNKV
YPWVADVRGSTPGVGLISPPPHHDIYSIEDLAQLIHDLKNANRDARISVKLVSKAGVGTIAAGVAKATADVIVISGYDGG
TGASPKTSIKHTGLPWELGLAEAHQTLMLNGLRDRVVLETDGKLMTGRDVVMAALLGAEEFGFATAPLVVLGCVMMRACH
LDTCPVGVATQNPELRKKFMGDPDHIVNYMLFIAEEVREYMAALGFKTFDEMIGRTDVLHVSERAKEHWKASQLDLSTLL
YQPEGVRTFQSPQNHKIDQSLDITTILPAVQEAIESGKEADISIEINNTNRVAGTITGSEISKRYGEEGLPEDTIKLHFT
GSAGQSFGAFVPKGMTLYLDGDSNDYVGKGLSGGKIIVKSSEGFNSASDDNVIIGNVAFYGATSGEAYINGRAGERFAVR
NSGVNVVVEGIGDHGCEYMTGGSVVVLGDVGKNFAAGMSGGIAYVLTEDVKAFKRKCNLEMILFESLEDEKEIQQIKAML
ERHTAYTNSQKAEDLLDQWEDSVKKFVKVIPKNYKQMLASIEEQKAAGLSDEEAIMFAFEANTKPKQNTAASGQKQAVVQ
;
G
3 'polypeptide(L)'
;MGKPTGFMEIKREKPAERDPLTRLKDWKEYSAPFSEEASKRQGARCMDCGTPFCQIGADINGFTSGCPIYNLIPEWNGLV
YRGRWKEALERLLKTNNFPEFTGRVCPAPCEGSCTLAISDPAVSIKNIERTIIDKGFENGWIQPRIPKKRTGKKVAIVGS
GPAGLASADQLNQAGHSVTVFERADRAGGLLTYGIPNMKLEKGIVERRIKLLTQEGIDFVTNTEIGVDITADELKEQFDA
VILCTGAQKQRDLLIEGRDSKGVHYAMDYLTLATKSYLDSNFKDKQFIDAKGKDVIVIGGGDTGADCVATALRQKAKSVH
QFGKHPKLPPARTNDNMWPEQPHVFTLEYAYEEAEAKFGRDPREYSIQTTKMVADKNGKLKELHTIQMEKVKNEHGKYEF
RELPGTEKVWPAQLVFIAIGFEGTEQPLLKQFGVNSVNNKISAAYGDYQTNIDGVFAAGDARRGQSLIVWAINEGREVAR
EVDRYLMGSSVLPGSWSHPQFEKGGGSGGGSGGSAWSHPQFENK
;
I
#
loop_
_chem_comp.id
_chem_comp.type
_chem_comp.name
_chem_comp.formula
F3S non-polymer 'FE3-S4 CLUSTER' 'Fe3 S4'
FAD non-polymer 'FLAVIN-ADENINE DINUCLEOTIDE' 'C27 H33 N9 O15 P2'
FMN non-polymer 'FLAVIN MONONUCLEOTIDE' 'C17 H21 N4 O9 P'
SF4 non-polymer 'IRON/SULFUR CLUSTER' 'Fe4 S4'
#
# COMPACT_ATOMS: atom_id res chain seq x y z
N LEU A 15 -41.35 10.07 -14.76
CA LEU A 15 -42.16 10.56 -15.87
C LEU A 15 -43.41 9.72 -16.05
N ASP A 16 -43.26 8.41 -15.86
CA ASP A 16 -44.35 7.46 -16.04
C ASP A 16 -45.02 7.07 -14.73
N VAL A 17 -44.60 7.64 -13.61
CA VAL A 17 -45.12 7.22 -12.31
C VAL A 17 -46.62 7.54 -12.21
N LEU A 18 -47.01 8.75 -12.61
CA LEU A 18 -48.41 9.14 -12.52
C LEU A 18 -49.28 8.29 -13.44
N LYS A 19 -48.82 8.04 -14.66
CA LYS A 19 -49.59 7.23 -15.59
C LYS A 19 -49.71 5.80 -15.10
N SER A 20 -48.63 5.25 -14.54
CA SER A 20 -48.68 3.89 -14.00
C SER A 20 -49.67 3.81 -12.84
N THR A 21 -49.63 4.80 -11.94
CA THR A 21 -50.57 4.82 -10.82
C THR A 21 -52.01 4.89 -11.33
N GLN A 22 -52.26 5.75 -12.32
CA GLN A 22 -53.60 5.86 -12.88
C GLN A 22 -54.04 4.55 -13.51
N THR A 23 -53.14 3.88 -14.23
CA THR A 23 -53.49 2.62 -14.89
C THR A 23 -53.83 1.54 -13.86
N VAL A 24 -53.03 1.42 -12.80
CA VAL A 24 -53.32 0.39 -11.80
C VAL A 24 -54.62 0.71 -11.07
N ILE A 25 -54.87 1.99 -10.79
CA ILE A 25 -56.14 2.37 -10.17
C ILE A 25 -57.30 2.01 -11.09
N HIS A 26 -57.15 2.28 -12.38
CA HIS A 26 -58.20 1.93 -13.33
C HIS A 26 -58.45 0.43 -13.36
N LYS A 27 -57.38 -0.36 -13.35
CA LYS A 27 -57.53 -1.80 -13.34
C LYS A 27 -58.28 -2.26 -12.10
N ALA A 28 -57.90 -1.74 -10.93
CA ALA A 28 -58.56 -2.13 -9.69
C ALA A 28 -60.04 -1.75 -9.72
N LEU A 29 -60.35 -0.55 -10.18
CA LEU A 29 -61.74 -0.11 -10.24
C LEU A 29 -62.54 -0.97 -11.23
N GLU A 30 -61.94 -1.32 -12.37
CA GLU A 30 -62.62 -2.17 -13.33
C GLU A 30 -62.91 -3.54 -12.73
N LYS A 31 -61.95 -4.12 -12.02
CA LYS A 31 -62.18 -5.41 -11.38
C LYS A 31 -63.27 -5.31 -10.33
N LEU A 32 -63.31 -4.21 -9.57
CA LEU A 32 -64.40 -4.02 -8.62
C LEU A 32 -65.74 -3.92 -9.33
N GLY A 33 -65.79 -3.23 -10.45
CA GLY A 33 -67.03 -3.05 -11.20
C GLY A 33 -67.75 -1.75 -10.93
N TYR A 34 -67.15 -0.83 -10.19
CA TYR A 34 -67.76 0.46 -9.96
C TYR A 34 -67.80 1.26 -11.25
N PRO A 35 -68.67 2.29 -11.34
CA PRO A 35 -68.71 3.09 -12.58
C PRO A 35 -67.43 3.87 -12.80
N GLU A 36 -67.38 4.67 -13.86
CA GLU A 36 -66.18 5.45 -14.16
C GLU A 36 -66.12 6.75 -13.37
N GLU A 37 -67.18 7.12 -12.65
CA GLU A 37 -67.16 8.35 -11.87
C GLU A 37 -66.15 8.27 -10.74
N VAL A 38 -66.05 7.11 -10.07
CA VAL A 38 -65.07 6.96 -9.01
C VAL A 38 -63.66 7.09 -9.57
N TYR A 39 -63.41 6.51 -10.74
CA TYR A 39 -62.09 6.67 -11.37
C TYR A 39 -61.83 8.14 -11.69
N GLU A 40 -62.82 8.83 -12.23
CA GLU A 40 -62.65 10.24 -12.57
C GLU A 40 -62.30 11.05 -11.33
N LEU A 41 -62.93 10.73 -10.20
CA LEU A 41 -62.67 11.48 -8.98
C LEU A 41 -61.32 11.13 -8.37
N LEU A 42 -60.93 9.85 -8.42
CA LEU A 42 -59.75 9.38 -7.70
C LEU A 42 -58.47 9.44 -8.53
N LYS A 43 -58.55 9.70 -9.83
CA LYS A 43 -57.32 9.76 -10.63
C LYS A 43 -56.42 10.89 -10.18
N GLU A 44 -56.98 12.00 -9.70
CA GLU A 44 -56.25 13.22 -9.43
C GLU A 44 -56.48 13.63 -7.97
N PRO A 45 -55.45 14.10 -7.27
CA PRO A 45 -55.68 14.59 -5.91
C PRO A 45 -56.57 15.82 -5.91
N MET A 46 -57.33 15.97 -4.84
CA MET A 46 -58.38 16.98 -4.77
C MET A 46 -57.88 18.34 -4.30
N ARG A 47 -56.64 18.44 -3.81
CA ARG A 47 -56.14 19.73 -3.32
C ARG A 47 -54.61 19.70 -3.41
N LEU A 48 -54.06 20.37 -4.43
CA LEU A 48 -52.63 20.51 -4.63
C LEU A 48 -52.26 21.97 -4.45
N LEU A 49 -51.31 22.24 -3.54
CA LEU A 49 -50.88 23.59 -3.23
C LEU A 49 -49.41 23.75 -3.52
N THR A 50 -49.05 24.81 -4.24
CA THR A 50 -47.66 25.16 -4.51
C THR A 50 -47.36 26.49 -3.85
N VAL A 51 -46.32 26.53 -3.02
CA VAL A 51 -45.97 27.71 -2.25
C VAL A 51 -44.49 28.00 -2.41
N LYS A 52 -44.11 29.25 -2.12
CA LYS A 52 -42.73 29.69 -2.16
C LYS A 52 -42.33 30.14 -0.76
N ILE A 53 -41.22 29.61 -0.26
CA ILE A 53 -40.80 29.79 1.12
C ILE A 53 -39.57 30.69 1.12
N PRO A 54 -39.66 31.93 1.60
CA PRO A 54 -38.44 32.72 1.79
C PRO A 54 -37.56 32.12 2.87
N VAL A 55 -36.25 32.27 2.69
CA VAL A 55 -35.27 31.71 3.61
C VAL A 55 -34.04 32.62 3.62
N ARG A 56 -33.40 32.70 4.78
CA ARG A 56 -32.20 33.50 4.98
C ARG A 56 -31.02 32.55 5.19
N MET A 57 -29.98 32.70 4.38
CA MET A 57 -28.80 31.87 4.48
C MET A 57 -27.82 32.44 5.51
N ASP A 58 -26.75 31.70 5.77
CA ASP A 58 -25.74 32.17 6.71
C ASP A 58 -25.06 33.44 6.20
N ASP A 59 -24.76 33.50 4.90
CA ASP A 59 -24.12 34.66 4.32
C ASP A 59 -25.03 35.89 4.27
N GLY A 60 -26.33 35.72 4.53
CA GLY A 60 -27.28 36.81 4.50
C GLY A 60 -28.11 36.88 3.24
N SER A 61 -27.69 36.21 2.17
CA SER A 61 -28.48 36.18 0.95
C SER A 61 -29.75 35.37 1.15
N VAL A 62 -30.75 35.65 0.32
CA VAL A 62 -32.07 35.04 0.41
C VAL A 62 -32.30 34.23 -0.85
N LYS A 63 -32.61 32.94 -0.69
CA LYS A 63 -33.00 32.07 -1.78
C LYS A 63 -34.38 31.51 -1.49
N ILE A 64 -35.18 31.33 -2.55
CA ILE A 64 -36.58 30.95 -2.43
C ILE A 64 -36.69 29.47 -2.80
N PHE A 65 -37.24 28.67 -1.89
CA PHE A 65 -37.47 27.26 -2.11
C PHE A 65 -38.92 27.03 -2.50
N THR A 66 -39.14 26.17 -3.48
CA THR A 66 -40.48 25.82 -3.93
C THR A 66 -41.01 24.66 -3.11
N GLY A 67 -42.22 24.84 -2.55
CA GLY A 67 -42.86 23.83 -1.74
C GLY A 67 -43.96 23.10 -2.51
N TYR A 68 -44.51 22.08 -1.85
CA TYR A 68 -45.57 21.29 -2.42
C TYR A 68 -46.39 20.68 -1.30
N ARG A 69 -47.64 20.32 -1.63
CA ARG A 69 -48.52 19.63 -0.70
C ARG A 69 -49.72 19.13 -1.48
N ALA A 70 -50.10 17.87 -1.24
CA ALA A 70 -51.20 17.24 -1.96
C ALA A 70 -52.00 16.38 -1.00
N GLN A 71 -53.33 16.54 -1.03
CA GLN A 71 -54.25 15.73 -0.27
C GLN A 71 -55.07 14.94 -1.28
N HIS A 72 -54.74 13.65 -1.43
CA HIS A 72 -55.39 12.83 -2.45
C HIS A 72 -56.88 12.73 -2.20
N ASN A 73 -57.29 12.58 -0.94
CA ASN A 73 -58.69 12.47 -0.58
C ASN A 73 -58.81 12.59 0.93
N ASP A 74 -59.96 13.06 1.39
CA ASP A 74 -60.23 13.18 2.82
C ASP A 74 -61.63 12.72 3.17
N SER A 75 -62.26 11.89 2.33
CA SER A 75 -63.61 11.41 2.63
C SER A 75 -63.60 10.57 3.90
N VAL A 76 -62.60 9.72 4.08
CA VAL A 76 -62.53 8.87 5.27
C VAL A 76 -62.36 9.73 6.51
N GLY A 77 -61.48 10.73 6.45
CA GLY A 77 -61.20 11.57 7.59
C GLY A 77 -59.96 12.40 7.38
N PRO A 78 -59.16 12.63 8.44
CA PRO A 78 -57.97 13.47 8.28
C PRO A 78 -56.97 12.85 7.33
N THR A 79 -56.23 13.72 6.65
CA THR A 79 -55.25 13.28 5.67
C THR A 79 -53.90 13.06 6.34
N LYS A 80 -53.00 12.40 5.60
CA LYS A 80 -51.68 12.08 6.12
C LYS A 80 -50.71 11.97 4.96
N GLY A 81 -49.44 12.22 5.24
CA GLY A 81 -48.41 12.10 4.23
C GLY A 81 -47.07 12.51 4.79
N GLY A 82 -46.03 12.04 4.12
CA GLY A 82 -44.66 12.35 4.49
C GLY A 82 -44.18 13.64 3.86
N ILE A 83 -42.88 13.89 4.01
CA ILE A 83 -42.24 15.06 3.43
C ILE A 83 -40.80 14.71 3.08
N ARG A 84 -40.44 14.89 1.81
CA ARG A 84 -39.10 14.55 1.32
C ARG A 84 -38.41 15.81 0.85
N PHE A 85 -37.20 16.06 1.36
CA PHE A 85 -36.38 17.17 0.91
C PHE A 85 -35.50 16.76 -0.26
N HIS A 86 -36.12 16.17 -1.28
CA HIS A 86 -35.40 15.59 -2.40
C HIS A 86 -35.25 16.65 -3.48
N PRO A 87 -34.04 16.93 -3.99
CA PRO A 87 -33.89 18.08 -4.90
C PRO A 87 -34.60 17.91 -6.24
N ASN A 88 -35.14 16.73 -6.55
CA ASN A 88 -35.82 16.49 -7.82
C ASN A 88 -37.32 16.23 -7.61
N VAL A 89 -37.87 16.66 -6.48
CA VAL A 89 -39.29 16.48 -6.23
C VAL A 89 -40.09 17.36 -7.19
N THR A 90 -41.13 16.78 -7.79
CA THR A 90 -41.98 17.49 -8.74
C THR A 90 -43.43 17.16 -8.46
N GLU A 91 -44.32 17.89 -9.13
CA GLU A 91 -45.76 17.74 -8.89
C GLU A 91 -46.22 16.33 -9.25
N LYS A 92 -45.73 15.79 -10.36
CA LYS A 92 -46.14 14.44 -10.76
C LYS A 92 -45.76 13.41 -9.69
N GLU A 93 -44.52 13.49 -9.21
CA GLU A 93 -44.08 12.58 -8.16
C GLU A 93 -44.89 12.77 -6.89
N VAL A 94 -45.20 14.02 -6.54
CA VAL A 94 -45.95 14.28 -5.32
C VAL A 94 -47.34 13.65 -5.42
N LYS A 95 -48.01 13.83 -6.55
CA LYS A 95 -49.34 13.25 -6.71
C LYS A 95 -49.28 11.73 -6.70
N ALA A 96 -48.29 11.15 -7.37
CA ALA A 96 -48.16 9.69 -7.39
C ALA A 96 -47.95 9.15 -5.97
N LEU A 97 -47.07 9.82 -5.20
CA LEU A 97 -46.84 9.39 -3.83
C LEU A 97 -48.06 9.57 -2.96
N SER A 98 -48.85 10.62 -3.20
CA SER A 98 -50.09 10.80 -2.46
C SER A 98 -51.04 9.64 -2.72
N ILE A 99 -51.20 9.26 -3.98
CA ILE A 99 -52.08 8.13 -4.31
C ILE A 99 -51.54 6.86 -3.68
N TRP A 100 -50.22 6.67 -3.71
CA TRP A 100 -49.61 5.47 -3.15
C TRP A 100 -49.85 5.40 -1.64
N MET A 101 -49.71 6.53 -0.95
CA MET A 101 -49.96 6.56 0.49
C MET A 101 -51.44 6.30 0.78
N SER A 102 -52.33 6.81 -0.06
CA SER A 102 -53.75 6.52 0.10
C SER A 102 -54.01 5.02 -0.05
N LEU A 103 -53.35 4.39 -1.01
CA LEU A 103 -53.48 2.94 -1.16
C LEU A 103 -52.98 2.21 0.08
N LYS A 104 -51.85 2.64 0.63
CA LYS A 104 -51.34 2.05 1.86
C LYS A 104 -52.38 2.16 2.98
N CYS A 105 -52.94 3.35 3.16
CA CYS A 105 -53.92 3.55 4.22
C CYS A 105 -55.14 2.67 4.01
N GLY A 106 -55.63 2.60 2.78
CA GLY A 106 -56.78 1.74 2.49
C GLY A 106 -56.48 0.28 2.79
N ILE A 107 -55.29 -0.18 2.42
CA ILE A 107 -54.92 -1.58 2.66
C ILE A 107 -54.89 -1.86 4.16
N ILE A 108 -54.27 -0.95 4.94
CA ILE A 108 -54.16 -1.18 6.37
C ILE A 108 -55.46 -0.87 7.12
N ASP A 109 -56.45 -0.29 6.44
CA ASP A 109 -57.74 0.02 7.06
C ASP A 109 -57.57 1.04 8.18
N LEU A 110 -57.00 2.19 7.83
CA LEU A 110 -56.81 3.31 8.73
C LEU A 110 -57.82 4.40 8.42
N PRO A 111 -58.04 5.35 9.34
CA PRO A 111 -58.97 6.44 9.05
C PRO A 111 -58.35 7.57 8.24
N TYR A 112 -57.19 7.31 7.64
CA TYR A 112 -56.49 8.30 6.84
C TYR A 112 -56.95 8.23 5.39
N GLY A 113 -56.85 9.37 4.70
CA GLY A 113 -57.17 9.43 3.29
C GLY A 113 -55.95 9.30 2.41
N GLY A 114 -54.90 10.04 2.73
CA GLY A 114 -53.66 9.99 1.99
C GLY A 114 -53.17 11.37 1.55
N GLY A 115 -51.86 11.51 1.36
CA GLY A 115 -51.30 12.76 0.94
C GLY A 115 -49.79 12.69 0.92
N LYS A 116 -49.19 13.82 0.55
CA LYS A 116 -47.74 13.91 0.48
C LYS A 116 -47.34 15.37 0.32
N GLY A 117 -46.19 15.71 0.91
CA GLY A 117 -45.60 17.02 0.75
C GLY A 117 -44.13 16.89 0.35
N GLY A 118 -43.54 18.03 0.00
CA GLY A 118 -42.15 18.04 -0.38
C GLY A 118 -41.65 19.46 -0.59
N ILE A 119 -40.32 19.58 -0.60
CA ILE A 119 -39.66 20.85 -0.82
C ILE A 119 -38.49 20.61 -1.77
N VAL A 120 -38.29 21.57 -2.68
CA VAL A 120 -37.21 21.50 -3.65
C VAL A 120 -36.00 22.17 -3.00
N CYS A 121 -35.09 21.35 -2.49
CA CYS A 121 -33.90 21.86 -1.82
C CYS A 121 -32.84 20.76 -1.82
N ASP A 122 -31.69 21.06 -1.22
CA ASP A 122 -30.57 20.12 -1.13
C ASP A 122 -30.08 20.07 0.31
N PRO A 123 -30.55 19.11 1.10
CA PRO A 123 -30.04 19.00 2.47
C PRO A 123 -28.54 18.83 2.56
N ARG A 124 -27.90 18.34 1.49
CA ARG A 124 -26.45 18.17 1.52
C ARG A 124 -25.74 19.51 1.72
N ASP A 125 -25.97 20.47 0.81
CA ASP A 125 -25.32 21.77 0.98
C ASP A 125 -26.03 22.62 2.03
N MET A 126 -27.26 22.28 2.38
CA MET A 126 -27.97 23.04 3.40
C MET A 126 -27.34 22.79 4.77
N SER A 127 -27.41 23.80 5.65
CA SER A 127 -26.81 23.74 6.97
C SER A 127 -27.88 23.51 8.04
N PHE A 128 -27.44 23.41 9.29
CA PHE A 128 -28.34 23.07 10.38
C PHE A 128 -29.37 24.17 10.63
N ARG A 129 -28.90 25.37 10.99
CA ARG A 129 -29.81 26.47 11.23
C ARG A 129 -30.63 26.80 9.99
N GLU A 130 -30.03 26.64 8.80
CA GLU A 130 -30.75 26.91 7.58
C GLU A 130 -31.88 25.90 7.36
N LEU A 131 -31.65 24.62 7.69
CA LEU A 131 -32.74 23.65 7.65
C LEU A 131 -33.83 23.99 8.65
N GLU A 132 -33.43 24.43 9.85
CA GLU A 132 -34.42 24.86 10.84
C GLU A 132 -35.30 25.96 10.27
N ARG A 133 -34.68 26.99 9.70
CA ARG A 133 -35.45 28.09 9.14
C ARG A 133 -36.29 27.64 7.96
N LEU A 134 -35.77 26.72 7.14
CA LEU A 134 -36.53 26.22 6.00
C LEU A 134 -37.80 25.52 6.46
N SER A 135 -37.68 24.62 7.43
CA SER A 135 -38.87 23.92 7.92
C SER A 135 -39.85 24.91 8.54
N ARG A 136 -39.33 25.89 9.28
CA ARG A 136 -40.24 26.83 9.93
C ARG A 136 -40.97 27.68 8.90
N GLY A 137 -40.28 28.13 7.86
CA GLY A 137 -40.94 28.86 6.80
C GLY A 137 -41.95 28.01 6.06
N TYR A 138 -41.66 26.72 5.89
CA TYR A 138 -42.61 25.81 5.25
C TYR A 138 -43.91 25.74 6.04
N VAL A 139 -43.81 25.61 7.36
CA VAL A 139 -45.02 25.55 8.18
C VAL A 139 -45.75 26.89 8.16
N ARG A 140 -45.02 28.00 8.32
CA ARG A 140 -45.68 29.30 8.21
C ARG A 140 -46.39 29.47 6.87
N ALA A 141 -45.85 28.87 5.81
CA ALA A 141 -46.49 28.96 4.50
C ALA A 141 -47.78 28.15 4.45
N ILE A 142 -47.73 26.88 4.88
CA ILE A 142 -48.86 25.98 4.67
C ILE A 142 -49.67 25.76 5.94
N SER A 143 -49.61 26.71 6.88
CA SER A 143 -50.36 26.55 8.12
C SER A 143 -51.87 26.62 7.92
N GLN A 144 -52.33 27.20 6.82
CA GLN A 144 -53.77 27.43 6.67
C GLN A 144 -54.53 26.13 6.44
N ILE A 145 -54.04 25.27 5.56
CA ILE A 145 -54.74 24.05 5.17
C ILE A 145 -54.23 22.83 5.94
N VAL A 146 -53.56 23.04 7.07
CA VAL A 146 -52.94 21.97 7.84
C VAL A 146 -53.38 22.11 9.29
N GLY A 147 -53.86 21.01 9.87
CA GLY A 147 -54.29 21.01 11.25
C GLY A 147 -54.63 19.62 11.74
N PRO A 148 -54.94 19.49 13.02
CA PRO A 148 -55.18 18.15 13.60
C PRO A 148 -56.28 17.38 12.89
N THR A 149 -57.32 18.04 12.40
CA THR A 149 -58.42 17.39 11.70
C THR A 149 -58.35 17.57 10.19
N LYS A 150 -57.23 18.09 9.67
CA LYS A 150 -57.08 18.33 8.24
C LYS A 150 -55.83 17.67 7.65
N ASP A 151 -54.71 17.67 8.38
CA ASP A 151 -53.48 17.11 7.85
C ASP A 151 -52.60 16.68 9.00
N VAL A 152 -51.66 15.77 8.71
CA VAL A 152 -50.76 15.21 9.71
C VAL A 152 -49.43 14.86 9.04
N PRO A 153 -48.42 15.72 9.10
CA PRO A 153 -47.11 15.36 8.54
C PRO A 153 -46.51 14.16 9.26
N ALA A 154 -45.49 13.58 8.63
CA ALA A 154 -44.85 12.38 9.15
C ALA A 154 -43.44 12.31 8.58
N PRO A 155 -42.56 11.52 9.18
CA PRO A 155 -41.17 11.47 8.69
C PRO A 155 -41.06 10.73 7.38
N ASP A 156 -40.06 11.11 6.60
CA ASP A 156 -39.84 10.52 5.28
C ASP A 156 -38.40 10.76 4.87
N VAL A 157 -38.11 10.56 3.58
CA VAL A 157 -36.77 10.75 3.04
C VAL A 157 -36.23 12.13 3.41
N PHE A 158 -34.97 12.17 3.83
CA PHE A 158 -34.32 13.40 4.30
C PHE A 158 -35.17 14.11 5.35
N THR A 159 -35.70 13.33 6.29
CA THR A 159 -36.50 13.91 7.36
C THR A 159 -36.52 12.94 8.54
N ASN A 160 -36.56 13.49 9.75
CA ASN A 160 -36.39 12.70 10.96
C ASN A 160 -36.90 13.48 12.17
N SER A 161 -36.53 13.00 13.36
CA SER A 161 -37.18 13.45 14.60
C SER A 161 -36.93 14.93 14.86
N GLN A 162 -35.75 15.44 14.53
CA GLN A 162 -35.48 16.85 14.80
C GLN A 162 -36.40 17.75 13.98
N ILE A 163 -36.60 17.42 12.71
CA ILE A 163 -37.49 18.20 11.87
C ILE A 163 -38.93 18.06 12.34
N MET A 164 -39.32 16.84 12.75
CA MET A 164 -40.65 16.67 13.35
C MET A 164 -40.83 17.56 14.58
N ALA A 165 -39.81 17.63 15.43
CA ALA A 165 -39.91 18.42 16.66
C ALA A 165 -40.00 19.91 16.33
N TRP A 166 -39.22 20.39 15.37
CA TRP A 166 -39.32 21.79 14.98
C TRP A 166 -40.71 22.11 14.45
N MET A 167 -41.25 21.22 13.61
CA MET A 167 -42.59 21.42 13.06
C MET A 167 -43.64 21.45 14.18
N MET A 168 -43.52 20.54 15.14
CA MET A 168 -44.45 20.53 16.27
C MET A 168 -44.35 21.83 17.06
N ASP A 169 -43.12 22.26 17.35
CA ASP A 169 -42.93 23.47 18.13
C ASP A 169 -43.59 24.67 17.45
N GLU A 170 -43.41 24.76 16.13
CA GLU A 170 -43.96 25.91 15.44
C GLU A 170 -45.48 25.86 15.37
N TYR A 171 -46.04 24.67 15.14
CA TYR A 171 -47.50 24.60 15.10
C TYR A 171 -48.09 24.92 16.47
N SER A 172 -47.39 24.53 17.54
CA SER A 172 -47.80 24.97 18.87
C SER A 172 -47.77 26.49 18.97
N ARG A 173 -46.71 27.11 18.43
CA ARG A 173 -46.62 28.56 18.48
C ARG A 173 -47.77 29.23 17.73
N ILE A 174 -48.06 28.73 16.52
CA ILE A 174 -49.06 29.40 15.68
C ILE A 174 -50.47 29.16 16.19
N ASP A 175 -50.77 27.99 16.73
CA ASP A 175 -52.10 27.70 17.24
C ASP A 175 -52.29 28.13 18.69
N GLU A 176 -51.22 28.52 19.38
CA GLU A 176 -51.29 29.09 20.72
C GLU A 176 -51.61 28.05 21.79
N PHE A 177 -51.77 26.78 21.39
CA PHE A 177 -52.00 25.70 22.34
C PHE A 177 -51.25 24.46 21.88
N ASN A 178 -50.84 23.65 22.85
CA ASN A 178 -50.07 22.45 22.57
C ASN A 178 -50.89 21.47 21.73
N SER A 179 -50.27 20.94 20.68
CA SER A 179 -50.89 19.93 19.82
C SER A 179 -49.86 18.85 19.51
N PRO A 180 -49.51 18.02 20.51
CA PRO A 180 -48.56 16.93 20.23
C PRO A 180 -49.05 15.97 19.17
N GLY A 181 -50.36 15.74 19.08
CA GLY A 181 -50.90 14.87 18.05
C GLY A 181 -50.95 15.48 16.67
N PHE A 182 -50.56 16.75 16.54
CA PHE A 182 -50.55 17.39 15.23
C PHE A 182 -49.62 16.68 14.26
N ILE A 183 -48.45 16.25 14.73
CA ILE A 183 -47.43 15.67 13.88
C ILE A 183 -46.87 14.42 14.55
N THR A 184 -46.63 13.38 13.76
CA THR A 184 -46.14 12.11 14.24
C THR A 184 -44.62 12.06 14.13
N GLY A 185 -44.05 10.92 14.54
CA GLY A 185 -42.62 10.72 14.45
C GLY A 185 -41.80 11.68 15.29
N LYS A 186 -42.31 12.09 16.44
CA LYS A 186 -41.62 13.01 17.31
C LYS A 186 -40.62 12.26 18.20
N PRO A 187 -39.68 12.96 18.83
CA PRO A 187 -38.79 12.29 19.77
C PRO A 187 -39.56 11.72 20.95
N LEU A 188 -38.92 10.77 21.63
CA LEU A 188 -39.57 10.08 22.74
C LEU A 188 -39.95 11.07 23.85
N VAL A 189 -39.04 11.99 24.18
CA VAL A 189 -39.30 12.93 25.26
C VAL A 189 -40.45 13.87 24.89
N LEU A 190 -40.52 14.26 23.62
CA LEU A 190 -41.59 15.15 23.17
C LEU A 190 -42.96 14.48 23.16
N GLY A 191 -43.02 13.15 23.32
CA GLY A 191 -44.27 12.44 23.30
C GLY A 191 -44.35 11.43 22.17
N GLY A 192 -43.21 10.86 21.80
CA GLY A 192 -43.18 9.86 20.75
C GLY A 192 -43.65 8.51 21.25
N SER A 193 -43.66 7.54 20.33
CA SER A 193 -44.08 6.19 20.61
C SER A 193 -42.89 5.24 20.51
N HIS A 194 -42.84 4.27 21.42
CA HIS A 194 -41.75 3.32 21.43
C HIS A 194 -41.85 2.38 20.23
N GLY A 195 -40.69 1.84 19.82
CA GLY A 195 -40.64 0.95 18.70
C GLY A 195 -40.77 1.61 17.35
N ARG A 196 -40.51 2.93 17.27
CA ARG A 196 -40.63 3.64 16.00
C ARG A 196 -39.61 3.17 14.97
N GLU A 197 -38.54 2.51 15.40
CA GLU A 197 -37.48 2.09 14.49
C GLU A 197 -37.64 0.67 13.98
N SER A 198 -38.33 -0.20 14.74
CA SER A 198 -38.49 -1.60 14.37
C SER A 198 -39.87 -1.90 13.79
N ALA A 199 -40.63 -0.87 13.40
CA ALA A 199 -41.98 -1.09 12.91
C ALA A 199 -41.98 -1.90 11.62
N THR A 200 -41.11 -1.54 10.67
CA THR A 200 -41.06 -2.28 9.41
C THR A 200 -40.63 -3.72 9.64
N ALA A 201 -39.63 -3.93 10.51
CA ALA A 201 -39.18 -5.27 10.82
C ALA A 201 -40.29 -6.09 11.44
N LYS A 202 -41.04 -5.51 12.38
CA LYS A 202 -42.14 -6.23 13.00
C LYS A 202 -43.22 -6.57 11.98
N GLY A 203 -43.53 -5.64 11.09
CA GLY A 203 -44.54 -5.90 10.08
C GLY A 203 -44.13 -7.04 9.16
N VAL A 204 -42.88 -7.02 8.69
CA VAL A 204 -42.43 -8.10 7.81
C VAL A 204 -42.35 -9.41 8.57
N THR A 205 -42.02 -9.37 9.86
CA THR A 205 -41.99 -10.59 10.66
C THR A 205 -43.38 -11.21 10.76
N ILE A 206 -44.39 -10.38 11.04
CA ILE A 206 -45.75 -10.91 11.09
C ILE A 206 -46.15 -11.46 9.74
N CYS A 207 -45.84 -10.73 8.66
CA CYS A 207 -46.27 -11.17 7.34
C CYS A 207 -45.61 -12.47 6.93
N ILE A 208 -44.31 -12.62 7.19
CA ILE A 208 -43.61 -13.85 6.87
C ILE A 208 -44.16 -15.02 7.70
N LYS A 209 -44.43 -14.77 8.99
CA LYS A 209 -45.00 -15.82 9.82
C LYS A 209 -46.35 -16.29 9.26
N GLU A 210 -47.23 -15.34 8.94
CA GLU A 210 -48.55 -15.71 8.44
C GLU A 210 -48.47 -16.40 7.08
N ALA A 211 -47.58 -15.92 6.21
CA ALA A 211 -47.43 -16.55 4.90
C ALA A 211 -46.94 -17.99 5.04
N ALA A 212 -45.96 -18.21 5.92
CA ALA A 212 -45.48 -19.57 6.16
C ALA A 212 -46.59 -20.45 6.72
N LYS A 213 -47.39 -19.91 7.65
CA LYS A 213 -48.49 -20.68 8.19
C LYS A 213 -49.49 -21.06 7.12
N LYS A 214 -49.81 -20.11 6.22
CA LYS A 214 -50.82 -20.39 5.20
C LYS A 214 -50.30 -21.36 4.16
N ARG A 215 -49.02 -21.27 3.80
CA ARG A 215 -48.44 -22.16 2.81
C ARG A 215 -47.97 -23.49 3.40
N GLY A 216 -48.05 -23.65 4.72
CA GLY A 216 -47.69 -24.90 5.35
C GLY A 216 -46.22 -25.05 5.69
N ILE A 217 -45.39 -24.06 5.33
CA ILE A 217 -43.97 -24.12 5.65
C ILE A 217 -43.81 -23.86 7.14
N ASP A 218 -43.20 -24.81 7.85
CA ASP A 218 -42.97 -24.65 9.28
C ASP A 218 -41.93 -23.56 9.51
N ILE A 219 -42.26 -22.61 10.38
CA ILE A 219 -41.32 -21.53 10.67
C ILE A 219 -40.11 -22.07 11.40
N LYS A 220 -40.29 -23.06 12.26
CA LYS A 220 -39.19 -23.68 12.98
C LYS A 220 -38.24 -24.36 11.99
N GLY A 221 -37.00 -23.89 11.93
CA GLY A 221 -36.02 -24.43 11.02
C GLY A 221 -36.12 -23.91 9.60
N ALA A 222 -37.01 -22.96 9.33
CA ALA A 222 -37.16 -22.42 7.99
C ALA A 222 -35.90 -21.68 7.58
N ARG A 223 -35.44 -21.92 6.36
CA ARG A 223 -34.27 -21.24 5.84
C ARG A 223 -34.66 -19.85 5.32
N VAL A 224 -33.92 -18.83 5.76
CA VAL A 224 -34.23 -17.45 5.45
C VAL A 224 -32.99 -16.75 4.91
N VAL A 225 -33.21 -15.85 3.96
CA VAL A 225 -32.16 -15.02 3.39
C VAL A 225 -32.61 -13.56 3.49
N VAL A 226 -31.75 -12.69 4.02
CA VAL A 226 -32.06 -11.28 4.23
C VAL A 226 -30.94 -10.48 3.59
N GLN A 227 -31.15 -10.05 2.35
CA GLN A 227 -30.18 -9.20 1.65
C GLN A 227 -30.55 -7.74 1.88
N GLY A 228 -29.58 -6.96 2.35
CA GLY A 228 -29.83 -5.60 2.81
C GLY A 228 -29.93 -5.58 4.31
N PHE A 229 -28.86 -5.15 4.98
CA PHE A 229 -28.71 -5.29 6.42
C PHE A 229 -28.73 -3.93 7.13
N GLY A 230 -29.64 -3.06 6.73
CA GLY A 230 -29.86 -1.82 7.45
C GLY A 230 -30.58 -2.09 8.76
N ASN A 231 -31.27 -1.09 9.30
CA ASN A 231 -32.03 -1.31 10.52
C ASN A 231 -33.12 -2.34 10.30
N ALA A 232 -33.80 -2.28 9.15
CA ALA A 232 -34.86 -3.25 8.86
C ALA A 232 -34.30 -4.67 8.82
N GLY A 233 -33.20 -4.87 8.10
CA GLY A 233 -32.62 -6.19 8.02
C GLY A 233 -32.13 -6.70 9.36
N SER A 234 -31.47 -5.83 10.13
CA SER A 234 -30.96 -6.25 11.43
C SER A 234 -32.09 -6.66 12.37
N TYR A 235 -33.12 -5.82 12.48
CA TYR A 235 -34.24 -6.14 13.36
C TYR A 235 -34.98 -7.38 12.88
N LEU A 236 -35.15 -7.53 11.56
CA LEU A 236 -35.81 -8.72 11.04
C LEU A 236 -35.03 -9.98 11.38
N ALA A 237 -33.70 -9.93 11.23
CA ALA A 237 -32.88 -11.09 11.58
C ALA A 237 -32.99 -11.41 13.06
N LYS A 238 -32.96 -10.37 13.91
CA LYS A 238 -33.08 -10.61 15.35
C LYS A 238 -34.43 -11.23 15.69
N PHE A 239 -35.50 -10.73 15.07
CA PHE A 239 -36.84 -11.27 15.34
C PHE A 239 -36.95 -12.72 14.86
N MET A 240 -36.39 -13.02 13.68
CA MET A 240 -36.41 -14.39 13.19
C MET A 240 -35.66 -15.32 14.12
N HIS A 241 -34.48 -14.88 14.59
CA HIS A 241 -33.72 -15.70 15.52
C HIS A 241 -34.48 -15.92 16.81
N ASP A 242 -35.12 -14.88 17.33
CA ASP A 242 -35.92 -15.04 18.55
C ASP A 242 -37.06 -16.02 18.33
N ALA A 243 -37.74 -15.91 17.18
CA ALA A 243 -38.87 -16.79 16.90
C ALA A 243 -38.42 -18.24 16.79
N GLY A 244 -37.30 -18.50 16.11
CA GLY A 244 -36.79 -19.85 15.98
C GLY A 244 -36.25 -20.16 14.60
N ALA A 245 -36.71 -19.44 13.59
CA ALA A 245 -36.26 -19.68 12.23
C ALA A 245 -34.77 -19.37 12.10
N LYS A 246 -34.07 -20.20 11.34
CA LYS A 246 -32.64 -20.04 11.13
C LYS A 246 -32.38 -19.16 9.92
N VAL A 247 -31.38 -18.29 10.04
CA VAL A 247 -30.96 -17.40 8.96
C VAL A 247 -29.76 -18.04 8.28
N VAL A 248 -29.84 -18.21 6.96
CA VAL A 248 -28.79 -18.87 6.20
C VAL A 248 -28.25 -17.92 5.13
N GLY A 249 -28.29 -16.61 5.42
CA GLY A 249 -27.72 -15.65 4.50
C GLY A 249 -27.99 -14.21 4.89
N ILE A 250 -26.96 -13.38 4.82
CA ILE A 250 -27.06 -11.95 5.05
C ILE A 250 -26.19 -11.24 4.03
N SER A 251 -26.60 -10.04 3.63
CA SER A 251 -25.81 -9.25 2.70
C SER A 251 -25.96 -7.77 3.04
N ASP A 252 -24.98 -6.99 2.62
CA ASP A 252 -24.93 -5.57 2.90
C ASP A 252 -24.21 -4.90 1.73
N ALA A 253 -23.80 -3.64 1.91
CA ALA A 253 -23.11 -2.91 0.87
C ALA A 253 -21.73 -3.49 0.56
N TYR A 254 -21.18 -4.34 1.42
CA TYR A 254 -19.84 -4.87 1.25
C TYR A 254 -19.81 -6.36 0.93
N GLY A 255 -20.96 -6.97 0.62
CA GLY A 255 -21.04 -8.37 0.26
C GLY A 255 -22.04 -9.12 1.13
N GLY A 256 -21.76 -10.41 1.32
CA GLY A 256 -22.63 -11.25 2.10
C GLY A 256 -21.91 -12.46 2.63
N LEU A 257 -22.69 -13.41 3.17
CA LEU A 257 -22.16 -14.63 3.76
C LEU A 257 -23.05 -15.79 3.36
N TYR A 258 -22.71 -16.98 3.86
CA TYR A 258 -23.51 -18.18 3.60
C TYR A 258 -23.13 -19.30 4.56
N ASP A 259 -24.12 -19.84 5.28
CA ASP A 259 -23.90 -20.95 6.18
C ASP A 259 -25.21 -21.73 6.34
N PRO A 260 -25.32 -22.95 5.80
CA PRO A 260 -26.60 -23.66 5.87
C PRO A 260 -27.10 -23.96 7.28
N GLU A 261 -26.24 -23.89 8.30
CA GLU A 261 -26.63 -24.26 9.65
C GLU A 261 -26.53 -23.09 10.61
N GLY A 262 -27.03 -21.93 10.21
CA GLY A 262 -27.05 -20.76 11.06
C GLY A 262 -25.81 -19.89 10.88
N LEU A 263 -25.92 -18.66 11.40
CA LEU A 263 -24.84 -17.68 11.26
C LEU A 263 -24.59 -16.90 12.54
N ASP A 264 -25.12 -17.33 13.68
CA ASP A 264 -24.90 -16.64 14.96
C ASP A 264 -25.38 -15.19 14.86
N ILE A 265 -26.68 -15.04 14.67
CA ILE A 265 -27.27 -13.70 14.53
C ILE A 265 -26.96 -12.86 15.76
N ASP A 266 -26.88 -13.47 16.94
CA ASP A 266 -26.53 -12.71 18.14
C ASP A 266 -25.15 -12.08 17.99
N TYR A 267 -24.16 -12.86 17.54
CA TYR A 267 -22.82 -12.31 17.33
C TYR A 267 -22.81 -11.26 16.23
N LEU A 268 -23.55 -11.51 15.15
CA LEU A 268 -23.59 -10.54 14.06
C LEU A 268 -24.16 -9.20 14.52
N LEU A 269 -25.26 -9.24 15.30
CA LEU A 269 -25.82 -8.01 15.83
C LEU A 269 -24.91 -7.36 16.86
N ASP A 270 -24.20 -8.16 17.66
CA ASP A 270 -23.26 -7.58 18.63
C ASP A 270 -22.14 -6.83 17.91
N ARG A 271 -21.63 -7.39 16.82
CA ARG A 271 -20.58 -6.73 16.06
C ARG A 271 -21.12 -5.71 15.06
N ARG A 272 -22.45 -5.61 14.93
CA ARG A 272 -23.04 -4.65 14.00
C ARG A 272 -22.53 -3.24 14.27
N ASP A 273 -22.10 -2.57 13.22
CA ASP A 273 -21.58 -1.21 13.32
C ASP A 273 -22.71 -0.21 13.07
N SER A 274 -22.36 1.06 12.92
CA SER A 274 -23.38 2.09 12.69
C SER A 274 -24.11 1.86 11.37
N PHE A 275 -23.36 1.50 10.32
CA PHE A 275 -23.93 1.30 8.99
C PHE A 275 -24.56 -0.07 8.80
N GLY A 276 -24.31 -1.01 9.71
CA GLY A 276 -24.76 -2.37 9.52
C GLY A 276 -23.84 -3.24 8.70
N THR A 277 -22.67 -2.73 8.31
CA THR A 277 -21.71 -3.57 7.58
C THR A 277 -21.20 -4.68 8.48
N VAL A 278 -21.15 -5.89 7.93
CA VAL A 278 -20.74 -7.07 8.70
C VAL A 278 -19.68 -7.90 8.02
N THR A 279 -19.38 -7.69 6.74
CA THR A 279 -18.43 -8.55 6.04
C THR A 279 -17.04 -8.40 6.64
N LYS A 280 -16.29 -9.51 6.65
CA LYS A 280 -14.91 -9.49 7.09
C LYS A 280 -14.06 -8.65 6.13
N LEU A 281 -12.79 -8.49 6.47
CA LEU A 281 -11.86 -7.69 5.67
C LEU A 281 -11.10 -8.55 4.66
N PHE A 282 -10.40 -9.58 5.15
CA PHE A 282 -9.55 -10.42 4.32
C PHE A 282 -10.25 -11.70 3.88
N ASN A 283 -11.57 -11.67 3.72
CA ASN A 283 -12.35 -12.83 3.31
C ASN A 283 -13.18 -12.49 2.08
N ASP A 284 -13.25 -13.42 1.15
CA ASP A 284 -14.08 -13.23 -0.04
C ASP A 284 -15.56 -13.19 0.36
N THR A 285 -16.34 -12.45 -0.42
CA THR A 285 -17.76 -12.27 -0.17
C THR A 285 -18.56 -12.74 -1.38
N ILE A 286 -19.87 -12.88 -1.17
CA ILE A 286 -20.79 -13.36 -2.19
C ILE A 286 -21.64 -12.19 -2.66
N THR A 287 -21.66 -11.97 -3.97
CA THR A 287 -22.49 -10.92 -4.55
C THR A 287 -23.96 -11.27 -4.41
N ASN A 288 -24.81 -10.24 -4.40
CA ASN A 288 -26.24 -10.46 -4.24
C ASN A 288 -26.82 -11.29 -5.36
N GLN A 289 -26.24 -11.21 -6.56
CA GLN A 289 -26.76 -11.97 -7.69
C GLN A 289 -26.71 -13.47 -7.41
N GLU A 290 -25.56 -13.95 -6.92
CA GLU A 290 -25.46 -15.35 -6.53
C GLU A 290 -26.13 -15.63 -5.20
N LEU A 291 -26.24 -14.63 -4.32
CA LEU A 291 -26.94 -14.82 -3.06
C LEU A 291 -28.40 -15.18 -3.30
N LEU A 292 -29.03 -14.52 -4.28
CA LEU A 292 -30.44 -14.79 -4.57
C LEU A 292 -30.66 -16.25 -4.93
N GLU A 293 -29.68 -16.89 -5.56
CA GLU A 293 -29.82 -18.26 -6.02
C GLU A 293 -29.63 -19.29 -4.92
N LEU A 294 -29.12 -18.89 -3.76
CA LEU A 294 -28.86 -19.86 -2.69
C LEU A 294 -30.16 -20.50 -2.22
N ASP A 295 -30.07 -21.77 -1.83
CA ASP A 295 -31.24 -22.48 -1.34
C ASP A 295 -31.78 -21.83 -0.08
N CYS A 296 -33.11 -21.70 -0.01
CA CYS A 296 -33.78 -21.08 1.12
C CYS A 296 -35.29 -21.23 0.98
N ASP A 297 -36.00 -21.20 2.10
CA ASP A 297 -37.46 -21.29 2.06
C ASP A 297 -38.07 -19.94 1.74
N ILE A 298 -37.59 -18.88 2.40
CA ILE A 298 -38.13 -17.53 2.25
C ILE A 298 -37.00 -16.60 1.85
N LEU A 299 -37.27 -15.74 0.87
CA LEU A 299 -36.32 -14.74 0.39
C LEU A 299 -36.89 -13.36 0.67
N VAL A 300 -36.05 -12.46 1.17
CA VAL A 300 -36.50 -11.13 1.60
C VAL A 300 -35.64 -10.05 0.96
N PRO A 301 -35.89 -9.70 -0.31
CA PRO A 301 -35.14 -8.58 -0.91
C PRO A 301 -35.53 -7.24 -0.31
N ALA A 302 -34.61 -6.64 0.45
CA ALA A 302 -34.79 -5.33 1.06
C ALA A 302 -33.63 -4.42 0.69
N ALA A 303 -33.32 -4.37 -0.60
CA ALA A 303 -32.11 -3.73 -1.09
C ALA A 303 -32.48 -2.95 -2.36
N ILE A 304 -31.46 -2.60 -3.15
CA ILE A 304 -31.66 -1.78 -4.34
C ILE A 304 -32.78 -2.36 -5.18
N GLU A 305 -33.55 -1.48 -5.82
CA GLU A 305 -34.68 -1.90 -6.64
C GLU A 305 -34.19 -2.44 -7.98
N ASN A 306 -35.10 -3.10 -8.70
CA ASN A 306 -34.81 -3.72 -9.99
C ASN A 306 -33.70 -4.76 -9.85
N GLN A 307 -33.99 -5.78 -9.04
CA GLN A 307 -33.09 -6.92 -8.85
C GLN A 307 -33.66 -8.21 -9.41
N ILE A 308 -34.93 -8.51 -9.17
CA ILE A 308 -35.57 -9.71 -9.68
C ILE A 308 -36.08 -9.41 -11.08
N THR A 309 -35.53 -10.10 -12.08
CA THR A 309 -35.87 -9.87 -13.48
C THR A 309 -35.96 -11.24 -14.17
N GLU A 310 -36.00 -11.23 -15.49
CA GLU A 310 -36.20 -12.47 -16.23
C GLU A 310 -35.06 -13.45 -16.01
N GLU A 311 -33.81 -12.96 -16.03
CA GLU A 311 -32.67 -13.87 -15.95
C GLU A 311 -32.65 -14.64 -14.64
N ASN A 312 -32.92 -13.97 -13.52
CA ASN A 312 -32.88 -14.62 -12.21
C ASN A 312 -34.24 -15.17 -11.79
N ALA A 313 -35.29 -14.94 -12.56
CA ALA A 313 -36.59 -15.51 -12.21
C ALA A 313 -36.54 -17.03 -12.25
N HIS A 314 -35.87 -17.60 -13.25
CA HIS A 314 -35.72 -19.05 -13.33
C HIS A 314 -34.73 -19.60 -12.32
N ASN A 315 -33.91 -18.74 -11.71
CA ASN A 315 -32.93 -19.16 -10.71
C ASN A 315 -33.45 -19.04 -9.28
N ILE A 316 -34.44 -18.18 -9.04
CA ILE A 316 -35.00 -18.05 -7.71
C ILE A 316 -35.56 -19.40 -7.25
N ARG A 317 -35.41 -19.69 -5.96
CA ARG A 317 -35.81 -20.97 -5.39
C ARG A 317 -36.68 -20.85 -4.15
N ALA A 318 -36.80 -19.67 -3.55
CA ALA A 318 -37.57 -19.51 -2.33
C ALA A 318 -39.05 -19.72 -2.59
N LYS A 319 -39.73 -20.32 -1.61
CA LYS A 319 -41.17 -20.54 -1.71
C LYS A 319 -41.94 -19.24 -1.48
N ILE A 320 -41.44 -18.39 -0.59
CA ILE A 320 -42.09 -17.12 -0.24
C ILE A 320 -41.10 -16.01 -0.49
N VAL A 321 -41.54 -14.98 -1.23
CA VAL A 321 -40.72 -13.81 -1.51
C VAL A 321 -41.46 -12.59 -0.96
N VAL A 322 -40.78 -11.83 -0.11
CA VAL A 322 -41.36 -10.65 0.52
C VAL A 322 -40.59 -9.43 0.05
N GLU A 323 -41.30 -8.50 -0.59
CA GLU A 323 -40.68 -7.30 -1.15
C GLU A 323 -40.76 -6.15 -0.14
N ALA A 324 -39.90 -6.24 0.88
CA ALA A 324 -39.85 -5.19 1.89
C ALA A 324 -39.48 -3.85 1.28
N ALA A 325 -38.70 -3.86 0.19
CA ALA A 325 -38.33 -2.63 -0.49
C ALA A 325 -39.49 -2.15 -1.36
N ASN A 326 -39.26 -1.06 -2.09
CA ASN A 326 -40.28 -0.44 -2.93
C ASN A 326 -40.10 -0.93 -4.37
N GLY A 327 -40.96 -1.88 -4.77
CA GLY A 327 -40.97 -2.37 -6.12
C GLY A 327 -39.65 -2.97 -6.58
N PRO A 328 -39.03 -3.82 -5.76
CA PRO A 328 -37.75 -4.42 -6.17
C PRO A 328 -37.86 -5.29 -7.42
N THR A 329 -39.05 -5.83 -7.72
CA THR A 329 -39.24 -6.72 -8.85
C THR A 329 -39.83 -5.93 -10.02
N THR A 330 -40.16 -6.68 -11.09
CA THR A 330 -40.76 -6.11 -12.28
C THR A 330 -41.95 -6.98 -12.70
N LEU A 331 -42.67 -6.53 -13.72
CA LEU A 331 -43.85 -7.26 -14.17
C LEU A 331 -43.49 -8.64 -14.70
N GLU A 332 -42.39 -8.74 -15.47
CA GLU A 332 -41.99 -10.03 -16.00
C GLU A 332 -41.63 -11.00 -14.88
N GLY A 333 -40.87 -10.52 -13.90
CA GLY A 333 -40.54 -11.37 -12.77
C GLY A 333 -41.76 -11.79 -11.99
N THR A 334 -42.71 -10.88 -11.80
CA THR A 334 -43.95 -11.22 -11.12
C THR A 334 -44.72 -12.30 -11.87
N LYS A 335 -44.81 -12.16 -13.19
CA LYS A 335 -45.50 -13.18 -13.99
C LYS A 335 -44.81 -14.52 -13.89
N ILE A 336 -43.47 -14.53 -13.97
CA ILE A 336 -42.74 -15.79 -13.90
C ILE A 336 -42.94 -16.45 -12.54
N LEU A 337 -42.87 -15.66 -11.46
CA LEU A 337 -43.08 -16.21 -10.13
C LEU A 337 -44.49 -16.75 -9.98
N SER A 338 -45.48 -16.04 -10.50
CA SER A 338 -46.86 -16.52 -10.42
C SER A 338 -47.02 -17.83 -11.18
N ASP A 339 -46.41 -17.93 -12.35
CA ASP A 339 -46.46 -19.18 -13.11
C ASP A 339 -45.80 -20.31 -12.33
N ARG A 340 -44.66 -20.03 -11.70
CA ARG A 340 -43.97 -21.02 -10.89
C ARG A 340 -44.68 -21.31 -9.58
N ASP A 341 -45.72 -20.54 -9.24
CA ASP A 341 -46.49 -20.75 -8.01
C ASP A 341 -45.63 -20.45 -6.78
N ILE A 342 -45.00 -19.28 -6.78
CA ILE A 342 -44.21 -18.78 -5.67
C ILE A 342 -44.97 -17.61 -5.07
N LEU A 343 -45.31 -17.71 -3.79
CA LEU A 343 -46.06 -16.64 -3.13
C LEU A 343 -45.25 -15.35 -3.15
N LEU A 344 -45.89 -14.27 -3.57
CA LEU A 344 -45.25 -12.96 -3.68
C LEU A 344 -46.02 -11.97 -2.82
N VAL A 345 -45.39 -11.50 -1.75
CA VAL A 345 -46.01 -10.53 -0.84
C VAL A 345 -45.88 -9.15 -1.47
N PRO A 346 -46.98 -8.42 -1.70
CA PRO A 346 -46.84 -7.04 -2.19
C PRO A 346 -46.09 -6.15 -1.20
N ASP A 347 -45.32 -5.22 -1.77
CA ASP A 347 -44.58 -4.27 -0.93
C ASP A 347 -45.52 -3.37 -0.16
N VAL A 348 -46.69 -3.08 -0.72
CA VAL A 348 -47.65 -2.19 -0.06
C VAL A 348 -48.01 -2.75 1.32
N LEU A 349 -48.19 -4.06 1.42
CA LEU A 349 -48.47 -4.69 2.70
C LEU A 349 -47.21 -5.01 3.48
N ALA A 350 -46.11 -5.32 2.78
CA ALA A 350 -44.87 -5.67 3.49
C ALA A 350 -44.33 -4.49 4.29
N SER A 351 -44.35 -3.28 3.71
CA SER A 351 -43.70 -2.12 4.29
C SER A 351 -44.68 -1.13 4.91
N ALA A 352 -45.78 -1.61 5.48
CA ALA A 352 -46.76 -0.73 6.12
C ALA A 352 -46.53 -0.57 7.61
N GLY A 353 -45.47 -1.17 8.16
CA GLY A 353 -45.22 -1.03 9.58
C GLY A 353 -44.98 0.40 10.01
N GLY A 354 -44.27 1.17 9.18
CA GLY A 354 -44.04 2.57 9.51
C GLY A 354 -45.33 3.35 9.61
N VAL A 355 -46.23 3.16 8.64
CA VAL A 355 -47.52 3.84 8.67
C VAL A 355 -48.31 3.40 9.89
N THR A 356 -48.29 2.10 10.21
CA THR A 356 -49.06 1.61 11.34
C THR A 356 -48.55 2.20 12.65
N VAL A 357 -47.22 2.25 12.84
CA VAL A 357 -46.69 2.80 14.07
C VAL A 357 -46.94 4.30 14.15
N SER A 358 -46.89 4.99 13.00
CA SER A 358 -47.24 6.41 13.01
C SER A 358 -48.69 6.61 13.43
N TYR A 359 -49.59 5.77 12.94
CA TYR A 359 -50.99 5.84 13.35
C TYR A 359 -51.14 5.60 14.84
N PHE A 360 -50.41 4.61 15.37
CA PHE A 360 -50.48 4.35 16.81
C PHE A 360 -49.96 5.55 17.60
N GLU A 361 -48.89 6.18 17.11
CA GLU A 361 -48.36 7.37 17.78
C GLU A 361 -49.39 8.49 17.78
N TRP A 362 -50.08 8.69 16.65
CA TRP A 362 -51.11 9.72 16.59
C TRP A 362 -52.25 9.42 17.57
N VAL A 363 -52.67 8.15 17.64
CA VAL A 363 -53.73 7.77 18.57
C VAL A 363 -53.29 8.03 20.01
N GLN A 364 -52.04 7.68 20.33
CA GLN A 364 -51.54 7.91 21.68
C GLN A 364 -51.54 9.39 22.02
N ASN A 365 -51.08 10.24 21.09
CA ASN A 365 -51.09 11.67 21.35
C ASN A 365 -52.51 12.20 21.54
N ASN A 366 -53.43 11.76 20.68
CA ASN A 366 -54.81 12.24 20.80
C ASN A 366 -55.43 11.82 22.11
N GLN A 367 -55.16 10.58 22.55
CA GLN A 367 -55.70 10.11 23.82
C GLN A 367 -55.02 10.78 25.02
N GLY A 368 -53.79 11.23 24.86
CA GLY A 368 -53.04 11.82 25.95
C GLY A 368 -52.38 10.83 26.88
N PHE A 369 -52.53 9.53 26.62
CA PHE A 369 -51.92 8.48 27.43
C PHE A 369 -51.04 7.62 26.53
N TYR A 370 -49.88 7.25 27.03
CA TYR A 370 -48.87 6.54 26.25
C TYR A 370 -48.88 5.07 26.62
N TRP A 371 -48.90 4.21 25.60
CA TRP A 371 -48.89 2.77 25.80
C TRP A 371 -47.47 2.31 26.09
N SER A 372 -47.25 1.00 26.07
CA SER A 372 -45.94 0.41 26.31
C SER A 372 -45.54 -0.45 25.10
N GLU A 373 -44.31 -0.96 25.16
CA GLU A 373 -43.78 -1.75 24.06
C GLU A 373 -44.62 -2.99 23.82
N GLU A 374 -45.04 -3.68 24.88
CA GLU A 374 -45.82 -4.89 24.71
C GLU A 374 -47.17 -4.59 24.08
N GLU A 375 -47.83 -3.52 24.52
CA GLU A 375 -49.12 -3.15 23.96
C GLU A 375 -48.99 -2.78 22.49
N VAL A 376 -47.96 -2.00 22.15
CA VAL A 376 -47.74 -1.65 20.75
C VAL A 376 -47.48 -2.90 19.92
N GLU A 377 -46.67 -3.81 20.45
CA GLU A 377 -46.40 -5.08 19.78
C GLU A 377 -47.69 -5.83 19.47
N GLU A 378 -48.53 -5.99 20.49
CA GLU A 378 -49.75 -6.77 20.33
C GLU A 378 -50.69 -6.11 19.33
N LYS A 379 -50.88 -4.79 19.44
CA LYS A 379 -51.80 -4.12 18.53
C LYS A 379 -51.29 -4.17 17.10
N LEU A 380 -49.99 -3.94 16.91
CA LEU A 380 -49.43 -3.97 15.55
C LEU A 380 -49.56 -5.35 14.93
N GLU A 381 -49.25 -6.40 15.70
CA GLU A 381 -49.36 -7.75 15.14
C GLU A 381 -50.81 -8.09 14.83
N LYS A 382 -51.74 -7.67 15.69
CA LYS A 382 -53.16 -7.91 15.42
C LYS A 382 -53.59 -7.25 14.12
N MET A 383 -53.25 -5.96 13.94
CA MET A 383 -53.62 -5.26 12.73
C MET A 383 -53.01 -5.94 11.50
N MET A 384 -51.72 -6.28 11.58
CA MET A 384 -51.05 -6.86 10.42
C MET A 384 -51.64 -8.21 10.07
N VAL A 385 -51.88 -9.07 11.05
CA VAL A 385 -52.42 -10.39 10.76
C VAL A 385 -53.82 -10.27 10.19
N LYS A 386 -54.65 -9.39 10.73
CA LYS A 386 -55.99 -9.22 10.20
C LYS A 386 -55.95 -8.75 8.74
N SER A 387 -55.12 -7.75 8.45
CA SER A 387 -55.03 -7.24 7.08
C SER A 387 -54.53 -8.32 6.12
N PHE A 388 -53.49 -9.05 6.53
CA PHE A 388 -52.93 -10.07 5.65
C PHE A 388 -53.93 -11.19 5.40
N ASN A 389 -54.66 -11.61 6.44
CA ASN A 389 -55.66 -12.64 6.26
C ASN A 389 -56.76 -12.18 5.32
N ASN A 390 -57.21 -10.93 5.47
CA ASN A 390 -58.26 -10.41 4.60
C ASN A 390 -57.81 -10.41 3.14
N ILE A 391 -56.60 -9.88 2.89
CA ILE A 391 -56.13 -9.80 1.51
C ILE A 391 -55.90 -11.19 0.93
N TYR A 392 -55.37 -12.11 1.73
CA TYR A 392 -55.15 -13.48 1.26
C TYR A 392 -56.48 -14.14 0.89
N GLU A 393 -57.49 -13.97 1.75
CA GLU A 393 -58.80 -14.54 1.45
C GLU A 393 -59.37 -13.97 0.16
N MET A 394 -59.27 -12.65 -0.02
CA MET A 394 -59.82 -12.04 -1.22
C MET A 394 -59.06 -12.51 -2.46
N ALA A 395 -57.73 -12.61 -2.37
CA ALA A 395 -56.91 -13.01 -3.50
C ALA A 395 -57.12 -14.46 -3.87
N ASN A 396 -57.50 -15.31 -2.91
CA ASN A 396 -57.85 -16.69 -3.23
C ASN A 396 -59.29 -16.82 -3.72
N ASN A 397 -60.18 -15.96 -3.25
CA ASN A 397 -61.55 -15.96 -3.76
C ASN A 397 -61.59 -15.55 -5.22
N ARG A 398 -60.82 -14.53 -5.59
CA ARG A 398 -60.74 -14.06 -6.97
C ARG A 398 -59.41 -14.49 -7.57
N ARG A 399 -59.46 -15.12 -8.73
CA ARG A 399 -58.25 -15.62 -9.37
C ARG A 399 -57.43 -14.45 -9.92
N ILE A 400 -56.63 -13.83 -9.07
CA ILE A 400 -55.82 -12.68 -9.45
C ILE A 400 -54.48 -12.75 -8.73
N ASP A 401 -53.58 -11.82 -9.06
CA ASP A 401 -52.31 -11.70 -8.37
C ASP A 401 -52.47 -10.92 -7.07
N MET A 402 -51.57 -11.17 -6.12
CA MET A 402 -51.68 -10.52 -4.82
C MET A 402 -51.49 -9.02 -4.93
N ARG A 403 -50.70 -8.55 -5.90
CA ARG A 403 -50.59 -7.10 -6.11
C ARG A 403 -51.95 -6.52 -6.52
N LEU A 404 -52.63 -7.19 -7.45
CA LEU A 404 -53.96 -6.73 -7.85
C LEU A 404 -54.92 -6.77 -6.68
N ALA A 405 -54.85 -7.83 -5.86
CA ALA A 405 -55.72 -7.91 -4.69
C ALA A 405 -55.45 -6.76 -3.72
N ALA A 406 -54.17 -6.44 -3.49
CA ALA A 406 -53.83 -5.34 -2.60
C ALA A 406 -54.38 -4.03 -3.12
N TYR A 407 -54.16 -3.74 -4.41
CA TYR A 407 -54.66 -2.50 -4.98
C TYR A 407 -56.19 -2.43 -4.90
N MET A 408 -56.85 -3.54 -5.21
CA MET A 408 -58.30 -3.60 -5.18
C MET A 408 -58.84 -3.35 -3.77
N VAL A 409 -58.24 -4.01 -2.77
CA VAL A 409 -58.70 -3.84 -1.39
C VAL A 409 -58.47 -2.40 -0.96
N GLY A 410 -57.31 -1.83 -1.29
CA GLY A 410 -57.03 -0.47 -0.89
C GLY A 410 -58.02 0.52 -1.49
N VAL A 411 -58.35 0.35 -2.77
CA VAL A 411 -59.26 1.28 -3.41
C VAL A 411 -60.70 1.08 -2.98
N ARG A 412 -61.05 -0.13 -2.51
CA ARG A 412 -62.43 -0.40 -2.12
C ARG A 412 -62.92 0.58 -1.06
N LYS A 413 -62.16 0.74 0.02
CA LYS A 413 -62.61 1.58 1.13
C LYS A 413 -62.78 3.02 0.69
N MET A 414 -61.80 3.56 -0.05
CA MET A 414 -61.87 4.95 -0.48
C MET A 414 -63.08 5.17 -1.37
N ALA A 415 -63.27 4.29 -2.37
CA ALA A 415 -64.38 4.47 -3.29
C ALA A 415 -65.72 4.38 -2.55
N GLU A 416 -65.83 3.41 -1.63
CA GLU A 416 -67.10 3.19 -0.96
C GLU A 416 -67.42 4.35 -0.02
N ALA A 417 -66.40 4.87 0.66
CA ALA A 417 -66.60 6.04 1.52
C ALA A 417 -67.02 7.25 0.72
N SER A 418 -66.40 7.45 -0.45
CA SER A 418 -66.82 8.56 -1.30
C SER A 418 -68.27 8.39 -1.73
N ARG A 419 -68.67 7.17 -2.08
CA ARG A 419 -70.05 6.94 -2.48
C ARG A 419 -71.02 7.25 -1.34
N PHE A 420 -70.67 6.84 -0.11
CA PHE A 420 -71.50 7.21 1.03
C PHE A 420 -71.58 8.71 1.19
N ARG A 421 -70.43 9.40 1.17
CA ARG A 421 -70.45 10.84 1.41
C ARG A 421 -71.12 11.61 0.29
N GLY A 422 -71.35 10.98 -0.86
CA GLY A 422 -72.19 11.56 -1.88
C GLY A 422 -71.53 12.54 -2.81
N TRP A 423 -70.19 12.63 -2.82
CA TRP A 423 -69.51 13.47 -3.79
C TRP A 423 -69.76 13.02 -5.21
N ILE A 424 -70.19 11.77 -5.40
CA ILE A 424 -70.43 11.23 -6.73
C ILE A 424 -71.90 10.87 -6.89
N CYS B 22 19.31 -7.80 30.37
CA CYS B 22 18.07 -7.13 29.99
C CYS B 22 16.86 -7.99 30.32
N GLY B 23 15.86 -7.38 30.94
CA GLY B 23 14.65 -8.07 31.32
C GLY B 23 14.09 -7.50 32.61
N ILE B 24 13.28 -8.30 33.29
CA ILE B 24 12.66 -7.94 34.55
C ILE B 24 12.71 -9.14 35.49
N GLY B 25 12.21 -8.96 36.70
CA GLY B 25 12.21 -10.02 37.69
C GLY B 25 11.56 -9.58 38.99
N LEU B 26 11.01 -10.53 39.73
CA LEU B 26 10.45 -10.24 41.05
C LEU B 26 10.41 -11.53 41.86
N TYR B 27 10.68 -11.40 43.16
CA TYR B 27 10.75 -12.53 44.08
C TYR B 27 9.87 -12.18 45.28
N ALA B 28 8.57 -12.48 45.16
CA ALA B 28 7.58 -12.03 46.13
C ALA B 28 7.10 -13.18 46.99
N HIS B 29 6.88 -12.89 48.28
CA HIS B 29 6.31 -13.84 49.22
C HIS B 29 4.83 -13.55 49.34
N LEU B 30 4.00 -14.54 49.01
CA LEU B 30 2.58 -14.29 48.82
C LEU B 30 1.90 -13.92 50.14
N LYS B 31 2.15 -14.70 51.19
CA LYS B 31 1.46 -14.50 52.46
C LYS B 31 1.82 -13.19 53.15
N GLY B 32 2.88 -12.51 52.71
CA GLY B 32 3.26 -11.22 53.23
C GLY B 32 4.43 -11.22 54.20
N LYS B 33 4.88 -12.41 54.62
CA LYS B 33 6.01 -12.46 55.54
C LYS B 33 7.27 -11.91 54.87
N GLN B 34 8.11 -11.27 55.67
CA GLN B 34 9.24 -10.50 55.16
C GLN B 34 10.54 -11.03 55.74
N THR B 35 11.61 -10.90 54.95
CA THR B 35 12.96 -11.26 55.37
C THR B 35 13.94 -10.59 54.41
N HIS B 36 15.20 -10.52 54.82
CA HIS B 36 16.27 -10.00 53.96
C HIS B 36 16.66 -11.00 52.87
N ASP B 37 16.26 -12.27 53.01
CA ASP B 37 16.61 -13.29 52.04
C ASP B 37 16.02 -12.97 50.67
N ILE B 38 14.80 -12.43 50.64
CA ILE B 38 14.17 -12.15 49.36
C ILE B 38 14.91 -11.01 48.64
N VAL B 39 15.37 -10.01 49.39
CA VAL B 39 16.14 -8.93 48.77
C VAL B 39 17.45 -9.46 48.23
N LYS B 40 18.14 -10.29 49.02
CA LYS B 40 19.41 -10.86 48.55
C LYS B 40 19.18 -11.73 47.31
N GLN B 41 18.10 -12.51 47.29
CA GLN B 41 17.81 -13.34 46.13
C GLN B 41 17.46 -12.49 44.92
N GLY B 42 16.79 -11.36 45.13
CA GLY B 42 16.52 -10.45 44.02
C GLY B 42 17.81 -9.88 43.44
N LEU B 43 18.75 -9.51 44.30
CA LEU B 43 20.04 -9.04 43.80
C LEU B 43 20.77 -10.14 43.04
N LYS B 44 20.73 -11.37 43.53
CA LYS B 44 21.32 -12.48 42.81
C LYS B 44 20.63 -12.68 41.46
N MET B 45 19.31 -12.54 41.43
CA MET B 45 18.56 -12.66 40.18
C MET B 45 19.00 -11.61 39.17
N LEU B 46 19.19 -10.37 39.64
CA LEU B 46 19.69 -9.32 38.77
C LEU B 46 21.08 -9.65 38.24
N CYS B 47 21.95 -10.16 39.12
CA CYS B 47 23.30 -10.53 38.68
C CYS B 47 23.25 -11.58 37.59
N GLN B 48 22.39 -12.59 37.76
CA GLN B 48 22.25 -13.62 36.73
C GLN B 48 21.68 -13.05 35.45
N LEU B 49 20.69 -12.16 35.55
CA LEU B 49 20.11 -11.52 34.37
C LEU B 49 21.11 -10.65 33.64
N ASP B 50 22.18 -10.22 34.32
CA ASP B 50 23.14 -9.31 33.70
C ASP B 50 23.67 -9.83 32.37
N HIS B 51 23.84 -11.15 32.24
CA HIS B 51 24.57 -11.71 31.11
C HIS B 51 23.89 -11.39 29.77
N ARG B 52 22.58 -11.12 29.78
CA ARG B 52 21.89 -10.90 28.52
C ARG B 52 22.41 -9.67 27.80
N GLY B 53 22.73 -8.62 28.53
CA GLY B 53 23.21 -7.38 27.91
C GLY B 53 24.58 -7.55 27.29
N GLY B 54 24.92 -6.59 26.45
CA GLY B 54 26.18 -6.56 25.72
C GLY B 54 27.24 -5.77 26.45
N GLN B 55 28.20 -5.26 25.68
CA GLN B 55 29.30 -4.47 26.20
C GLN B 55 29.30 -3.09 25.55
N GLY B 56 29.49 -2.06 26.37
CA GLY B 56 29.59 -0.70 25.88
C GLY B 56 31.02 -0.27 25.66
N SER B 57 31.37 0.94 26.12
CA SER B 57 32.75 1.40 26.02
C SER B 57 33.68 0.50 26.82
N ASP B 58 33.28 0.14 28.03
CA ASP B 58 34.01 -0.77 28.89
C ASP B 58 33.01 -1.65 29.63
N PRO B 59 33.42 -2.87 30.03
CA PRO B 59 32.48 -3.76 30.71
C PRO B 59 32.00 -3.26 32.05
N ASP B 60 32.71 -2.32 32.68
CA ASP B 60 32.33 -1.84 34.01
C ASP B 60 31.12 -0.93 33.97
N THR B 61 30.90 -0.22 32.86
CA THR B 61 29.81 0.74 32.79
C THR B 61 28.46 0.05 32.96
N GLY B 62 27.56 0.69 33.71
CA GLY B 62 26.23 0.17 33.91
C GLY B 62 25.22 0.81 32.98
N ASP B 63 24.67 0.03 32.06
CA ASP B 63 23.69 0.54 31.12
C ASP B 63 22.38 0.95 31.79
N GLY B 64 22.16 0.53 33.04
CA GLY B 64 20.96 0.90 33.77
C GLY B 64 20.32 -0.27 34.47
N ALA B 65 20.14 -0.13 35.78
CA ALA B 65 19.52 -1.18 36.59
C ALA B 65 19.04 -0.56 37.88
N GLY B 66 18.07 -1.23 38.51
CA GLY B 66 17.52 -0.74 39.76
C GLY B 66 16.65 -1.79 40.42
N LEU B 67 16.32 -1.54 41.69
CA LEU B 67 15.58 -2.48 42.50
C LEU B 67 14.49 -1.74 43.28
N LEU B 68 13.37 -2.42 43.51
CA LEU B 68 12.21 -1.85 44.17
C LEU B 68 11.81 -2.73 45.34
N VAL B 69 11.42 -2.11 46.46
CA VAL B 69 11.02 -2.81 47.68
C VAL B 69 9.88 -2.05 48.33
N GLN B 70 9.34 -2.64 49.39
CA GLN B 70 8.43 -1.93 50.29
C GLN B 70 9.23 -1.08 51.27
N ILE B 71 8.53 -0.20 51.96
CA ILE B 71 9.19 0.74 52.87
C ILE B 71 9.80 -0.03 54.02
N PRO B 72 11.14 0.04 54.24
CA PRO B 72 11.76 -0.64 55.41
C PRO B 72 11.70 0.18 56.70
N ASP B 73 10.54 0.10 57.37
CA ASP B 73 10.35 0.86 58.59
C ASP B 73 11.34 0.44 59.67
N ALA B 74 11.63 -0.85 59.77
CA ALA B 74 12.57 -1.33 60.78
C ALA B 74 13.94 -0.67 60.58
N PHE B 75 14.47 -0.71 59.35
CA PHE B 75 15.76 -0.10 59.09
C PHE B 75 15.72 1.40 59.32
N PHE B 76 14.64 2.07 58.88
CA PHE B 76 14.56 3.51 59.06
C PHE B 76 14.59 3.88 60.54
N ARG B 77 13.79 3.19 61.35
CA ARG B 77 13.77 3.47 62.78
C ARG B 77 15.10 3.14 63.42
N LYS B 78 15.80 2.12 62.93
CA LYS B 78 17.08 1.75 63.52
C LYS B 78 18.17 2.76 63.16
N GLU B 79 18.11 3.32 61.96
CA GLU B 79 19.23 4.09 61.41
C GLU B 79 19.08 5.60 61.55
N CYS B 80 17.90 6.15 61.25
CA CYS B 80 17.75 7.60 61.22
C CYS B 80 18.05 8.21 62.58
N LYS B 81 17.42 7.70 63.63
CA LYS B 81 17.64 8.08 65.02
C LYS B 81 17.23 9.51 65.34
N ASN B 82 16.69 10.27 64.37
CA ASN B 82 16.25 11.64 64.65
C ASN B 82 14.96 11.97 63.91
N ILE B 83 14.12 10.97 63.66
CA ILE B 83 12.77 11.16 63.15
C ILE B 83 11.82 10.31 63.98
N ASN B 84 10.74 10.94 64.48
CA ASN B 84 9.70 10.22 65.20
C ASN B 84 8.73 9.61 64.20
N LEU B 85 9.15 8.49 63.62
CA LEU B 85 8.41 7.87 62.54
C LEU B 85 7.06 7.36 63.03
N PRO B 86 5.93 7.80 62.44
CA PRO B 86 4.63 7.24 62.83
C PRO B 86 4.43 5.83 62.30
N GLU B 87 3.20 5.32 62.42
CA GLU B 87 2.91 3.92 62.11
C GLU B 87 3.17 3.61 60.63
N LYS B 88 2.95 2.35 60.27
CA LYS B 88 3.37 1.84 58.96
C LYS B 88 2.79 2.66 57.82
N GLU B 89 1.48 2.86 57.81
CA GLU B 89 0.79 3.42 56.64
C GLU B 89 0.65 4.93 56.68
N ARG B 90 1.03 5.58 57.78
CA ARG B 90 0.73 7.00 57.98
C ARG B 90 1.90 7.92 57.68
N TYR B 91 2.82 7.52 56.81
CA TYR B 91 3.83 8.46 56.32
C TYR B 91 4.40 7.94 55.01
N GLY B 92 5.12 8.81 54.32
CA GLY B 92 5.71 8.46 53.04
C GLY B 92 7.19 8.78 53.02
N VAL B 93 7.89 8.14 52.09
CA VAL B 93 9.33 8.29 51.93
C VAL B 93 9.60 8.74 50.50
N GLY B 94 10.44 9.76 50.35
CA GLY B 94 10.81 10.29 49.06
C GLY B 94 12.26 9.97 48.74
N MET B 95 12.59 9.99 47.45
CA MET B 95 13.94 9.76 46.96
C MET B 95 14.22 10.77 45.86
N VAL B 96 15.24 11.61 46.06
CA VAL B 96 15.53 12.72 45.16
C VAL B 96 16.97 12.62 44.71
N PHE B 97 17.21 12.93 43.43
CA PHE B 97 18.54 13.00 42.86
C PHE B 97 18.92 14.45 42.65
N PHE B 98 20.07 14.84 43.19
CA PHE B 98 20.58 16.20 43.09
C PHE B 98 21.91 16.21 42.35
N SER B 99 22.24 17.37 41.78
CA SER B 99 23.54 17.56 41.18
C SER B 99 24.61 17.65 42.26
N GLN B 100 25.87 17.78 41.84
CA GLN B 100 26.97 17.83 42.79
C GLN B 100 27.01 19.15 43.55
N LYS B 101 26.43 20.21 42.99
CA LYS B 101 26.48 21.51 43.64
C LYS B 101 25.56 21.54 44.86
N GLU B 102 25.70 22.59 45.67
CA GLU B 102 25.04 22.69 46.97
C GLU B 102 24.09 23.87 47.07
N ASP B 103 24.37 24.98 46.39
CA ASP B 103 23.47 26.14 46.47
C ASP B 103 22.10 25.79 45.91
N GLU B 104 22.06 25.22 44.69
CA GLU B 104 20.79 24.80 44.14
C GLU B 104 20.18 23.67 44.97
N ARG B 105 21.03 22.83 45.56
CA ARG B 105 20.54 21.75 46.42
C ARG B 105 19.72 22.31 47.57
N LYS B 106 20.28 23.26 48.31
CA LYS B 106 19.59 23.78 49.47
C LYS B 106 18.44 24.69 49.08
N LYS B 107 18.54 25.38 47.94
CA LYS B 107 17.40 26.14 47.45
C LYS B 107 16.22 25.24 47.17
N ILE B 108 16.46 24.11 46.48
CA ILE B 108 15.39 23.17 46.18
C ILE B 108 14.87 22.53 47.46
N GLU B 109 15.76 22.28 48.41
CA GLU B 109 15.32 21.72 49.69
C GLU B 109 14.36 22.66 50.40
N LYS B 110 14.71 23.94 50.48
CA LYS B 110 13.82 24.92 51.09
C LYS B 110 12.51 25.00 50.33
N GLN B 111 12.56 24.99 49.00
CA GLN B 111 11.34 25.12 48.21
C GLN B 111 10.43 23.92 48.40
N ILE B 112 11.00 22.71 48.47
CA ILE B 112 10.19 21.52 48.72
C ILE B 112 9.57 21.56 50.11
N ASN B 113 10.33 22.02 51.11
CA ASN B 113 9.74 22.17 52.43
C ASN B 113 8.58 23.16 52.39
N ALA B 114 8.73 24.24 51.63
CA ALA B 114 7.65 25.21 51.50
C ALA B 114 6.42 24.60 50.83
N LEU B 115 6.64 23.80 49.78
CA LEU B 115 5.52 23.12 49.14
C LEU B 115 4.79 22.24 50.14
N ILE B 116 5.53 21.44 50.91
CA ILE B 116 4.89 20.54 51.87
C ILE B 116 4.12 21.35 52.90
N GLU B 117 4.73 22.42 53.42
CA GLU B 117 4.08 23.21 54.45
C GLU B 117 2.79 23.85 53.94
N GLN B 118 2.82 24.42 52.73
CA GLN B 118 1.61 25.04 52.20
C GLN B 118 0.54 24.00 51.91
N GLU B 119 0.93 22.83 51.39
CA GLU B 119 -0.03 21.75 51.23
C GLU B 119 -0.55 21.24 52.57
N GLY B 120 0.12 21.55 53.67
CA GLY B 120 -0.37 21.27 55.00
C GLY B 120 0.27 20.09 55.68
N GLN B 121 0.93 19.21 54.94
CA GLN B 121 1.64 18.10 55.55
C GLN B 121 2.89 18.62 56.26
N VAL B 122 3.30 17.91 57.31
CA VAL B 122 4.45 18.28 58.12
C VAL B 122 5.64 17.46 57.66
N VAL B 123 6.76 18.15 57.39
CA VAL B 123 7.98 17.46 56.99
C VAL B 123 8.66 16.91 58.24
N LEU B 124 8.91 15.61 58.25
CA LEU B 124 9.56 14.99 59.41
C LEU B 124 11.04 15.34 59.47
N GLY B 125 11.71 15.35 58.31
CA GLY B 125 13.13 15.65 58.28
C GLY B 125 13.72 15.30 56.94
N TRP B 126 15.04 15.21 56.91
CA TRP B 126 15.78 14.88 55.69
C TRP B 126 16.94 13.96 56.05
N ARG B 127 17.37 13.17 55.07
CA ARG B 127 18.43 12.20 55.28
C ARG B 127 19.27 12.09 54.02
N THR B 128 20.53 11.71 54.20
CA THR B 128 21.48 11.49 53.11
C THR B 128 21.84 10.02 53.07
N VAL B 129 21.72 9.40 51.90
CA VAL B 129 22.04 7.99 51.73
C VAL B 129 23.55 7.84 51.58
N PRO B 130 24.24 7.10 52.44
CA PRO B 130 25.66 6.82 52.17
C PRO B 130 25.82 6.02 50.89
N VAL B 131 26.91 6.30 50.17
CA VAL B 131 27.16 5.68 48.88
C VAL B 131 28.64 5.39 48.76
N ASN B 132 28.96 4.33 48.01
CA ASN B 132 30.34 3.93 47.73
C ASN B 132 30.63 4.30 46.28
N VAL B 133 31.20 5.49 46.07
CA VAL B 133 31.41 6.00 44.72
C VAL B 133 32.47 5.16 44.00
N GLY B 134 33.50 4.72 44.73
CA GLY B 134 34.61 4.03 44.10
C GLY B 134 34.27 2.70 43.47
N LYS B 135 33.09 2.15 43.75
CA LYS B 135 32.68 0.86 43.23
C LYS B 135 31.99 0.96 41.87
N ILE B 136 32.23 2.03 41.13
CA ILE B 136 31.48 2.34 39.91
C ILE B 136 32.44 2.68 38.79
N GLY B 137 31.99 2.49 37.56
CA GLY B 137 32.78 2.81 36.39
C GLY B 137 33.01 4.30 36.26
N THR B 138 33.88 4.65 35.31
CA THR B 138 34.37 6.02 35.20
C THR B 138 33.25 6.99 34.82
N VAL B 139 32.46 6.65 33.80
CA VAL B 139 31.43 7.57 33.34
C VAL B 139 30.37 7.78 34.41
N ALA B 140 29.94 6.69 35.06
CA ALA B 140 28.93 6.82 36.09
C ALA B 140 29.48 7.52 37.33
N GLN B 141 30.77 7.37 37.61
CA GLN B 141 31.39 8.15 38.68
C GLN B 141 31.38 9.64 38.35
N LYS B 142 31.69 9.98 37.10
CA LYS B 142 31.68 11.37 36.69
C LYS B 142 30.28 11.96 36.79
N SER B 143 29.27 11.20 36.40
CA SER B 143 27.88 11.66 36.40
C SER B 143 27.17 11.39 37.73
N CYS B 144 27.89 10.86 38.73
CA CYS B 144 27.30 10.48 40.01
C CYS B 144 26.50 11.61 40.64
N PRO B 145 25.18 11.49 40.76
CA PRO B 145 24.40 12.51 41.44
C PRO B 145 24.26 12.22 42.93
N PHE B 146 23.89 13.27 43.67
CA PHE B 146 23.73 13.17 45.10
C PHE B 146 22.33 12.63 45.42
N VAL B 147 22.20 11.94 46.56
CA VAL B 147 20.94 11.33 46.95
C VAL B 147 20.56 11.80 48.34
N ARG B 148 19.29 12.19 48.50
CA ARG B 148 18.71 12.49 49.80
C ARG B 148 17.29 11.92 49.84
N GLN B 149 16.93 11.32 50.97
CA GLN B 149 15.59 10.81 51.19
C GLN B 149 14.83 11.78 52.10
N VAL B 150 13.61 12.11 51.71
CA VAL B 150 12.77 13.06 52.45
C VAL B 150 11.59 12.30 53.04
N PHE B 151 11.31 12.58 54.31
CA PHE B 151 10.21 11.96 55.03
C PHE B 151 9.04 12.94 55.11
N ILE B 152 7.84 12.44 54.77
CA ILE B 152 6.63 13.25 54.75
C ILE B 152 5.73 12.84 55.89
N GLY B 153 5.00 13.82 56.44
CA GLY B 153 4.08 13.58 57.52
C GLY B 153 2.65 13.44 57.00
N ALA B 154 1.77 13.02 57.91
CA ALA B 154 0.35 12.82 57.62
C ALA B 154 -0.47 13.63 58.60
N SER B 155 -1.43 14.40 58.07
CA SER B 155 -2.33 15.18 58.89
C SER B 155 -3.55 14.35 59.28
N SER B 156 -4.21 14.77 60.36
CA SER B 156 -5.35 14.00 60.86
C SER B 156 -6.49 13.96 59.86
N ASP B 157 -6.60 14.96 58.99
CA ASP B 157 -7.68 14.97 58.01
C ASP B 157 -7.55 13.80 57.05
N LEU B 158 -6.32 13.40 56.74
CA LEU B 158 -6.07 12.33 55.77
C LEU B 158 -6.40 10.99 56.42
N LYS B 159 -7.69 10.65 56.40
CA LYS B 159 -8.12 9.38 56.99
C LYS B 159 -7.61 8.19 56.17
N ASP B 160 -7.60 8.31 54.85
CA ASP B 160 -7.36 7.17 53.97
C ASP B 160 -6.00 7.29 53.28
N ASN B 161 -5.27 6.17 53.24
CA ASN B 161 -3.97 6.15 52.59
C ASN B 161 -4.09 6.50 51.11
N LEU B 162 -5.24 6.23 50.50
CA LEU B 162 -5.44 6.65 49.11
C LEU B 162 -5.40 8.17 48.99
N SER B 163 -6.07 8.88 49.90
CA SER B 163 -5.99 10.33 49.92
C SER B 163 -4.57 10.79 50.21
N PHE B 164 -3.87 10.08 51.10
CA PHE B 164 -2.49 10.44 51.40
C PHE B 164 -1.63 10.34 50.16
N GLU B 165 -1.78 9.25 49.40
CA GLU B 165 -1.03 9.08 48.17
C GLU B 165 -1.39 10.14 47.14
N ARG B 166 -2.68 10.50 47.09
CA ARG B 166 -3.10 11.58 46.19
C ARG B 166 -2.39 12.88 46.53
N LYS B 167 -2.33 13.22 47.82
CA LYS B 167 -1.65 14.45 48.22
C LYS B 167 -0.15 14.39 47.91
N LEU B 168 0.47 13.23 48.15
CA LEU B 168 1.89 13.08 47.83
C LEU B 168 2.12 13.26 46.33
N TYR B 169 1.25 12.68 45.50
CA TYR B 169 1.38 12.86 44.06
C TYR B 169 1.21 14.32 43.66
N VAL B 170 0.27 15.02 44.31
CA VAL B 170 0.10 16.44 44.06
C VAL B 170 1.38 17.19 44.37
N ILE B 171 1.98 16.90 45.52
CA ILE B 171 3.22 17.57 45.91
C ILE B 171 4.32 17.30 44.89
N ARG B 172 4.45 16.03 44.48
CA ARG B 172 5.52 15.68 43.54
C ARG B 172 5.33 16.40 42.21
N LYS B 173 4.09 16.43 41.70
CA LYS B 173 3.86 17.08 40.43
C LYS B 173 4.08 18.59 40.51
N GLN B 174 3.66 19.21 41.61
CA GLN B 174 3.93 20.64 41.79
C GLN B 174 5.43 20.92 41.83
N ALA B 175 6.18 20.08 42.54
CA ALA B 175 7.63 20.26 42.61
C ALA B 175 8.26 20.09 41.24
N GLU B 176 7.81 19.10 40.46
CA GLU B 176 8.34 18.91 39.12
C GLU B 176 8.04 20.11 38.23
N ASN B 177 6.81 20.63 38.32
CA ASN B 177 6.46 21.82 37.54
C ASN B 177 7.36 22.99 37.89
N TRP B 178 7.56 23.23 39.19
CA TRP B 178 8.41 24.34 39.60
C TRP B 178 9.85 24.13 39.12
N GLY B 179 10.34 22.89 39.19
CA GLY B 179 11.69 22.62 38.74
C GLY B 179 11.87 22.87 37.26
N VAL B 180 10.91 22.42 36.44
CA VAL B 180 11.03 22.62 35.01
C VAL B 180 10.91 24.10 34.67
N THR B 181 10.06 24.84 35.40
CA THR B 181 9.96 26.27 35.19
C THR B 181 11.28 26.96 35.52
N GLU B 182 11.92 26.55 36.60
CA GLU B 182 13.21 27.16 36.97
C GLU B 182 14.31 26.77 35.99
N GLY B 183 14.22 25.59 35.38
CA GLY B 183 15.24 25.10 34.50
C GLY B 183 16.33 24.28 35.17
N LEU B 184 16.23 24.06 36.48
CA LEU B 184 17.21 23.24 37.19
C LEU B 184 17.12 21.80 36.70
N ASP B 185 18.04 20.97 37.21
CA ASP B 185 18.13 19.56 36.83
C ASP B 185 18.06 18.71 38.09
N PHE B 186 16.86 18.21 38.41
CA PHE B 186 16.68 17.29 39.51
C PHE B 186 15.45 16.44 39.22
N TYR B 187 15.38 15.28 39.87
CA TYR B 187 14.36 14.29 39.56
C TYR B 187 13.89 13.61 40.84
N PHE B 188 12.58 13.32 40.90
CA PHE B 188 11.99 12.53 41.97
C PHE B 188 11.98 11.07 41.54
N ALA B 189 12.85 10.27 42.14
CA ALA B 189 12.88 8.85 41.83
C ALA B 189 11.54 8.19 42.21
N SER B 190 11.01 8.53 43.38
CA SER B 190 9.74 8.00 43.82
C SER B 190 9.29 8.74 45.07
N LEU B 191 7.98 8.86 45.23
CA LEU B 191 7.39 9.48 46.43
C LEU B 191 6.08 8.75 46.70
N SER B 192 6.15 7.74 47.57
CA SER B 192 4.98 6.93 47.89
C SER B 192 5.17 6.34 49.27
N SER B 193 4.06 5.86 49.83
CA SER B 193 4.05 5.32 51.19
C SER B 193 4.27 3.81 51.24
N GLN B 194 4.44 3.15 50.09
CA GLN B 194 4.63 1.71 50.05
C GLN B 194 5.73 1.26 49.10
N THR B 195 6.38 2.17 48.39
CA THR B 195 7.42 1.80 47.43
C THR B 195 8.57 2.79 47.51
N ILE B 196 9.79 2.26 47.56
CA ILE B 196 11.02 3.05 47.48
C ILE B 196 11.91 2.39 46.45
N VAL B 197 12.45 3.20 45.53
CA VAL B 197 13.14 2.70 44.35
C VAL B 197 14.60 3.12 44.38
N TYR B 198 15.48 2.17 44.07
CA TYR B 198 16.89 2.41 43.87
C TYR B 198 17.23 2.09 42.42
N LYS B 199 18.01 2.95 41.76
CA LYS B 199 18.33 2.76 40.36
C LYS B 199 19.53 3.63 40.01
N GLY B 200 20.08 3.38 38.82
CA GLY B 200 21.19 4.16 38.33
C GLY B 200 21.94 3.43 37.24
N LEU B 201 23.03 4.06 36.79
CA LEU B 201 23.92 3.47 35.79
C LEU B 201 24.89 2.52 36.47
N LEU B 202 24.34 1.42 36.96
CA LEU B 202 25.10 0.45 37.75
C LEU B 202 24.87 -0.95 37.21
N THR B 203 25.94 -1.75 37.21
CA THR B 203 25.78 -3.17 37.01
C THR B 203 25.25 -3.80 38.30
N PRO B 204 24.55 -4.93 38.20
CA PRO B 204 23.97 -5.51 39.42
C PRO B 204 25.00 -5.86 40.47
N GLU B 205 26.18 -6.34 40.07
CA GLU B 205 27.25 -6.57 41.03
C GLU B 205 27.74 -5.28 41.66
N GLN B 206 27.50 -4.14 41.01
CA GLN B 206 27.90 -2.85 41.55
C GLN B 206 26.83 -2.20 42.40
N VAL B 207 25.55 -2.56 42.20
CA VAL B 207 24.47 -1.89 42.91
C VAL B 207 24.57 -2.13 44.41
N ASP B 208 24.83 -3.38 44.80
CA ASP B 208 24.92 -3.70 46.23
C ASP B 208 26.05 -2.93 46.89
N ALA B 209 27.21 -2.85 46.24
CA ALA B 209 28.33 -2.10 46.80
C ALA B 209 28.01 -0.62 46.86
N PHE B 210 27.42 -0.06 45.81
CA PHE B 210 27.15 1.37 45.78
C PHE B 210 26.15 1.76 46.87
N TYR B 211 25.01 1.09 46.92
CA TYR B 211 24.00 1.38 47.93
C TYR B 211 24.29 0.51 49.15
N SER B 212 25.16 1.05 50.02
CA SER B 212 25.54 0.32 51.23
C SER B 212 24.34 0.04 52.13
N ASP B 213 23.25 0.80 51.96
CA ASP B 213 22.04 0.53 52.73
C ASP B 213 21.55 -0.90 52.47
N LEU B 214 21.62 -1.36 51.22
CA LEU B 214 21.13 -2.69 50.89
C LEU B 214 21.88 -3.79 51.66
N GLN B 215 23.11 -3.53 52.07
CA GLN B 215 23.90 -4.54 52.77
C GLN B 215 23.47 -4.76 54.21
N ASP B 216 22.73 -3.82 54.80
CA ASP B 216 22.30 -3.98 56.18
C ASP B 216 21.29 -5.13 56.29
N GLU B 217 21.33 -5.82 57.44
CA GLU B 217 20.45 -6.94 57.70
C GLU B 217 19.16 -6.53 58.39
N ALA B 218 18.74 -5.27 58.22
CA ALA B 218 17.51 -4.78 58.83
C ALA B 218 16.34 -4.69 57.88
N PHE B 219 16.58 -4.70 56.57
CA PHE B 219 15.49 -4.63 55.60
C PHE B 219 14.54 -5.82 55.76
N VAL B 220 13.24 -5.52 55.74
CA VAL B 220 12.21 -6.53 55.69
C VAL B 220 11.17 -6.08 54.67
N SER B 221 11.00 -6.85 53.60
CA SER B 221 10.09 -6.52 52.52
C SER B 221 9.25 -7.74 52.17
N ALA B 222 8.16 -7.50 51.45
CA ALA B 222 7.29 -8.57 50.98
C ALA B 222 7.68 -9.03 49.58
N PHE B 223 7.95 -8.08 48.69
CA PHE B 223 8.34 -8.37 47.31
C PHE B 223 9.55 -7.52 46.95
N ALA B 224 10.21 -7.91 45.85
CA ALA B 224 11.38 -7.18 45.39
C ALA B 224 11.41 -7.25 43.86
N LEU B 225 10.84 -6.23 43.22
CA LEU B 225 10.94 -6.12 41.77
C LEU B 225 12.32 -5.63 41.36
N VAL B 226 12.73 -6.01 40.16
CA VAL B 226 14.02 -5.57 39.62
C VAL B 226 13.90 -5.35 38.12
N HIS B 227 14.97 -4.86 37.50
CA HIS B 227 15.00 -4.65 36.06
C HIS B 227 16.43 -4.27 35.66
N SER B 228 16.80 -4.69 34.46
CA SER B 228 18.07 -4.30 33.86
C SER B 228 17.80 -3.76 32.46
N ARG B 229 18.35 -2.59 32.16
CA ARG B 229 18.15 -1.96 30.86
C ARG B 229 19.28 -2.34 29.91
N PHE B 230 19.05 -2.09 28.62
CA PHE B 230 20.05 -2.31 27.58
C PHE B 230 20.71 -1.04 27.10
N SER B 231 20.02 0.10 27.19
CA SER B 231 20.59 1.40 26.82
C SER B 231 21.07 1.40 25.36
N THR B 232 20.08 1.31 24.46
CA THR B 232 20.35 1.32 23.03
C THR B 232 21.45 2.30 22.64
N ASN B 233 21.39 3.52 23.18
CA ASN B 233 22.46 4.48 23.01
C ASN B 233 23.45 4.36 24.17
N THR B 234 24.68 4.80 23.91
CA THR B 234 25.77 4.69 24.87
C THR B 234 25.81 5.89 25.83
N PHE B 235 24.86 6.80 25.73
CA PHE B 235 24.82 8.01 26.55
C PHE B 235 23.48 8.06 27.29
N PRO B 236 23.30 7.22 28.30
CA PRO B 236 22.11 7.33 29.15
C PRO B 236 22.34 8.24 30.34
N THR B 237 21.24 8.52 31.05
CA THR B 237 21.25 9.35 32.25
C THR B 237 20.62 8.59 33.41
N TRP B 238 20.98 9.00 34.62
CA TRP B 238 20.49 8.31 35.81
C TRP B 238 18.97 8.34 35.88
N GLU B 239 18.36 9.42 35.41
CA GLU B 239 16.91 9.55 35.53
C GLU B 239 16.18 8.57 34.63
N ARG B 240 16.67 8.39 33.39
CA ARG B 240 15.95 7.58 32.42
C ARG B 240 15.87 6.12 32.85
N ALA B 241 16.93 5.59 33.43
CA ALA B 241 16.98 4.18 33.81
C ALA B 241 15.85 3.86 34.78
N HIS B 242 15.15 2.77 34.51
CA HIS B 242 14.07 2.28 35.37
C HIS B 242 14.52 1.02 36.09
N PRO B 243 13.74 0.50 37.06
CA PRO B 243 12.35 0.72 37.49
C PRO B 243 11.94 2.17 37.67
N ASN B 244 10.78 2.50 37.14
CA ASN B 244 10.20 3.83 37.29
C ASN B 244 9.52 3.93 38.65
N ARG B 245 8.67 4.93 38.83
CA ARG B 245 8.08 5.18 40.15
C ARG B 245 7.26 3.98 40.62
N TYR B 246 6.50 3.37 39.71
CA TYR B 246 5.63 2.26 40.08
C TYR B 246 5.95 0.97 39.33
N LEU B 247 6.08 1.01 38.01
CA LEU B 247 6.11 -0.20 37.20
C LEU B 247 7.46 -0.37 36.51
N VAL B 248 7.74 -1.61 36.13
CA VAL B 248 8.92 -1.96 35.33
C VAL B 248 8.45 -2.32 33.93
N HIS B 249 9.14 -1.82 32.91
CA HIS B 249 8.70 -1.89 31.54
C HIS B 249 9.73 -2.60 30.68
N ASN B 250 9.25 -3.33 29.67
CA ASN B 250 10.09 -4.02 28.70
C ASN B 250 9.68 -3.61 27.29
N GLY B 251 10.66 -3.61 26.39
CA GLY B 251 10.38 -3.31 24.99
C GLY B 251 10.22 -1.83 24.73
N GLU B 252 9.53 -1.54 23.63
CA GLU B 252 9.31 -0.17 23.18
C GLU B 252 7.86 0.01 22.76
N ILE B 253 7.40 1.26 22.83
CA ILE B 253 6.06 1.64 22.41
C ILE B 253 6.18 2.39 21.09
N ASN B 254 5.50 1.89 20.06
CA ASN B 254 5.51 2.51 18.75
C ASN B 254 4.47 3.62 18.59
N THR B 255 3.62 3.82 19.58
CA THR B 255 2.68 4.94 19.61
C THR B 255 3.05 5.76 20.83
N LEU B 256 3.96 6.71 20.65
CA LEU B 256 4.42 7.58 21.73
C LEU B 256 4.42 9.05 21.30
N ARG B 257 3.94 9.33 20.09
CA ARG B 257 3.77 10.69 19.63
C ARG B 257 2.28 11.00 19.59
N GLY B 258 1.52 10.16 18.88
CA GLY B 258 0.07 10.24 18.96
C GLY B 258 -0.44 10.01 20.37
N ASN B 259 0.20 9.11 21.11
CA ASN B 259 -0.15 8.92 22.51
C ASN B 259 -0.08 10.24 23.28
N ILE B 260 1.05 10.93 23.16
CA ILE B 260 1.26 12.17 23.90
C ILE B 260 0.31 13.24 23.41
N ASN B 261 0.06 13.29 22.09
CA ASN B 261 -0.88 14.28 21.56
C ASN B 261 -2.28 14.08 22.11
N TRP B 262 -2.78 12.84 22.07
CA TRP B 262 -4.11 12.56 22.60
C TRP B 262 -4.18 12.86 24.09
N MET B 263 -3.15 12.47 24.84
CA MET B 263 -3.17 12.71 26.27
C MET B 263 -3.14 14.20 26.58
N ARG B 264 -2.35 14.98 25.86
CA ARG B 264 -2.34 16.42 26.05
C ARG B 264 -3.69 17.02 25.68
N ALA B 265 -4.34 16.50 24.65
CA ALA B 265 -5.66 17.00 24.28
C ALA B 265 -6.66 16.77 25.40
N ARG B 266 -6.71 15.55 25.92
CA ARG B 266 -7.64 15.24 27.01
C ARG B 266 -7.23 15.92 28.32
N GLU B 267 -5.99 16.38 28.41
CA GLU B 267 -5.52 17.05 29.62
C GLU B 267 -6.39 18.26 29.96
N GLN B 268 -6.66 19.11 28.97
CA GLN B 268 -7.41 20.33 29.25
C GLN B 268 -8.84 20.03 29.67
N GLN B 269 -9.35 18.83 29.38
CA GLN B 269 -10.75 18.50 29.60
C GLN B 269 -10.98 17.52 30.75
N PHE B 270 -9.92 16.94 31.32
CA PHE B 270 -10.12 16.11 32.52
C PHE B 270 -10.79 16.92 33.63
N VAL B 271 -11.80 16.32 34.25
CA VAL B 271 -12.50 16.93 35.38
C VAL B 271 -12.97 15.81 36.30
N SER B 272 -12.78 15.99 37.60
CA SER B 272 -13.20 14.98 38.58
C SER B 272 -13.36 15.66 39.93
N GLU B 273 -13.81 14.87 40.91
CA GLU B 273 -14.04 15.36 42.27
C GLU B 273 -12.96 14.92 43.25
N SER B 274 -12.32 13.76 43.01
CA SER B 274 -11.30 13.30 43.93
C SER B 274 -10.13 14.26 43.99
N PHE B 275 -9.68 14.77 42.84
CA PHE B 275 -8.59 15.73 42.80
C PHE B 275 -9.04 17.14 43.13
N GLY B 276 -10.34 17.42 43.10
CA GLY B 276 -10.80 18.77 43.36
C GLY B 276 -10.21 19.74 42.35
N GLU B 277 -9.62 20.81 42.86
CA GLU B 277 -8.98 21.82 42.04
C GLU B 277 -7.51 21.50 41.76
N ASP B 278 -7.01 20.35 42.21
CA ASP B 278 -5.62 20.00 42.01
C ASP B 278 -5.28 19.70 40.55
N LEU B 279 -6.28 19.59 39.67
CA LEU B 279 -5.99 19.44 38.26
C LEU B 279 -5.23 20.65 37.72
N ASN B 280 -5.55 21.84 38.22
CA ASN B 280 -4.81 23.03 37.83
C ASN B 280 -3.35 22.92 38.21
N LYS B 281 -3.07 22.38 39.40
CA LYS B 281 -1.69 22.17 39.81
C LYS B 281 -1.02 21.09 38.97
N ILE B 282 -1.76 20.06 38.59
CA ILE B 282 -1.20 18.88 37.94
C ILE B 282 -1.44 18.93 36.42
N LEU B 283 -1.64 20.14 35.88
CA LEU B 283 -1.92 20.26 34.45
C LEU B 283 -0.92 19.52 33.57
N PRO B 284 0.40 19.68 33.73
CA PRO B 284 1.33 18.79 33.03
C PRO B 284 1.37 17.42 33.70
N ILE B 285 0.76 16.44 33.06
CA ILE B 285 0.58 15.12 33.65
C ILE B 285 1.66 14.15 33.16
N LEU B 286 2.40 14.53 32.12
CA LEU B 286 3.39 13.68 31.49
C LEU B 286 4.64 14.50 31.22
N ASN B 287 5.76 13.79 31.13
CA ASN B 287 7.05 14.40 30.82
C ASN B 287 7.26 14.33 29.31
N ALA B 288 7.27 15.49 28.66
CA ALA B 288 7.48 15.51 27.21
C ALA B 288 8.83 14.93 26.82
N ASP B 289 9.88 15.28 27.58
CA ASP B 289 11.22 14.80 27.29
C ASP B 289 11.45 13.37 27.78
N GLY B 290 10.55 12.84 28.61
CA GLY B 290 10.74 11.51 29.13
C GLY B 290 10.62 10.45 28.06
N SER B 291 11.16 9.27 28.37
CA SER B 291 11.14 8.15 27.45
C SER B 291 9.80 7.42 27.56
N ASP B 292 9.67 6.31 26.82
CA ASP B 292 8.41 5.59 26.79
C ASP B 292 8.02 5.07 28.17
N SER B 293 8.99 4.50 28.89
CA SER B 293 8.70 3.93 30.21
C SER B 293 8.24 5.01 31.18
N SER B 294 8.94 6.15 31.20
CA SER B 294 8.56 7.22 32.10
C SER B 294 7.20 7.80 31.75
N ILE B 295 6.92 7.96 30.45
CA ILE B 295 5.62 8.47 30.02
C ILE B 295 4.51 7.51 30.44
N LEU B 296 4.73 6.20 30.24
CA LEU B 296 3.74 5.21 30.64
C LEU B 296 3.51 5.24 32.14
N ASP B 297 4.60 5.36 32.92
CA ASP B 297 4.45 5.42 34.36
C ASP B 297 3.65 6.64 34.79
N ASN B 298 3.94 7.80 34.19
CA ASN B 298 3.21 9.01 34.54
C ASN B 298 1.72 8.84 34.26
N ALA B 299 1.39 8.36 33.06
CA ALA B 299 -0.02 8.23 32.70
C ALA B 299 -0.72 7.20 33.58
N PHE B 300 -0.07 6.06 33.82
CA PHE B 300 -0.66 5.02 34.66
C PHE B 300 -0.87 5.54 36.07
N GLU B 301 0.10 6.26 36.62
CA GLU B 301 -0.04 6.78 37.97
C GLU B 301 -1.18 7.79 38.05
N PHE B 302 -1.30 8.68 37.06
CA PHE B 302 -2.43 9.59 37.07
C PHE B 302 -3.75 8.82 37.03
N PHE B 303 -3.85 7.81 36.16
CA PHE B 303 -5.11 7.10 36.04
C PHE B 303 -5.47 6.38 37.33
N VAL B 304 -4.49 5.75 37.99
CA VAL B 304 -4.80 4.99 39.20
C VAL B 304 -5.08 5.93 40.37
N MET B 305 -4.38 7.06 40.46
CA MET B 305 -4.72 8.05 41.48
C MET B 305 -6.08 8.67 41.23
N ALA B 306 -6.54 8.70 39.98
CA ALA B 306 -7.83 9.30 39.69
C ALA B 306 -8.99 8.59 40.39
N GLY B 307 -8.78 7.35 40.83
CA GLY B 307 -9.81 6.62 41.54
C GLY B 307 -10.19 5.31 40.88
N ARG B 308 -9.28 4.74 40.11
CA ARG B 308 -9.47 3.44 39.47
C ARG B 308 -8.51 2.42 40.07
N LYS B 309 -8.91 1.15 40.00
CA LYS B 309 -8.05 0.09 40.50
C LYS B 309 -6.84 -0.08 39.57
N PRO B 310 -5.70 -0.50 40.12
CA PRO B 310 -4.53 -0.73 39.24
C PRO B 310 -4.83 -1.72 38.12
N ALA B 311 -5.50 -2.83 38.44
CA ALA B 311 -5.85 -3.81 37.42
C ALA B 311 -6.80 -3.20 36.39
N HIS B 312 -7.78 -2.43 36.85
CA HIS B 312 -8.74 -1.83 35.93
C HIS B 312 -8.05 -0.89 34.95
N THR B 313 -7.18 -0.02 35.46
CA THR B 313 -6.49 0.92 34.57
C THR B 313 -5.50 0.19 33.67
N ALA B 314 -4.86 -0.87 34.15
CA ALA B 314 -3.98 -1.65 33.29
C ALA B 314 -4.75 -2.29 32.14
N MET B 315 -5.93 -2.85 32.45
CA MET B 315 -6.77 -3.43 31.40
C MET B 315 -7.21 -2.35 30.42
N MET B 316 -7.55 -1.17 30.92
CA MET B 316 -7.93 -0.06 30.04
C MET B 316 -6.78 0.31 29.11
N LEU B 317 -5.56 0.37 29.63
CA LEU B 317 -4.43 0.83 28.83
C LEU B 317 -3.95 -0.23 27.84
N ILE B 318 -4.00 -1.50 28.23
CA ILE B 318 -3.46 -2.58 27.40
C ILE B 318 -4.55 -3.61 27.16
N PRO B 319 -5.49 -3.36 26.26
CA PRO B 319 -6.59 -4.30 26.06
C PRO B 319 -6.19 -5.51 25.22
N GLU B 320 -6.99 -6.57 25.34
CA GLU B 320 -6.84 -7.75 24.51
C GLU B 320 -7.44 -7.48 23.14
N PRO B 321 -7.22 -8.37 22.17
CA PRO B 321 -7.93 -8.23 20.89
C PRO B 321 -9.42 -8.46 21.06
N TRP B 322 -10.20 -7.39 20.97
CA TRP B 322 -11.64 -7.45 21.21
C TRP B 322 -12.46 -7.47 19.92
N THR B 323 -11.88 -7.00 18.81
CA THR B 323 -12.50 -7.10 17.50
C THR B 323 -11.85 -8.23 16.72
N GLU B 324 -12.66 -8.95 15.95
CA GLU B 324 -12.26 -10.06 15.08
C GLU B 324 -11.99 -11.34 15.86
N ASN B 325 -12.12 -11.33 17.19
CA ASN B 325 -11.85 -12.51 18.00
C ASN B 325 -13.17 -13.13 18.44
N THR B 326 -13.31 -14.44 18.20
CA THR B 326 -14.53 -15.18 18.52
C THR B 326 -14.36 -16.09 19.73
N HIS B 327 -13.26 -15.97 20.46
CA HIS B 327 -13.01 -16.76 21.66
C HIS B 327 -13.25 -15.97 22.95
N MET B 328 -13.89 -14.80 22.85
CA MET B 328 -14.06 -13.92 23.99
C MET B 328 -15.52 -13.95 24.47
N SER B 329 -15.69 -13.78 25.77
CA SER B 329 -17.03 -13.74 26.35
C SER B 329 -17.72 -12.42 26.02
N LYS B 330 -19.05 -12.44 26.07
CA LYS B 330 -19.83 -11.25 25.72
C LYS B 330 -19.55 -10.10 26.67
N GLU B 331 -19.43 -10.39 27.96
CA GLU B 331 -19.16 -9.35 28.94
C GLU B 331 -17.81 -8.68 28.63
N LYS B 332 -16.79 -9.48 28.35
CA LYS B 332 -15.48 -8.93 28.01
C LYS B 332 -15.55 -8.11 26.73
N ARG B 333 -16.26 -8.62 25.73
CA ARG B 333 -16.32 -7.89 24.46
C ARG B 333 -16.99 -6.54 24.65
N ALA B 334 -18.08 -6.49 25.42
CA ALA B 334 -18.73 -5.21 25.72
C ALA B 334 -17.80 -4.30 26.52
N PHE B 335 -17.08 -4.86 27.50
CA PHE B 335 -16.15 -4.08 28.30
C PHE B 335 -15.13 -3.38 27.41
N TYR B 336 -14.49 -4.14 26.53
CA TYR B 336 -13.44 -3.57 25.69
C TYR B 336 -14.02 -2.64 24.63
N GLU B 337 -15.20 -2.96 24.11
CA GLU B 337 -15.85 -2.04 23.18
C GLU B 337 -16.13 -0.71 23.85
N TYR B 338 -16.55 -0.73 25.11
CA TYR B 338 -16.81 0.51 25.83
C TYR B 338 -15.53 1.30 26.05
N HIS B 339 -14.46 0.63 26.51
CA HIS B 339 -13.25 1.37 26.88
C HIS B 339 -12.46 1.83 25.65
N SER B 340 -12.50 1.08 24.55
CA SER B 340 -11.87 1.54 23.32
C SER B 340 -12.54 2.79 22.78
N SER B 341 -13.80 3.02 23.13
CA SER B 341 -14.52 4.21 22.68
C SER B 341 -14.06 5.48 23.36
N LEU B 342 -13.40 5.37 24.51
CA LEU B 342 -12.94 6.55 25.26
C LEU B 342 -11.44 6.67 25.36
N MET B 343 -10.69 5.55 25.32
CA MET B 343 -9.23 5.61 25.42
C MET B 343 -8.64 4.66 24.39
N GLU B 344 -7.62 5.14 23.67
CA GLU B 344 -6.99 4.34 22.64
C GLU B 344 -6.03 3.32 23.25
N PRO B 345 -5.72 2.25 22.53
CA PRO B 345 -4.76 1.26 23.05
C PRO B 345 -3.32 1.69 22.76
N TRP B 346 -2.42 1.18 23.58
CA TRP B 346 -1.00 1.51 23.52
C TRP B 346 -0.27 0.27 23.03
N ASP B 347 -0.14 0.14 21.72
CA ASP B 347 0.42 -1.06 21.11
C ASP B 347 1.94 -1.08 21.22
N GLY B 348 2.51 -2.27 21.02
CA GLY B 348 3.94 -2.46 21.01
C GLY B 348 4.37 -3.61 21.89
N PRO B 349 5.55 -4.18 21.65
CA PRO B 349 6.04 -5.24 22.53
C PRO B 349 6.26 -4.72 23.94
N THR B 350 5.59 -5.35 24.90
CA THR B 350 5.67 -4.87 26.28
C THR B 350 5.30 -6.00 27.22
N ALA B 351 5.94 -5.99 28.40
CA ALA B 351 5.63 -6.92 29.49
C ALA B 351 5.56 -6.09 30.77
N ILE B 352 4.37 -5.58 31.08
CA ILE B 352 4.20 -4.74 32.25
C ILE B 352 4.20 -5.59 33.51
N SER B 353 4.77 -5.04 34.58
CA SER B 353 4.70 -5.62 35.92
C SER B 353 4.68 -4.45 36.91
N PHE B 354 3.48 -4.05 37.32
CA PHE B 354 3.31 -2.87 38.15
C PHE B 354 3.11 -3.27 39.61
N THR B 355 2.93 -2.26 40.47
CA THR B 355 2.67 -2.47 41.88
C THR B 355 1.87 -1.29 42.41
N ASP B 356 1.22 -1.51 43.57
CA ASP B 356 0.54 -0.44 44.27
C ASP B 356 0.76 -0.53 45.78
N GLY B 357 1.83 -1.19 46.22
CA GLY B 357 2.07 -1.38 47.63
C GLY B 357 1.54 -2.69 48.17
N LYS B 358 0.28 -3.00 47.87
CA LYS B 358 -0.39 -4.19 48.39
C LYS B 358 -0.95 -5.09 47.30
N GLN B 359 -0.82 -4.72 46.02
CA GLN B 359 -1.27 -5.56 44.93
C GLN B 359 -0.23 -5.51 43.81
N ILE B 360 -0.14 -6.62 43.07
CA ILE B 360 0.82 -6.76 41.99
C ILE B 360 0.10 -7.32 40.77
N GLY B 361 0.64 -7.02 39.59
CA GLY B 361 0.08 -7.51 38.35
C GLY B 361 1.17 -7.75 37.33
N ALA B 362 0.80 -8.42 36.25
CA ALA B 362 1.72 -8.68 35.15
C ALA B 362 0.95 -8.92 33.86
N ILE B 363 1.34 -8.23 32.78
CA ILE B 363 0.60 -8.25 31.53
C ILE B 363 1.56 -8.39 30.37
N LEU B 364 1.05 -8.90 29.24
CA LEU B 364 1.76 -8.87 27.97
C LEU B 364 0.90 -8.08 26.98
N ASP B 365 1.54 -7.63 25.90
CA ASP B 365 0.83 -6.84 24.90
C ASP B 365 -0.26 -7.69 24.24
N ARG B 366 -1.02 -7.07 23.34
CA ARG B 366 -2.11 -7.77 22.67
C ARG B 366 -1.61 -8.89 21.76
N ASN B 367 -0.31 -8.94 21.46
CA ASN B 367 0.27 -9.98 20.62
C ASN B 367 1.20 -10.92 21.36
N GLY B 368 1.58 -10.62 22.60
CA GLY B 368 2.47 -11.47 23.36
C GLY B 368 3.80 -11.70 22.67
N LEU B 369 4.61 -10.65 22.57
CA LEU B 369 5.87 -10.69 21.85
C LEU B 369 7.09 -10.77 22.76
N ARG B 370 6.90 -11.08 24.04
CA ARG B 370 8.01 -11.23 24.97
C ARG B 370 7.79 -12.45 25.85
N PRO B 371 8.87 -13.08 26.33
CA PRO B 371 8.72 -14.26 27.17
C PRO B 371 8.51 -13.90 28.65
N ALA B 372 7.74 -14.74 29.33
CA ALA B 372 7.48 -14.55 30.75
C ALA B 372 7.11 -15.91 31.35
N ARG B 373 8.06 -16.54 32.02
CA ARG B 373 7.86 -17.84 32.66
C ARG B 373 8.17 -17.70 34.15
N TYR B 374 7.27 -18.20 34.99
CA TYR B 374 7.34 -17.99 36.42
C TYR B 374 7.12 -19.30 37.17
N TYR B 375 7.62 -19.34 38.41
CA TYR B 375 7.60 -20.51 39.28
C TYR B 375 6.62 -20.31 40.42
N VAL B 376 6.36 -21.41 41.15
CA VAL B 376 5.67 -21.37 42.43
C VAL B 376 6.22 -22.52 43.26
N THR B 377 6.35 -22.28 44.57
CA THR B 377 6.95 -23.25 45.48
C THR B 377 6.01 -23.50 46.65
N LYS B 378 6.37 -24.50 47.47
CA LYS B 378 5.60 -24.83 48.67
C LYS B 378 5.67 -23.75 49.74
N ASP B 379 6.64 -22.85 49.68
CA ASP B 379 6.76 -21.75 50.63
C ASP B 379 6.18 -20.46 50.09
N ASP B 380 5.42 -20.51 49.00
CA ASP B 380 4.78 -19.33 48.41
C ASP B 380 5.83 -18.29 48.01
N TYR B 381 6.71 -18.70 47.09
CA TYR B 381 7.76 -17.84 46.55
C TYR B 381 7.59 -17.79 45.03
N ILE B 382 6.75 -16.88 44.55
CA ILE B 382 6.60 -16.70 43.11
C ILE B 382 7.87 -16.06 42.57
N ILE B 383 8.37 -16.62 41.47
CA ILE B 383 9.59 -16.15 40.82
C ILE B 383 9.23 -15.86 39.37
N PHE B 384 8.84 -14.63 39.10
CA PHE B 384 8.43 -14.19 37.76
C PHE B 384 9.60 -13.46 37.11
N SER B 385 10.09 -13.99 35.99
CA SER B 385 11.28 -13.42 35.35
C SER B 385 11.22 -13.72 33.86
N SER B 386 12.18 -13.13 33.13
CA SER B 386 12.22 -13.32 31.68
C SER B 386 12.57 -14.75 31.30
N GLU B 387 13.62 -15.30 31.89
CA GLU B 387 14.05 -16.67 31.65
C GLU B 387 13.74 -17.53 32.87
N VAL B 388 14.13 -18.80 32.78
CA VAL B 388 13.70 -19.80 33.76
C VAL B 388 14.74 -19.96 34.87
N GLY B 389 16.00 -20.15 34.49
CA GLY B 389 17.02 -20.49 35.45
C GLY B 389 17.67 -19.29 36.12
N VAL B 390 16.85 -18.32 36.53
CA VAL B 390 17.40 -17.11 37.12
C VAL B 390 18.03 -17.41 38.48
N ILE B 391 17.35 -18.23 39.30
CA ILE B 391 17.85 -18.61 40.61
C ILE B 391 17.70 -20.11 40.79
N GLU B 392 18.49 -20.66 41.69
CA GLU B 392 18.41 -22.08 42.01
C GLU B 392 17.19 -22.35 42.88
N VAL B 393 16.36 -23.30 42.47
CA VAL B 393 15.14 -23.65 43.19
C VAL B 393 15.10 -25.16 43.35
N GLU B 394 14.43 -25.61 44.41
CA GLU B 394 14.33 -27.03 44.70
C GLU B 394 13.26 -27.66 43.84
N GLN B 395 13.66 -28.63 43.00
CA GLN B 395 12.71 -29.32 42.14
C GLN B 395 11.70 -30.14 42.94
N GLU B 396 12.04 -30.51 44.17
CA GLU B 396 11.09 -31.19 45.06
C GLU B 396 10.08 -30.23 45.65
N ASN B 397 10.32 -28.92 45.58
CA ASN B 397 9.40 -27.93 46.12
C ASN B 397 8.65 -27.15 45.05
N VAL B 398 9.16 -27.11 43.82
CA VAL B 398 8.43 -26.42 42.75
C VAL B 398 7.06 -27.03 42.58
N LEU B 399 6.05 -26.18 42.44
CA LEU B 399 4.67 -26.61 42.28
C LEU B 399 4.12 -26.34 40.89
N TYR B 400 4.15 -25.10 40.43
CA TYR B 400 3.65 -24.72 39.11
C TYR B 400 4.78 -24.14 38.28
N LYS B 401 4.83 -24.54 37.01
CA LYS B 401 5.69 -23.93 36.00
C LYS B 401 4.74 -23.48 34.89
N ASN B 402 4.20 -22.27 35.04
CA ASN B 402 3.23 -21.72 34.12
C ASN B 402 3.84 -20.59 33.29
N ARG B 403 3.12 -20.19 32.26
CA ARG B 403 3.49 -19.06 31.43
C ARG B 403 2.37 -18.04 31.43
N LEU B 404 2.75 -16.76 31.44
CA LEU B 404 1.78 -15.66 31.41
C LEU B 404 1.32 -15.48 29.97
N GLU B 405 0.29 -16.23 29.61
CA GLU B 405 -0.19 -16.23 28.24
C GLU B 405 -0.80 -14.86 27.90
N PRO B 406 -0.86 -14.50 26.62
CA PRO B 406 -1.46 -13.21 26.26
C PRO B 406 -2.91 -13.12 26.70
N GLY B 407 -3.32 -11.92 27.12
CA GLY B 407 -4.67 -11.72 27.59
C GLY B 407 -5.01 -12.41 28.88
N LYS B 408 -4.01 -12.68 29.72
CA LYS B 408 -4.21 -13.31 31.02
C LYS B 408 -3.50 -12.48 32.08
N MET B 409 -4.23 -12.15 33.14
CA MET B 409 -3.75 -11.25 34.18
C MET B 409 -3.20 -12.06 35.35
N LEU B 410 -1.87 -12.09 35.48
CA LEU B 410 -1.25 -12.67 36.66
C LEU B 410 -1.27 -11.60 37.75
N LEU B 411 -2.24 -11.70 38.65
CA LEU B 411 -2.50 -10.71 39.68
C LEU B 411 -2.27 -11.34 41.04
N ILE B 412 -1.60 -10.59 41.93
CA ILE B 412 -1.29 -11.04 43.27
C ILE B 412 -1.76 -9.99 44.25
N ASP B 413 -2.25 -10.44 45.40
CA ASP B 413 -2.75 -9.57 46.46
C ASP B 413 -2.07 -9.99 47.76
N LEU B 414 -1.14 -9.16 48.24
CA LEU B 414 -0.32 -9.57 49.39
C LEU B 414 -1.18 -9.77 50.64
N GLU B 415 -2.13 -8.88 50.88
CA GLU B 415 -2.93 -8.99 52.10
C GLU B 415 -3.72 -10.28 52.14
N GLU B 416 -4.31 -10.68 51.00
CA GLU B 416 -5.02 -11.94 50.93
C GLU B 416 -4.09 -13.15 50.82
N GLY B 417 -2.88 -12.96 50.31
CA GLY B 417 -1.94 -14.07 50.20
C GLY B 417 -2.38 -15.18 49.27
N ARG B 418 -2.91 -14.82 48.09
CA ARG B 418 -3.34 -15.82 47.12
C ARG B 418 -3.14 -15.24 45.72
N ILE B 419 -3.01 -16.14 44.75
CA ILE B 419 -2.93 -15.78 43.34
C ILE B 419 -4.36 -15.72 42.83
N ILE B 420 -4.92 -14.52 42.75
CA ILE B 420 -6.32 -14.38 42.34
C ILE B 420 -6.42 -14.68 40.86
N SER B 421 -7.39 -15.50 40.48
CA SER B 421 -7.44 -16.01 39.11
C SER B 421 -7.90 -14.93 38.14
N ASP B 422 -7.18 -14.85 37.01
CA ASP B 422 -7.49 -13.85 35.99
C ASP B 422 -8.93 -13.94 35.54
N GLU B 423 -9.46 -15.16 35.42
CA GLU B 423 -10.82 -15.32 34.92
C GLU B 423 -11.82 -14.61 35.82
N GLU B 424 -11.71 -14.77 37.13
CA GLU B 424 -12.67 -14.14 38.03
C GLU B 424 -12.42 -12.65 38.15
N VAL B 425 -11.15 -12.23 38.15
CA VAL B 425 -10.87 -10.80 38.17
C VAL B 425 -11.51 -10.12 36.98
N LYS B 426 -11.31 -10.69 35.79
CA LYS B 426 -11.85 -10.14 34.56
C LYS B 426 -13.37 -10.17 34.55
N THR B 427 -13.95 -11.28 35.03
CA THR B 427 -15.40 -11.39 35.07
C THR B 427 -16.02 -10.33 35.96
N GLN B 428 -15.46 -10.13 37.17
CA GLN B 428 -16.07 -9.18 38.08
C GLN B 428 -15.81 -7.74 37.65
N ILE B 429 -14.64 -7.47 37.05
CA ILE B 429 -14.43 -6.15 36.46
C ILE B 429 -15.48 -5.88 35.38
N ALA B 430 -15.73 -6.88 34.51
CA ALA B 430 -16.70 -6.67 33.45
C ALA B 430 -18.11 -6.47 33.99
N THR B 431 -18.50 -7.27 35.00
CA THR B 431 -19.85 -7.20 35.54
C THR B 431 -20.05 -6.04 36.50
N GLU B 432 -18.99 -5.32 36.88
CA GLU B 432 -19.15 -4.19 37.79
C GLU B 432 -20.14 -3.15 37.25
N TYR B 433 -20.30 -3.06 35.93
CA TYR B 433 -21.22 -2.11 35.32
C TYR B 433 -21.98 -2.82 34.21
N PRO B 434 -23.14 -2.27 33.79
CA PRO B 434 -23.91 -2.86 32.67
C PRO B 434 -23.46 -2.34 31.31
N TYR B 435 -22.23 -2.71 30.95
CA TYR B 435 -21.65 -2.25 29.68
C TYR B 435 -22.44 -2.79 28.49
N GLN B 436 -22.91 -4.04 28.58
CA GLN B 436 -23.66 -4.61 27.48
C GLN B 436 -24.93 -3.82 27.22
N LYS B 437 -25.68 -3.49 28.28
CA LYS B 437 -26.89 -2.70 28.12
C LYS B 437 -26.57 -1.31 27.60
N TRP B 438 -25.50 -0.69 28.09
CA TRP B 438 -25.13 0.64 27.63
C TRP B 438 -24.83 0.63 26.14
N LEU B 439 -24.05 -0.34 25.68
CA LEU B 439 -23.75 -0.44 24.25
C LEU B 439 -25.02 -0.72 23.44
N GLU B 440 -25.88 -1.61 23.92
CA GLU B 440 -27.07 -1.94 23.16
C GLU B 440 -27.98 -0.74 23.01
N GLU B 441 -28.11 0.07 24.07
CA GLU B 441 -29.09 1.15 24.06
C GLU B 441 -28.54 2.42 23.43
N GLU B 442 -27.38 2.89 23.89
CA GLU B 442 -26.95 4.25 23.58
C GLU B 442 -26.34 4.40 22.19
N LEU B 443 -26.10 3.32 21.46
CA LEU B 443 -25.51 3.45 20.14
C LEU B 443 -26.47 4.18 19.21
N VAL B 444 -25.89 4.96 18.30
CA VAL B 444 -26.65 5.79 17.37
C VAL B 444 -26.65 5.11 16.00
N GLN B 445 -27.82 5.04 15.38
CA GLN B 445 -27.99 4.41 14.08
C GLN B 445 -28.17 5.48 13.00
N VAL B 446 -27.43 5.35 11.91
CA VAL B 446 -27.42 6.33 10.83
C VAL B 446 -27.83 5.65 9.53
N ASN B 447 -28.72 4.67 9.61
CA ASN B 447 -29.19 3.90 8.46
C ASN B 447 -29.52 4.82 7.29
N PRO B 448 -28.80 4.75 6.17
CA PRO B 448 -29.10 5.64 5.05
C PRO B 448 -30.40 5.27 4.35
N ASP B 449 -31.00 6.26 3.72
CA ASP B 449 -32.21 6.03 2.93
C ASP B 449 -31.84 5.34 1.62
N PRO B 450 -32.42 4.18 1.29
CA PRO B 450 -32.12 3.57 -0.02
C PRO B 450 -32.74 4.29 -1.20
N GLU B 451 -33.73 5.16 -0.98
CA GLU B 451 -34.39 5.89 -2.05
C GLU B 451 -33.77 7.26 -2.31
N SER B 452 -32.73 7.64 -1.56
CA SER B 452 -32.05 8.91 -1.76
C SER B 452 -30.84 8.80 -2.68
N ARG B 453 -30.77 7.74 -3.49
CA ARG B 453 -29.59 7.52 -4.32
C ARG B 453 -29.52 8.54 -5.44
N GLU B 454 -28.29 8.94 -5.78
CA GLU B 454 -28.06 9.81 -6.92
C GLU B 454 -26.60 9.66 -7.31
N GLU B 455 -26.34 9.08 -8.48
CA GLU B 455 -24.98 8.89 -8.96
C GLU B 455 -24.43 10.26 -9.38
N GLU B 456 -23.60 10.84 -8.53
CA GLU B 456 -23.15 12.20 -8.74
C GLU B 456 -22.17 12.29 -9.91
N GLN B 457 -22.29 13.39 -10.67
CA GLN B 457 -21.37 13.71 -11.75
C GLN B 457 -21.15 15.21 -11.76
N PHE B 458 -19.95 15.60 -12.19
CA PHE B 458 -19.56 17.01 -12.19
C PHE B 458 -19.57 17.64 -13.57
N SER B 459 -19.38 16.84 -14.63
CA SER B 459 -19.30 17.33 -16.01
C SER B 459 -17.97 18.03 -16.26
N ASP B 460 -17.10 18.07 -15.26
CA ASP B 460 -15.74 18.59 -15.39
C ASP B 460 -14.75 17.57 -14.87
N LEU B 461 -14.99 16.30 -15.21
CA LEU B 461 -14.17 15.21 -14.70
C LEU B 461 -12.71 15.38 -15.11
N LEU B 462 -12.47 15.66 -16.40
CA LEU B 462 -11.10 15.81 -16.87
C LEU B 462 -10.42 16.99 -16.19
N THR B 463 -11.12 18.12 -16.06
CA THR B 463 -10.52 19.30 -15.45
C THR B 463 -10.16 19.03 -14.00
N ARG B 464 -11.07 18.45 -13.23
CA ARG B 464 -10.78 18.15 -11.83
C ARG B 464 -9.66 17.12 -11.70
N GLN B 465 -9.66 16.12 -12.57
CA GLN B 465 -8.62 15.10 -12.52
C GLN B 465 -7.24 15.70 -12.79
N LYS B 466 -7.14 16.59 -13.79
CA LYS B 466 -5.86 17.23 -14.06
C LYS B 466 -5.48 18.16 -12.91
N ALA B 467 -6.45 18.85 -12.33
CA ALA B 467 -6.15 19.73 -11.20
C ALA B 467 -5.58 18.94 -10.03
N PHE B 468 -6.16 17.77 -9.74
CA PHE B 468 -5.69 16.96 -8.63
C PHE B 468 -4.53 16.05 -9.00
N GLY B 469 -4.11 16.04 -10.26
CA GLY B 469 -2.91 15.35 -10.66
C GLY B 469 -3.08 13.92 -11.11
N TYR B 470 -4.26 13.55 -11.60
CA TYR B 470 -4.47 12.20 -12.11
C TYR B 470 -3.69 12.01 -13.40
N THR B 471 -3.46 10.74 -13.75
CA THR B 471 -2.83 10.38 -15.01
C THR B 471 -3.48 9.11 -15.55
N TYR B 472 -3.42 8.94 -16.86
CA TYR B 472 -3.94 7.73 -17.47
C TYR B 472 -3.17 6.51 -16.99
N GLU B 473 -1.84 6.64 -16.86
CA GLU B 473 -1.05 5.58 -16.26
C GLU B 473 -1.55 5.25 -14.86
N ASP B 474 -1.74 6.28 -14.04
CA ASP B 474 -2.21 6.05 -12.67
C ASP B 474 -3.52 5.29 -12.67
N ILE B 475 -4.48 5.75 -13.48
CA ILE B 475 -5.77 5.05 -13.55
C ILE B 475 -5.56 3.59 -13.93
N GLN B 476 -5.04 3.36 -15.14
CA GLN B 476 -5.00 2.02 -15.71
C GLN B 476 -4.03 1.08 -15.00
N LYS B 477 -3.17 1.60 -14.12
CA LYS B 477 -2.21 0.75 -13.42
C LYS B 477 -2.42 0.72 -11.90
N TYR B 478 -3.38 1.48 -11.36
CA TYR B 478 -3.63 1.46 -9.93
C TYR B 478 -5.09 1.30 -9.56
N LEU B 479 -6.05 1.69 -10.40
CA LEU B 479 -7.46 1.61 -10.04
C LEU B 479 -8.14 0.37 -10.57
N ILE B 480 -8.05 0.12 -11.88
CA ILE B 480 -8.62 -1.11 -12.44
C ILE B 480 -7.97 -2.35 -11.84
N PRO B 481 -6.65 -2.44 -11.69
CA PRO B 481 -6.07 -3.65 -11.09
C PRO B 481 -6.57 -3.93 -9.69
N VAL B 482 -6.87 -2.90 -8.90
CA VAL B 482 -7.41 -3.12 -7.56
C VAL B 482 -8.71 -3.92 -7.64
N ILE B 483 -9.63 -3.48 -8.50
CA ILE B 483 -10.89 -4.20 -8.64
C ILE B 483 -10.65 -5.58 -9.22
N LYS B 484 -9.75 -5.69 -10.20
CA LYS B 484 -9.55 -6.97 -10.88
C LYS B 484 -8.98 -8.02 -9.93
N GLU B 485 -8.00 -7.65 -9.11
CA GLU B 485 -7.26 -8.61 -8.29
C GLU B 485 -7.70 -8.64 -6.84
N GLY B 486 -8.58 -7.74 -6.41
CA GLY B 486 -8.96 -7.69 -5.01
C GLY B 486 -7.87 -7.25 -4.08
N LYS B 487 -6.79 -6.65 -4.59
CA LYS B 487 -5.68 -6.24 -3.77
C LYS B 487 -4.88 -5.17 -4.49
N ASP B 488 -4.00 -4.51 -3.75
CA ASP B 488 -3.15 -3.49 -4.34
C ASP B 488 -2.21 -4.11 -5.38
N PRO B 489 -2.03 -3.48 -6.54
CA PRO B 489 -1.20 -4.11 -7.57
C PRO B 489 0.28 -4.12 -7.19
N LEU B 490 1.00 -5.12 -7.70
CA LEU B 490 2.37 -5.38 -7.32
C LEU B 490 3.34 -4.71 -8.29
N GLY B 491 4.63 -5.00 -8.13
CA GLY B 491 5.63 -4.41 -9.01
C GLY B 491 7.01 -4.95 -8.67
N SER B 492 8.01 -4.36 -9.31
CA SER B 492 9.40 -4.74 -9.13
C SER B 492 10.24 -3.58 -9.64
N MET B 493 11.56 -3.68 -9.45
CA MET B 493 12.48 -2.61 -9.85
C MET B 493 12.07 -1.30 -9.17
N GLY B 494 12.21 -1.31 -7.84
CA GLY B 494 11.73 -0.24 -7.00
C GLY B 494 12.12 1.16 -7.47
N ASN B 495 11.43 2.16 -6.93
CA ASN B 495 11.48 3.51 -7.49
C ASN B 495 12.91 4.02 -7.55
N ASP B 496 13.25 4.61 -8.70
CA ASP B 496 14.52 5.29 -8.89
C ASP B 496 14.35 6.75 -9.29
N ALA B 497 13.12 7.23 -9.38
CA ALA B 497 12.89 8.61 -9.78
C ALA B 497 13.42 9.57 -8.72
N PRO B 498 13.79 10.79 -9.10
CA PRO B 498 14.30 11.74 -8.11
C PRO B 498 13.22 12.14 -7.13
N LEU B 499 13.64 12.53 -5.92
CA LEU B 499 12.70 12.95 -4.90
C LEU B 499 11.83 14.10 -5.40
N ALA B 500 10.71 14.30 -4.73
CA ALA B 500 9.80 15.38 -5.12
C ALA B 500 10.47 16.74 -4.94
N VAL B 501 11.28 16.89 -3.88
CA VAL B 501 11.93 18.17 -3.61
C VAL B 501 12.86 18.56 -4.75
N LEU B 502 13.52 17.58 -5.38
CA LEU B 502 14.44 17.84 -6.46
C LEU B 502 13.79 17.83 -7.84
N SER B 503 12.67 17.13 -7.99
CA SER B 503 12.02 17.04 -9.29
C SER B 503 11.55 18.41 -9.77
N ASP B 504 11.85 18.72 -11.03
CA ASP B 504 11.42 19.99 -11.59
C ASP B 504 9.91 20.03 -11.79
N ARG B 505 9.32 18.91 -12.20
CA ARG B 505 7.88 18.86 -12.42
C ARG B 505 7.14 19.11 -11.12
N ALA B 506 6.02 19.83 -11.20
CA ALA B 506 5.21 20.09 -10.03
C ALA B 506 4.71 18.78 -9.43
N GLN B 507 4.82 18.65 -8.11
CA GLN B 507 4.42 17.46 -7.38
C GLN B 507 3.54 17.84 -6.19
N SER B 508 2.58 16.98 -5.87
CA SER B 508 1.72 17.22 -4.73
C SER B 508 2.50 17.05 -3.42
N LEU B 509 1.95 17.59 -2.34
CA LEU B 509 2.62 17.55 -1.05
C LEU B 509 2.82 16.14 -0.54
N PHE B 510 2.02 15.17 -1.02
CA PHE B 510 2.09 13.81 -0.48
C PHE B 510 3.43 13.16 -0.75
N ASN B 511 4.02 13.42 -1.93
CA ASN B 511 5.28 12.78 -2.28
C ASN B 511 6.41 13.15 -1.33
N TYR B 512 6.32 14.31 -0.67
CA TYR B 512 7.36 14.74 0.24
C TYR B 512 7.42 13.89 1.51
N PHE B 513 6.37 13.13 1.82
CA PHE B 513 6.28 12.37 3.05
C PHE B 513 6.53 10.90 2.75
N LYS B 514 7.49 10.30 3.45
CA LYS B 514 7.85 8.90 3.27
C LYS B 514 7.42 8.11 4.49
N GLN B 515 6.86 6.92 4.24
CA GLN B 515 6.42 6.06 5.33
C GLN B 515 7.62 5.60 6.16
N LEU B 516 7.32 4.99 7.30
CA LEU B 516 8.32 4.48 8.22
C LEU B 516 7.99 3.03 8.56
N PHE B 517 8.90 2.37 9.28
CA PHE B 517 8.75 0.98 9.63
C PHE B 517 9.62 0.69 10.85
N ALA B 518 9.51 -0.53 11.37
CA ALA B 518 10.24 -0.95 12.55
C ALA B 518 11.38 -1.88 12.14
N GLN B 519 12.59 -1.57 12.62
CA GLN B 519 13.77 -2.35 12.32
C GLN B 519 14.23 -3.18 13.52
N VAL B 520 14.49 -2.53 14.66
CA VAL B 520 14.96 -3.20 15.86
C VAL B 520 14.17 -2.66 17.04
N THR B 521 14.13 -3.43 18.12
CA THR B 521 13.38 -3.20 19.35
C THR B 521 11.92 -3.60 19.20
N ASN B 522 11.48 -4.06 18.02
CA ASN B 522 10.09 -4.41 17.79
C ASN B 522 9.93 -5.07 16.44
N PRO B 523 9.06 -6.06 16.28
CA PRO B 523 8.90 -6.71 14.98
C PRO B 523 7.83 -6.02 14.16
N PRO B 524 7.89 -6.12 12.83
CA PRO B 524 6.73 -5.75 12.00
C PRO B 524 5.69 -6.86 12.01
N ILE B 525 4.56 -6.61 12.67
CA ILE B 525 3.55 -7.64 12.84
C ILE B 525 2.82 -7.85 11.52
N ASP B 526 2.35 -9.09 11.31
CA ASP B 526 1.62 -9.44 10.10
C ASP B 526 0.12 -9.17 10.29
N ALA B 527 -0.59 -9.08 9.17
CA ALA B 527 -2.00 -8.72 9.18
C ALA B 527 -2.90 -9.86 8.70
N ILE B 528 -2.66 -10.40 7.51
CA ILE B 528 -3.58 -11.39 6.93
C ILE B 528 -3.66 -12.62 7.83
N ARG B 529 -2.50 -13.14 8.23
CA ARG B 529 -2.47 -14.34 9.04
C ARG B 529 -2.84 -14.06 10.49
N GLU B 530 -2.48 -12.87 11.00
CA GLU B 530 -2.78 -12.47 12.37
C GLU B 530 -3.98 -11.55 12.45
N GLN B 531 -5.00 -11.77 11.61
CA GLN B 531 -6.16 -10.90 11.56
C GLN B 531 -6.83 -10.76 12.93
N LEU B 532 -6.73 -11.78 13.78
CA LEU B 532 -7.40 -11.72 15.07
C LEU B 532 -6.92 -10.56 15.93
N VAL B 533 -5.69 -10.08 15.70
CA VAL B 533 -5.14 -9.01 16.53
C VAL B 533 -5.53 -7.63 16.00
N THR B 534 -5.80 -7.51 14.70
CA THR B 534 -6.10 -6.21 14.13
C THR B 534 -7.44 -5.69 14.64
N SER B 535 -7.61 -4.37 14.52
CA SER B 535 -8.84 -3.71 14.94
C SER B 535 -9.01 -2.44 14.13
N THR B 536 -10.05 -2.40 13.30
CA THR B 536 -10.29 -1.26 12.41
C THR B 536 -11.50 -0.44 12.83
N MET B 537 -11.91 -0.54 14.09
CA MET B 537 -13.05 0.21 14.57
C MET B 537 -12.66 1.67 14.77
N THR B 538 -13.47 2.58 14.22
CA THR B 538 -13.24 4.01 14.33
C THR B 538 -14.48 4.66 14.95
N TRP B 539 -14.25 5.60 15.86
CA TRP B 539 -15.32 6.30 16.56
C TRP B 539 -15.37 7.75 16.12
N LEU B 540 -16.57 8.24 15.83
CA LEU B 540 -16.80 9.61 15.42
C LEU B 540 -17.70 10.30 16.44
N GLY B 541 -17.35 11.54 16.78
CA GLY B 541 -18.11 12.31 17.74
C GLY B 541 -17.23 13.02 18.75
N ALA B 542 -17.71 13.14 19.98
CA ALA B 542 -16.98 13.79 21.05
C ALA B 542 -16.91 12.88 22.26
N GLU B 543 -15.71 12.72 22.83
CA GLU B 543 -15.57 11.90 24.02
C GLU B 543 -16.10 12.64 25.24
N GLY B 544 -16.52 11.87 26.24
CA GLY B 544 -17.06 12.41 27.46
C GLY B 544 -16.03 12.48 28.57
N ASP B 545 -16.55 12.54 29.80
CA ASP B 545 -15.68 12.59 30.98
C ASP B 545 -15.00 11.26 31.19
N LEU B 546 -13.70 11.20 30.93
CA LEU B 546 -12.97 9.94 31.06
C LEU B 546 -12.94 9.44 32.50
N LEU B 547 -12.73 10.35 33.45
CA LEU B 547 -12.55 9.93 34.84
C LEU B 547 -13.85 9.42 35.45
N HIS B 548 -14.99 9.96 35.03
CA HIS B 548 -16.31 9.50 35.49
C HIS B 548 -17.20 9.29 34.27
N PRO B 549 -16.96 8.21 33.53
CA PRO B 549 -17.67 8.00 32.27
C PRO B 549 -18.98 7.24 32.44
N SER B 550 -20.02 7.74 31.78
CA SER B 550 -21.32 7.05 31.80
C SER B 550 -22.18 7.40 30.58
N GLU B 551 -22.14 6.52 29.58
CA GLU B 551 -23.09 6.47 28.47
C GLU B 551 -22.92 7.59 27.44
N ARG B 552 -22.23 8.67 27.80
CA ARG B 552 -22.01 9.74 26.84
C ARG B 552 -20.65 9.61 26.17
N ASN B 553 -19.79 8.78 26.74
CA ASN B 553 -18.58 8.37 26.04
C ASN B 553 -18.90 7.44 24.88
N VAL B 554 -20.05 6.77 24.95
CA VAL B 554 -20.41 5.74 23.97
C VAL B 554 -21.61 6.16 23.12
N ARG B 555 -22.28 7.26 23.48
CA ARG B 555 -23.28 7.85 22.59
C ARG B 555 -22.56 8.53 21.42
N ARG B 556 -21.96 7.69 20.57
CA ARG B 556 -21.16 8.15 19.45
C ARG B 556 -21.34 7.22 18.26
N ILE B 557 -21.00 7.71 17.08
CA ILE B 557 -21.00 6.87 15.88
C ILE B 557 -19.71 6.07 15.83
N LYS B 558 -19.81 4.81 15.41
CA LYS B 558 -18.67 3.93 15.26
C LYS B 558 -18.66 3.34 13.87
N LEU B 559 -17.49 3.34 13.24
CA LEU B 559 -17.32 2.84 11.88
C LEU B 559 -16.48 1.57 11.87
N TYR B 560 -16.61 0.81 10.78
CA TYR B 560 -15.81 -0.39 10.61
C TYR B 560 -14.55 -0.15 9.79
N THR B 561 -14.59 0.79 8.84
CA THR B 561 -13.44 1.12 8.01
C THR B 561 -13.28 2.63 7.97
N PRO B 562 -12.05 3.14 7.89
CA PRO B 562 -11.86 4.59 7.79
C PRO B 562 -12.47 5.18 6.52
N VAL B 563 -12.46 4.45 5.41
CA VAL B 563 -12.98 4.98 4.16
C VAL B 563 -14.51 5.01 4.19
N LEU B 564 -15.09 5.86 3.35
CA LEU B 564 -16.53 6.04 3.28
C LEU B 564 -16.98 6.07 1.82
N SER B 565 -18.24 5.71 1.61
CA SER B 565 -18.88 5.81 0.31
C SER B 565 -19.67 7.11 0.21
N ASN B 566 -20.17 7.38 -0.99
CA ASN B 566 -20.94 8.61 -1.20
C ASN B 566 -22.22 8.60 -0.36
N GLU B 567 -22.94 7.49 -0.37
CA GLU B 567 -24.16 7.40 0.43
C GLU B 567 -23.87 7.56 1.92
N GLN B 568 -22.81 6.90 2.40
CA GLN B 568 -22.45 7.01 3.81
C GLN B 568 -22.08 8.43 4.17
N PHE B 569 -21.28 9.09 3.32
CA PHE B 569 -20.87 10.47 3.60
C PHE B 569 -22.08 11.39 3.62
N TYR B 570 -23.01 11.21 2.69
CA TYR B 570 -24.20 12.05 2.67
C TYR B 570 -25.07 11.80 3.90
N ALA B 571 -25.15 10.54 4.35
CA ALA B 571 -25.90 10.25 5.57
C ALA B 571 -25.27 10.94 6.77
N LEU B 572 -23.94 10.87 6.89
CA LEU B 572 -23.26 11.56 7.99
C LEU B 572 -23.52 13.05 7.94
N LYS B 573 -23.43 13.66 6.76
CA LYS B 573 -23.63 15.10 6.66
C LYS B 573 -25.07 15.47 6.99
N THR B 574 -26.03 14.65 6.56
CA THR B 574 -27.44 14.94 6.76
C THR B 574 -27.93 14.63 8.16
N ILE B 575 -27.19 13.86 8.95
CA ILE B 575 -27.58 13.60 10.33
C ILE B 575 -27.78 14.94 11.02
N VAL B 576 -28.93 15.12 11.66
CA VAL B 576 -29.30 16.39 12.25
C VAL B 576 -29.53 16.25 13.76
N HIS B 577 -29.03 15.18 14.36
CA HIS B 577 -29.22 14.97 15.78
C HIS B 577 -28.55 16.12 16.55
N PRO B 578 -29.22 16.69 17.55
CA PRO B 578 -28.64 17.89 18.19
C PRO B 578 -27.28 17.64 18.81
N ASP B 579 -27.06 16.47 19.39
CA ASP B 579 -25.77 16.18 20.00
C ASP B 579 -24.69 15.98 18.95
N LEU B 580 -25.03 15.35 17.83
CA LEU B 580 -24.09 15.10 16.74
C LEU B 580 -24.43 16.04 15.59
N LYS B 581 -23.87 17.24 15.63
CA LYS B 581 -24.07 18.22 14.57
C LYS B 581 -23.01 18.04 13.48
N SER B 582 -23.21 18.73 12.36
CA SER B 582 -22.29 18.67 11.24
C SER B 582 -22.04 20.09 10.72
N GLN B 583 -20.78 20.36 10.38
CA GLN B 583 -20.38 21.64 9.83
C GLN B 583 -19.48 21.40 8.62
N LYS B 584 -19.59 22.27 7.63
CA LYS B 584 -18.78 22.20 6.41
C LYS B 584 -17.86 23.41 6.36
N ILE B 585 -16.57 23.17 6.22
CA ILE B 585 -15.55 24.23 6.18
C ILE B 585 -14.88 24.17 4.82
N ASP B 586 -14.90 25.29 4.11
CA ASP B 586 -14.28 25.37 2.78
C ASP B 586 -12.78 25.51 2.94
N VAL B 587 -12.05 24.45 2.62
CA VAL B 587 -10.57 24.46 2.72
C VAL B 587 -10.07 24.97 1.37
N LEU B 588 -10.02 26.30 1.24
CA LEU B 588 -9.58 26.94 0.02
C LEU B 588 -8.87 28.24 0.38
N PHE B 589 -8.07 28.74 -0.55
CA PHE B 589 -7.33 29.98 -0.36
C PHE B 589 -7.21 30.70 -1.68
N SER B 590 -6.89 32.00 -1.60
CA SER B 590 -6.72 32.83 -2.77
C SER B 590 -5.27 33.24 -2.99
N GLU B 591 -4.64 33.87 -2.00
CA GLU B 591 -3.26 34.31 -2.12
C GLU B 591 -2.40 33.95 -0.91
N ASP B 592 -2.95 34.01 0.30
CA ASP B 592 -2.17 33.89 1.53
C ASP B 592 -2.55 32.59 2.23
N LEU B 593 -1.60 31.65 2.27
CA LEU B 593 -1.84 30.38 2.97
C LEU B 593 -2.04 30.60 4.45
N GLU B 594 -1.27 31.52 5.04
CA GLU B 594 -1.45 31.83 6.45
C GLU B 594 -2.85 32.37 6.72
N ARG B 595 -3.34 33.27 5.85
CA ARG B 595 -4.69 33.78 6.01
C ARG B 595 -5.72 32.66 5.87
N GLY B 596 -5.52 31.77 4.89
CA GLY B 596 -6.46 30.67 4.72
C GLY B 596 -6.52 29.77 5.94
N LEU B 597 -5.35 29.40 6.48
CA LEU B 597 -5.32 28.54 7.66
C LEU B 597 -5.92 29.23 8.87
N LYS B 598 -5.64 30.53 9.05
CA LYS B 598 -6.22 31.25 10.18
C LYS B 598 -7.74 31.34 10.05
N ASP B 599 -8.23 31.59 8.84
CA ASP B 599 -9.67 31.64 8.62
C ASP B 599 -10.31 30.28 8.90
N MET B 600 -9.65 29.21 8.46
CA MET B 600 -10.16 27.87 8.74
C MET B 600 -10.20 27.60 10.24
N PHE B 601 -9.16 28.02 10.96
CA PHE B 601 -9.17 27.91 12.42
C PHE B 601 -10.33 28.70 13.02
N THR B 602 -10.61 29.89 12.48
CA THR B 602 -11.71 30.69 13.00
C THR B 602 -13.04 30.00 12.81
N GLN B 603 -13.28 29.44 11.62
CA GLN B 603 -14.50 28.66 11.42
C GLN B 603 -14.57 27.48 12.38
N ALA B 604 -13.45 26.77 12.56
CA ALA B 604 -13.44 25.63 13.44
C ALA B 604 -13.83 26.02 14.86
N GLU B 605 -13.17 27.05 15.40
CA GLU B 605 -13.42 27.44 16.79
C GLU B 605 -14.82 28.01 16.96
N LYS B 606 -15.31 28.75 15.96
CA LYS B 606 -16.69 29.25 16.03
C LYS B 606 -17.67 28.08 16.08
N ALA B 607 -17.44 27.06 15.25
CA ALA B 607 -18.33 25.91 15.23
C ALA B 607 -18.27 25.15 16.54
N ILE B 608 -17.08 25.01 17.12
CA ILE B 608 -16.95 24.34 18.41
C ILE B 608 -17.71 25.13 19.49
N SER B 609 -17.57 26.45 19.48
CA SER B 609 -18.30 27.27 20.44
C SER B 609 -19.80 27.09 20.28
N GLN B 610 -20.27 27.01 19.03
CA GLN B 610 -21.68 26.74 18.79
C GLN B 610 -22.09 25.38 19.32
N GLY B 611 -21.20 24.38 19.20
CA GLY B 611 -21.44 23.05 19.73
C GLY B 611 -21.38 21.92 18.73
N VAL B 612 -20.72 22.09 17.58
CA VAL B 612 -20.68 21.02 16.61
C VAL B 612 -19.78 19.90 17.13
N SER B 613 -19.88 18.74 16.49
CA SER B 613 -19.00 17.61 16.79
C SER B 613 -18.33 17.00 15.56
N LEU B 614 -18.78 17.34 14.35
CA LEU B 614 -18.19 16.81 13.12
C LEU B 614 -17.87 17.98 12.19
N LEU B 615 -16.64 17.98 11.66
CA LEU B 615 -16.19 18.97 10.69
C LEU B 615 -15.93 18.30 9.35
N ILE B 616 -16.36 18.95 8.27
CA ILE B 616 -16.23 18.43 6.92
C ILE B 616 -15.30 19.37 6.16
N LEU B 617 -14.08 18.91 5.88
CA LEU B 617 -13.16 19.66 5.03
C LEU B 617 -13.39 19.25 3.58
N SER B 618 -13.99 20.14 2.80
CA SER B 618 -14.39 19.84 1.43
C SER B 618 -13.60 20.69 0.46
N ASP B 619 -13.07 20.07 -0.59
CA ASP B 619 -12.40 20.76 -1.67
C ASP B 619 -13.32 21.11 -2.82
N LYS B 620 -14.62 20.79 -2.70
CA LYS B 620 -15.58 21.10 -3.75
C LYS B 620 -15.78 22.62 -3.84
N LYS B 621 -16.61 23.03 -4.81
CA LYS B 621 -16.89 24.45 -5.02
C LYS B 621 -15.60 25.23 -5.27
N MET B 622 -14.67 24.61 -5.99
CA MET B 622 -13.35 25.18 -6.26
C MET B 622 -13.29 25.61 -7.72
N ASN B 623 -12.95 26.88 -7.93
CA ASN B 623 -12.94 27.50 -9.24
C ASN B 623 -11.56 28.10 -9.53
N GLU B 624 -11.45 28.82 -10.65
CA GLU B 624 -10.17 29.35 -11.09
C GLU B 624 -9.59 30.36 -10.11
N ARG B 625 -10.42 30.97 -9.26
CA ARG B 625 -9.95 31.98 -8.33
C ARG B 625 -9.61 31.41 -6.96
N LEU B 626 -10.24 30.31 -6.56
CA LEU B 626 -9.96 29.66 -5.29
C LEU B 626 -9.31 28.30 -5.56
N THR B 627 -8.13 28.09 -4.96
CA THR B 627 -7.36 26.87 -5.14
C THR B 627 -7.31 26.10 -3.82
N PRO B 628 -7.09 24.79 -3.87
CA PRO B 628 -7.17 23.99 -2.65
C PRO B 628 -5.83 23.95 -1.92
N ILE B 629 -5.90 24.01 -0.59
CA ILE B 629 -4.73 23.81 0.25
C ILE B 629 -4.36 22.33 0.14
N PRO B 630 -3.09 21.96 0.20
CA PRO B 630 -2.75 20.54 0.29
C PRO B 630 -3.48 19.89 1.44
N PRO B 631 -4.29 18.85 1.18
CA PRO B 631 -5.13 18.32 2.26
C PRO B 631 -4.33 17.82 3.45
N LEU B 632 -3.15 17.23 3.22
CA LEU B 632 -2.33 16.80 4.34
C LEU B 632 -1.92 17.98 5.21
N LEU B 633 -1.48 19.07 4.59
CA LEU B 633 -1.09 20.25 5.35
C LEU B 633 -2.28 20.83 6.11
N ALA B 634 -3.44 20.93 5.46
CA ALA B 634 -4.61 21.49 6.12
C ALA B 634 -5.03 20.64 7.31
N VAL B 635 -5.06 19.32 7.13
CA VAL B 635 -5.47 18.44 8.22
C VAL B 635 -4.47 18.51 9.37
N SER B 636 -3.17 18.52 9.05
CA SER B 636 -2.17 18.60 10.10
C SER B 636 -2.29 19.91 10.87
N ALA B 637 -2.50 21.02 10.17
CA ALA B 637 -2.64 22.31 10.83
C ALA B 637 -3.86 22.33 11.74
N LEU B 638 -4.99 21.84 11.23
CA LEU B 638 -6.21 21.80 12.05
C LEU B 638 -6.01 20.92 13.27
N HIS B 639 -5.41 19.75 13.09
CA HIS B 639 -5.21 18.85 14.22
C HIS B 639 -4.30 19.46 15.26
N GLN B 640 -3.20 20.08 14.84
CA GLN B 640 -2.28 20.69 15.80
C GLN B 640 -2.94 21.83 16.53
N HIS B 641 -3.71 22.67 15.83
CA HIS B 641 -4.39 23.78 16.48
C HIS B 641 -5.41 23.27 17.50
N LEU B 642 -6.18 22.25 17.12
CA LEU B 642 -7.17 21.69 18.03
C LEU B 642 -6.50 21.09 19.26
N ILE B 643 -5.40 20.35 19.07
CA ILE B 643 -4.70 19.77 20.20
C ILE B 643 -4.17 20.86 21.11
N ARG B 644 -3.60 21.92 20.54
CA ARG B 644 -3.02 22.98 21.35
C ARG B 644 -4.11 23.70 22.15
N LYS B 645 -5.26 23.96 21.54
CA LYS B 645 -6.34 24.66 22.24
C LYS B 645 -7.19 23.72 23.09
N GLY B 646 -6.93 22.42 23.06
CA GLY B 646 -7.63 21.51 23.95
C GLY B 646 -9.09 21.33 23.61
N LEU B 647 -9.38 21.20 22.31
CA LEU B 647 -10.74 20.95 21.85
C LEU B 647 -10.84 19.79 20.87
N ARG B 648 -9.74 19.08 20.59
CA ARG B 648 -9.79 17.98 19.62
C ARG B 648 -10.77 16.91 20.05
N THR B 649 -10.85 16.63 21.36
CA THR B 649 -11.74 15.59 21.85
C THR B 649 -13.20 15.92 21.63
N LYS B 650 -13.55 17.18 21.37
CA LYS B 650 -14.93 17.59 21.19
C LYS B 650 -15.40 17.53 19.75
N VAL B 651 -14.52 17.24 18.79
CA VAL B 651 -14.84 17.31 17.37
C VAL B 651 -14.41 16.02 16.69
N SER B 652 -14.76 15.91 15.41
CA SER B 652 -14.33 14.80 14.58
C SER B 652 -14.08 15.34 13.18
N ILE B 653 -12.85 15.22 12.69
CA ILE B 653 -12.44 15.86 11.44
C ILE B 653 -12.60 14.86 10.31
N ILE B 654 -13.65 15.00 9.52
CA ILE B 654 -13.83 14.23 8.30
C ILE B 654 -13.27 15.05 7.15
N VAL B 655 -12.63 14.36 6.19
CA VAL B 655 -11.93 15.00 5.09
C VAL B 655 -12.51 14.49 3.78
N GLU B 656 -12.78 15.42 2.86
CA GLU B 656 -13.28 15.12 1.52
C GLU B 656 -12.37 15.84 0.53
N SER B 657 -11.31 15.18 0.10
CA SER B 657 -10.35 15.74 -0.82
C SER B 657 -10.24 14.88 -2.07
N GLY B 658 -10.19 15.53 -3.23
CA GLY B 658 -10.09 14.79 -4.48
C GLY B 658 -8.80 13.99 -4.56
N GLU B 659 -7.69 14.58 -4.12
CA GLU B 659 -6.39 13.90 -4.18
C GLU B 659 -6.29 12.88 -3.06
N ALA B 660 -7.09 11.82 -3.20
CA ALA B 660 -7.03 10.68 -2.29
C ALA B 660 -7.42 9.44 -3.10
N ARG B 661 -6.40 8.76 -3.64
CA ARG B 661 -6.63 7.54 -4.41
C ARG B 661 -5.62 6.45 -4.11
N GLU B 662 -4.49 6.74 -3.46
CA GLU B 662 -3.50 5.74 -3.10
C GLU B 662 -3.61 5.41 -1.62
N VAL B 663 -3.25 4.16 -1.29
CA VAL B 663 -3.18 3.77 0.11
C VAL B 663 -2.19 4.64 0.85
N HIS B 664 -1.14 5.13 0.17
CA HIS B 664 -0.21 6.04 0.83
C HIS B 664 -0.91 7.32 1.27
N HIS B 665 -1.66 7.94 0.36
CA HIS B 665 -2.39 9.15 0.71
C HIS B 665 -3.39 8.89 1.82
N PHE B 666 -4.12 7.78 1.71
CA PHE B 666 -5.08 7.43 2.76
C PHE B 666 -4.41 7.31 4.11
N ALA B 667 -3.32 6.52 4.18
CA ALA B 667 -2.64 6.29 5.44
C ALA B 667 -2.08 7.58 6.00
N ALA B 668 -1.55 8.45 5.14
CA ALA B 668 -1.07 9.75 5.60
C ALA B 668 -2.20 10.55 6.25
N LEU B 669 -3.37 10.57 5.59
CA LEU B 669 -4.48 11.34 6.14
C LEU B 669 -4.93 10.80 7.49
N ILE B 670 -5.10 9.48 7.60
CA ILE B 670 -5.52 8.90 8.88
C ILE B 670 -4.46 9.15 9.94
N GLY B 671 -3.19 8.96 9.61
CA GLY B 671 -2.14 9.13 10.59
C GLY B 671 -2.05 10.56 11.09
N TYR B 672 -2.31 11.54 10.21
CA TYR B 672 -2.20 12.93 10.59
C TYR B 672 -3.52 13.56 11.01
N GLY B 673 -4.61 12.79 11.05
CA GLY B 673 -5.80 13.26 11.75
C GLY B 673 -7.16 12.96 11.13
N ALA B 674 -7.22 12.75 9.82
CA ALA B 674 -8.51 12.62 9.14
C ALA B 674 -9.32 11.47 9.72
N ASP B 675 -10.58 11.75 10.07
CA ASP B 675 -11.46 10.72 10.62
C ASP B 675 -11.98 9.79 9.55
N ALA B 676 -12.30 10.31 8.37
CA ALA B 676 -12.74 9.48 7.27
C ALA B 676 -12.46 10.20 5.97
N ILE B 677 -12.36 9.43 4.89
CA ILE B 677 -12.08 9.94 3.56
C ILE B 677 -13.23 9.55 2.64
N ASN B 678 -13.58 10.47 1.74
CA ASN B 678 -14.63 10.25 0.75
C ASN B 678 -14.04 10.53 -0.63
N PRO B 679 -13.39 9.54 -1.25
CA PRO B 679 -12.79 9.77 -2.56
C PRO B 679 -13.85 9.96 -3.64
N TYR B 680 -14.52 11.11 -3.59
CA TYR B 680 -15.58 11.40 -4.55
C TYR B 680 -15.04 11.46 -5.97
N LEU B 681 -13.82 11.96 -6.13
CA LEU B 681 -13.23 12.01 -7.47
C LEU B 681 -13.01 10.62 -8.02
N ALA B 682 -12.49 9.70 -7.20
CA ALA B 682 -12.31 8.33 -7.65
C ALA B 682 -13.64 7.67 -7.98
N TYR B 683 -14.65 7.92 -7.15
CA TYR B 683 -15.97 7.35 -7.42
C TYR B 683 -16.54 7.87 -8.73
N ALA B 684 -16.38 9.18 -8.98
CA ALA B 684 -16.85 9.75 -10.23
C ALA B 684 -16.09 9.17 -11.42
N THR B 685 -14.78 8.96 -11.26
CA THR B 685 -14.00 8.33 -12.33
C THR B 685 -14.51 6.93 -12.62
N TYR B 686 -14.81 6.15 -11.58
CA TYR B 686 -15.36 4.82 -11.80
C TYR B 686 -16.72 4.89 -12.48
N LYS B 687 -17.54 5.87 -12.10
CA LYS B 687 -18.83 6.06 -12.76
C LYS B 687 -18.63 6.33 -14.25
N GLN B 688 -17.67 7.21 -14.57
CA GLN B 688 -17.41 7.53 -15.97
C GLN B 688 -16.93 6.31 -16.74
N GLU B 689 -16.02 5.53 -16.15
CA GLU B 689 -15.52 4.33 -16.82
C GLU B 689 -16.63 3.32 -17.05
N ILE B 690 -17.48 3.10 -16.04
CA ILE B 690 -18.57 2.14 -16.18
C ILE B 690 -19.55 2.62 -17.26
N ASP B 691 -19.83 3.92 -17.29
CA ASP B 691 -20.69 4.47 -18.34
C ASP B 691 -20.08 4.24 -19.72
N GLU B 692 -18.77 4.46 -19.83
CA GLU B 692 -18.10 4.23 -21.12
C GLU B 692 -18.17 2.78 -21.54
N GLY B 693 -18.00 1.85 -20.60
CA GLY B 693 -18.11 0.43 -20.92
C GLY B 693 -17.05 -0.42 -20.25
N ARG B 694 -15.85 0.13 -20.05
CA ARG B 694 -14.79 -0.59 -19.37
C ARG B 694 -15.20 -0.88 -17.93
N LEU B 695 -14.62 -1.90 -17.32
CA LEU B 695 -14.92 -2.26 -15.93
C LEU B 695 -16.41 -2.58 -15.78
N ASP B 696 -16.79 -3.68 -16.44
CA ASP B 696 -18.21 -4.03 -16.56
C ASP B 696 -18.91 -4.23 -15.23
N ILE B 697 -18.17 -4.49 -14.15
CA ILE B 697 -18.76 -4.71 -12.83
C ILE B 697 -19.64 -3.53 -12.47
N SER B 698 -20.66 -3.77 -11.64
CA SER B 698 -21.62 -2.74 -11.30
C SER B 698 -20.99 -1.65 -10.45
N TYR B 699 -21.64 -0.50 -10.41
CA TYR B 699 -21.10 0.66 -9.70
C TYR B 699 -21.01 0.40 -8.20
N GLU B 700 -22.08 -0.14 -7.61
CA GLU B 700 -22.06 -0.39 -6.17
C GLU B 700 -21.01 -1.43 -5.80
N GLU B 701 -20.91 -2.50 -6.59
CA GLU B 701 -19.90 -3.51 -6.32
C GLU B 701 -18.49 -2.93 -6.46
N ALA B 702 -18.28 -2.09 -7.47
CA ALA B 702 -16.98 -1.46 -7.64
C ALA B 702 -16.64 -0.58 -6.45
N VAL B 703 -17.61 0.20 -5.97
CA VAL B 703 -17.36 1.06 -4.81
C VAL B 703 -17.02 0.24 -3.59
N SER B 704 -17.78 -0.83 -3.35
CA SER B 704 -17.52 -1.68 -2.18
C SER B 704 -16.14 -2.33 -2.28
N LYS B 705 -15.78 -2.82 -3.47
CA LYS B 705 -14.48 -3.46 -3.64
C LYS B 705 -13.36 -2.47 -3.44
N TYR B 706 -13.51 -1.25 -3.96
CA TYR B 706 -12.48 -0.22 -3.76
C TYR B 706 -12.32 0.11 -2.28
N GLY B 707 -13.44 0.25 -1.56
CA GLY B 707 -13.35 0.53 -0.14
C GLY B 707 -12.66 -0.59 0.61
N LYS B 708 -13.03 -1.84 0.31
CA LYS B 708 -12.38 -2.97 0.98
C LYS B 708 -10.90 -3.03 0.68
N SER B 709 -10.52 -2.80 -0.58
CA SER B 709 -9.10 -2.84 -0.94
C SER B 709 -8.33 -1.73 -0.26
N ILE B 710 -8.91 -0.53 -0.18
CA ILE B 710 -8.21 0.57 0.49
C ILE B 710 -8.06 0.27 1.97
N THR B 711 -9.07 -0.31 2.60
CA THR B 711 -8.95 -0.68 4.00
C THR B 711 -7.88 -1.75 4.19
N GLU B 712 -7.81 -2.72 3.28
CA GLU B 712 -6.77 -3.73 3.35
C GLU B 712 -5.38 -3.10 3.23
N GLY B 713 -5.24 -2.14 2.30
CA GLY B 713 -3.97 -1.46 2.17
C GLY B 713 -3.60 -0.67 3.41
N VAL B 714 -4.57 -0.01 4.03
CA VAL B 714 -4.30 0.72 5.26
C VAL B 714 -3.84 -0.24 6.35
N VAL B 715 -4.48 -1.41 6.43
CA VAL B 715 -4.07 -2.42 7.41
C VAL B 715 -2.65 -2.88 7.12
N LYS B 716 -2.31 -3.04 5.84
CA LYS B 716 -0.95 -3.45 5.48
C LYS B 716 0.07 -2.40 5.90
N VAL B 717 -0.25 -1.12 5.66
CA VAL B 717 0.66 -0.05 6.04
C VAL B 717 0.83 -0.02 7.56
N MET B 718 -0.27 -0.25 8.29
CA MET B 718 -0.18 -0.34 9.74
C MET B 718 0.72 -1.50 10.16
N SER B 719 0.52 -2.67 9.55
CA SER B 719 1.31 -3.84 9.88
C SER B 719 2.79 -3.62 9.59
N LYS B 720 3.10 -2.81 8.58
CA LYS B 720 4.50 -2.50 8.28
C LYS B 720 5.19 -1.93 9.51
N MET B 721 4.57 -0.94 10.16
CA MET B 721 5.16 -0.34 11.35
C MET B 721 5.03 -1.22 12.58
N GLY B 722 3.90 -1.92 12.72
CA GLY B 722 3.61 -2.73 13.90
C GLY B 722 2.44 -2.24 14.71
N ILE B 723 1.93 -1.03 14.44
CA ILE B 723 0.73 -0.56 15.12
C ILE B 723 -0.46 -1.37 14.61
N SER B 724 -1.08 -2.14 15.50
CA SER B 724 -2.13 -3.07 15.12
C SER B 724 -3.53 -2.49 15.28
N THR B 725 -3.66 -1.22 15.66
CA THR B 725 -4.97 -0.60 15.85
C THR B 725 -5.04 0.70 15.04
N VAL B 726 -6.09 0.82 14.23
CA VAL B 726 -6.29 2.05 13.47
C VAL B 726 -6.46 3.23 14.41
N GLN B 727 -7.12 3.01 15.55
CA GLN B 727 -7.30 4.08 16.51
C GLN B 727 -5.95 4.61 17.01
N SER B 728 -5.00 3.71 17.28
CA SER B 728 -3.69 4.14 17.73
C SER B 728 -2.92 4.81 16.60
N TYR B 729 -2.91 4.19 15.41
CA TYR B 729 -2.23 4.79 14.27
C TYR B 729 -2.76 6.17 13.97
N ARG B 730 -4.06 6.41 14.21
CA ARG B 730 -4.73 7.70 13.88
C ARG B 730 -3.97 8.85 14.56
N GLY B 731 -3.77 8.80 15.87
CA GLY B 731 -2.94 9.77 16.54
C GLY B 731 -1.48 9.67 16.15
N ALA B 732 -0.98 8.44 15.98
CA ALA B 732 0.43 8.26 15.70
C ALA B 732 0.83 8.97 14.41
N GLN B 733 1.95 9.70 14.48
CA GLN B 733 2.55 10.37 13.34
C GLN B 733 3.79 9.57 12.96
N ILE B 734 3.63 8.67 11.99
CA ILE B 734 4.69 7.73 11.63
C ILE B 734 5.30 8.08 10.27
N PHE B 735 5.32 9.36 9.91
CA PHE B 735 5.90 9.81 8.65
C PHE B 735 7.11 10.69 8.93
N GLU B 736 8.01 10.71 7.95
CA GLU B 736 9.27 11.46 8.04
C GLU B 736 9.35 12.36 6.81
N ALA B 737 9.04 13.65 6.99
CA ALA B 737 9.13 14.59 5.90
C ALA B 737 10.56 14.69 5.39
N VAL B 738 10.71 14.66 4.07
CA VAL B 738 12.01 14.73 3.41
C VAL B 738 11.96 15.95 2.48
N GLY B 739 12.45 17.08 2.97
CA GLY B 739 12.46 18.31 2.22
C GLY B 739 11.54 19.40 2.72
N ILE B 740 11.12 19.35 3.98
CA ILE B 740 10.26 20.38 4.56
C ILE B 740 11.06 21.11 5.64
N SER B 741 10.93 22.43 5.66
CA SER B 741 11.74 23.25 6.56
C SER B 741 11.44 22.92 8.02
N ARG B 742 12.47 23.07 8.86
CA ARG B 742 12.30 22.80 10.29
C ARG B 742 11.25 23.72 10.90
N ASP B 743 11.23 25.00 10.49
CA ASP B 743 10.25 25.92 11.02
C ASP B 743 8.83 25.48 10.66
N VAL B 744 8.61 25.08 9.41
CA VAL B 744 7.30 24.61 8.99
C VAL B 744 6.91 23.35 9.76
N ILE B 745 7.87 22.43 9.92
CA ILE B 745 7.58 21.20 10.65
C ILE B 745 7.17 21.52 12.08
N ASP B 746 7.91 22.42 12.75
CA ASP B 746 7.56 22.78 14.12
C ASP B 746 6.19 23.45 14.17
N ARG B 747 5.89 24.29 13.19
CA ARG B 747 4.63 25.03 13.20
C ARG B 747 3.43 24.11 13.01
N TYR B 748 3.48 23.24 12.00
CA TYR B 748 2.31 22.49 11.56
C TYR B 748 2.42 20.99 11.75
N PHE B 749 3.62 20.42 11.62
CA PHE B 749 3.82 18.98 11.74
C PHE B 749 4.69 18.63 12.94
N SER B 750 4.42 19.26 14.08
CA SER B 750 5.26 19.10 15.26
C SER B 750 5.37 17.62 15.64
N GLY B 751 6.60 17.19 15.92
CA GLY B 751 6.91 15.81 16.20
C GLY B 751 7.44 15.03 15.02
N THR B 752 7.21 15.52 13.80
CA THR B 752 7.74 14.86 12.61
C THR B 752 9.25 15.09 12.52
N ALA B 753 9.94 14.11 11.94
CA ALA B 753 11.39 14.15 11.80
C ALA B 753 11.76 14.65 10.41
N SER B 754 12.65 15.65 10.36
CA SER B 754 13.15 16.18 9.10
C SER B 754 14.62 16.50 9.27
N GLN B 755 15.42 16.18 8.25
CA GLN B 755 16.87 16.30 8.33
C GLN B 755 17.40 17.55 7.65
N LEU B 756 16.98 17.80 6.41
CA LEU B 756 17.57 18.84 5.58
C LEU B 756 16.74 20.12 5.55
N GLY B 757 15.70 20.22 6.37
CA GLY B 757 14.77 21.32 6.18
C GLY B 757 14.17 21.21 4.80
N GLY B 758 14.17 22.33 4.06
CA GLY B 758 13.79 22.30 2.66
C GLY B 758 12.83 23.41 2.25
N ILE B 759 11.84 23.04 1.43
CA ILE B 759 10.93 24.04 0.88
C ILE B 759 10.11 24.69 2.00
N ASP B 760 9.48 25.80 1.67
CA ASP B 760 8.72 26.61 2.63
C ASP B 760 7.27 26.69 2.20
N LEU B 761 6.47 27.35 3.04
CA LEU B 761 5.04 27.50 2.76
C LEU B 761 4.82 28.28 1.46
N GLN B 762 5.64 29.31 1.22
CA GLN B 762 5.49 30.07 -0.01
C GLN B 762 5.77 29.20 -1.23
N THR B 763 6.81 28.37 -1.17
CA THR B 763 7.11 27.49 -2.28
C THR B 763 5.99 26.47 -2.50
N ILE B 764 5.44 25.92 -1.43
CA ILE B 764 4.33 24.97 -1.57
C ILE B 764 3.14 25.66 -2.21
N ALA B 765 2.84 26.89 -1.78
CA ALA B 765 1.73 27.63 -2.36
C ALA B 765 1.96 27.90 -3.84
N GLU B 766 3.19 28.28 -4.21
CA GLU B 766 3.50 28.54 -5.61
C GLU B 766 3.33 27.28 -6.44
N GLU B 767 3.79 26.14 -5.93
CA GLU B 767 3.61 24.88 -6.64
C GLU B 767 2.14 24.56 -6.85
N ALA B 768 1.34 24.69 -5.78
CA ALA B 768 -0.09 24.39 -5.89
C ALA B 768 -0.77 25.32 -6.88
N GLN B 769 -0.44 26.61 -6.83
CA GLN B 769 -1.03 27.57 -7.75
C GLN B 769 -0.65 27.28 -9.18
N ARG B 770 0.62 26.91 -9.42
CA ARG B 770 1.05 26.57 -10.77
C ARG B 770 0.24 25.39 -11.30
N ARG B 771 0.12 24.32 -10.49
CA ARG B 771 -0.62 23.15 -10.94
C ARG B 771 -2.07 23.51 -11.23
N HIS B 772 -2.70 24.26 -10.33
CA HIS B 772 -4.11 24.61 -10.50
C HIS B 772 -4.31 25.45 -11.75
N ARG B 773 -3.44 26.44 -11.97
CA ARG B 773 -3.58 27.31 -13.13
C ARG B 773 -3.40 26.54 -14.43
N GLU B 774 -2.40 25.67 -14.49
CA GLU B 774 -2.21 24.88 -15.71
C GLU B 774 -3.43 23.99 -15.98
N ALA B 775 -3.90 23.31 -14.93
CA ALA B 775 -5.01 22.38 -15.10
C ALA B 775 -6.28 23.10 -15.54
N TYR B 776 -6.57 24.25 -14.93
CA TYR B 776 -7.76 24.98 -15.34
C TYR B 776 -7.55 25.78 -16.62
N GLN B 777 -6.32 25.90 -17.11
CA GLN B 777 -6.14 26.46 -18.45
C GLN B 777 -6.47 25.40 -19.49
N ASP B 778 -5.62 24.36 -19.58
CA ASP B 778 -5.91 23.14 -20.33
C ASP B 778 -6.77 23.36 -21.59
N ASP B 779 -6.42 24.33 -22.43
CA ASP B 779 -7.28 24.72 -23.55
C ASP B 779 -6.80 24.13 -24.88
N TYR B 780 -6.25 22.91 -24.87
CA TYR B 780 -5.75 22.33 -26.11
C TYR B 780 -6.30 20.94 -26.40
N SER B 781 -6.51 20.11 -25.38
CA SER B 781 -6.90 18.72 -25.59
C SER B 781 -7.79 18.26 -24.45
N LYS B 782 -8.43 17.12 -24.67
CA LYS B 782 -9.35 16.51 -23.71
C LYS B 782 -8.83 15.17 -23.21
N THR B 783 -7.53 15.09 -22.94
CA THR B 783 -6.90 13.85 -22.51
C THR B 783 -5.95 14.13 -21.34
N LEU B 784 -5.73 13.10 -20.53
CA LEU B 784 -4.83 13.17 -19.40
C LEU B 784 -3.42 12.79 -19.83
N GLU B 785 -2.45 13.62 -19.49
CA GLU B 785 -1.08 13.34 -19.88
C GLU B 785 -0.62 12.04 -19.22
N PRO B 786 0.19 11.23 -19.91
CA PRO B 786 0.59 9.93 -19.34
C PRO B 786 1.47 10.10 -18.12
N GLY B 787 1.23 9.26 -17.11
CA GLY B 787 2.02 9.30 -15.91
C GLY B 787 3.41 8.71 -16.11
N SER B 788 4.30 9.05 -15.17
CA SER B 788 5.67 8.57 -15.22
C SER B 788 6.18 8.19 -13.84
N ASP B 789 5.29 7.74 -12.96
CA ASP B 789 5.70 7.36 -11.61
C ASP B 789 6.31 5.96 -11.59
N PHE B 790 5.72 5.02 -12.33
CA PHE B 790 6.11 3.62 -12.30
C PHE B 790 6.56 3.12 -13.68
N GLN B 791 6.63 4.02 -14.65
CA GLN B 791 7.12 3.68 -15.98
C GLN B 791 7.71 4.94 -16.59
N TRP B 792 8.56 4.75 -17.59
CA TRP B 792 9.23 5.85 -18.27
C TRP B 792 8.53 6.16 -19.57
N ARG B 793 8.12 7.41 -19.73
CA ARG B 793 7.52 7.89 -20.97
C ARG B 793 8.24 9.16 -21.37
N ASN B 794 8.62 9.26 -22.64
CA ASN B 794 9.43 10.38 -23.11
C ASN B 794 8.73 11.70 -22.81
N GLY B 795 9.48 12.64 -22.25
CA GLY B 795 8.93 13.92 -21.83
C GLY B 795 8.33 13.91 -20.44
N GLY B 796 8.31 12.76 -19.76
CA GLY B 796 7.77 12.66 -18.42
C GLY B 796 8.84 12.87 -17.36
N GLU B 797 8.50 12.44 -16.15
CA GLU B 797 9.43 12.56 -15.03
C GLU B 797 10.69 11.76 -15.31
N HIS B 798 11.85 12.36 -15.04
CA HIS B 798 13.12 11.70 -15.29
C HIS B 798 13.30 10.51 -14.36
N HIS B 799 13.97 9.48 -14.88
CA HIS B 799 14.28 8.27 -14.13
C HIS B 799 15.77 8.00 -14.20
N ALA B 800 16.27 7.29 -13.19
CA ALA B 800 17.70 7.01 -13.13
C ALA B 800 18.14 6.16 -14.31
N PHE B 801 17.36 5.13 -14.66
CA PHE B 801 17.68 4.22 -15.75
C PHE B 801 16.80 4.57 -16.94
N ASN B 802 17.24 5.54 -17.71
CA ASN B 802 16.61 5.87 -18.99
C ASN B 802 17.20 5.01 -20.10
N PRO B 803 16.50 4.86 -21.22
CA PRO B 803 17.03 4.02 -22.31
C PRO B 803 18.40 4.43 -22.78
N LYS B 804 18.69 5.74 -22.79
CA LYS B 804 20.01 6.20 -23.18
C LYS B 804 21.08 5.57 -22.30
N THR B 805 20.94 5.71 -20.98
CA THR B 805 21.91 5.13 -20.06
C THR B 805 21.95 3.61 -20.21
N ILE B 806 20.79 2.97 -20.34
CA ILE B 806 20.74 1.52 -20.38
C ILE B 806 21.54 1.00 -21.56
N HIS B 807 21.26 1.50 -22.78
CA HIS B 807 21.92 0.88 -23.92
C HIS B 807 23.36 1.37 -24.04
N THR B 808 23.67 2.57 -23.57
CA THR B 808 25.07 2.98 -23.54
C THR B 808 25.88 2.07 -22.63
N LEU B 809 25.36 1.77 -21.45
CA LEU B 809 26.05 0.87 -20.53
C LEU B 809 26.20 -0.51 -21.15
N GLN B 810 25.13 -1.03 -21.76
CA GLN B 810 25.21 -2.36 -22.35
C GLN B 810 26.24 -2.41 -23.48
N TRP B 811 26.23 -1.41 -24.35
CA TRP B 811 27.18 -1.37 -25.45
C TRP B 811 28.62 -1.28 -24.95
N ALA B 812 28.86 -0.40 -23.97
CA ALA B 812 30.20 -0.26 -23.44
C ALA B 812 30.68 -1.56 -22.81
N CYS B 813 29.80 -2.21 -22.03
CA CYS B 813 30.19 -3.44 -21.36
C CYS B 813 30.46 -4.56 -22.36
N ARG B 814 29.67 -4.65 -23.43
CA ARG B 814 29.86 -5.70 -24.41
C ARG B 814 31.07 -5.44 -25.30
N ARG B 815 31.43 -4.18 -25.52
CA ARG B 815 32.56 -3.86 -26.38
C ARG B 815 33.89 -3.76 -25.62
N ASN B 816 33.85 -3.63 -24.30
CA ASN B 816 35.05 -3.39 -23.51
C ASN B 816 35.70 -2.05 -23.83
N ASP B 817 34.92 -1.09 -24.33
CA ASP B 817 35.41 0.22 -24.68
C ASP B 817 35.23 1.16 -23.51
N TYR B 818 36.21 2.04 -23.29
CA TYR B 818 36.19 2.93 -22.14
C TYR B 818 35.51 4.27 -22.45
N ASN B 819 35.63 4.76 -23.68
CA ASN B 819 34.99 6.02 -24.03
C ASN B 819 33.46 5.92 -23.93
N LEU B 820 32.90 4.80 -24.39
CA LEU B 820 31.45 4.61 -24.28
C LEU B 820 31.01 4.57 -22.83
N PHE B 821 31.78 3.90 -21.97
CA PHE B 821 31.45 3.86 -20.55
C PHE B 821 31.53 5.25 -19.94
N LYS B 822 32.54 6.04 -20.33
CA LYS B 822 32.64 7.41 -19.82
C LYS B 822 31.44 8.24 -20.26
N GLN B 823 31.00 8.07 -21.51
CA GLN B 823 29.81 8.76 -21.98
C GLN B 823 28.59 8.33 -21.16
N TYR B 824 28.48 7.04 -20.86
CA TYR B 824 27.38 6.57 -20.03
C TYR B 824 27.40 7.20 -18.65
N THR B 825 28.59 7.28 -18.04
CA THR B 825 28.71 7.90 -16.72
C THR B 825 28.29 9.37 -16.77
N LYS B 826 28.75 10.09 -17.80
CA LYS B 826 28.39 11.49 -17.94
C LYS B 826 26.88 11.64 -18.08
N ALA B 827 26.27 10.83 -18.94
CA ALA B 827 24.83 10.93 -19.15
C ALA B 827 24.06 10.61 -17.86
N ALA B 828 24.49 9.58 -17.14
CA ALA B 828 23.81 9.19 -15.92
C ALA B 828 23.92 10.27 -14.85
N ASP B 829 25.08 10.90 -14.74
CA ASP B 829 25.32 11.84 -13.64
C ASP B 829 24.79 13.24 -13.97
N GLU B 830 25.32 13.85 -15.03
CA GLU B 830 24.98 15.24 -15.32
C GLU B 830 23.65 15.31 -16.08
N GLU B 831 23.28 16.53 -16.47
CA GLU B 831 22.11 16.88 -17.27
C GLU B 831 20.81 16.87 -16.46
N ARG B 832 20.81 16.38 -15.22
CA ARG B 832 19.61 16.35 -14.40
C ARG B 832 20.02 16.21 -12.94
N ILE B 833 19.05 16.42 -12.06
CA ILE B 833 19.20 16.19 -10.63
C ILE B 833 18.49 14.88 -10.32
N GLY B 834 19.25 13.85 -10.00
CA GLY B 834 18.69 12.54 -9.73
C GLY B 834 18.56 12.23 -8.25
N PHE B 835 19.61 12.49 -7.48
CA PHE B 835 19.66 12.12 -6.08
C PHE B 835 20.36 13.22 -5.29
N LEU B 836 20.38 13.05 -3.96
CA LEU B 836 21.05 14.02 -3.11
C LEU B 836 22.53 14.10 -3.42
N ARG B 837 23.16 12.95 -3.65
CA ARG B 837 24.59 12.88 -3.91
C ARG B 837 25.01 13.64 -5.16
N ASN B 838 24.09 13.94 -6.07
CA ASN B 838 24.41 14.75 -7.24
C ASN B 838 24.55 16.24 -6.91
N LEU B 839 24.18 16.64 -5.70
CA LEU B 839 24.33 18.03 -5.26
C LEU B 839 25.71 18.33 -4.68
N PHE B 840 26.57 17.33 -4.54
CA PHE B 840 27.90 17.51 -4.00
C PHE B 840 28.91 17.62 -5.13
N ALA B 841 29.86 18.54 -4.96
CA ALA B 841 30.91 18.75 -5.96
C ALA B 841 32.24 18.94 -5.23
N PHE B 842 33.32 18.64 -5.96
CA PHE B 842 34.66 18.77 -5.41
C PHE B 842 35.09 20.23 -5.42
N ASP B 843 35.96 20.58 -4.47
CA ASP B 843 36.50 21.94 -4.44
C ASP B 843 37.33 22.23 -5.67
N GLY B 844 38.13 21.26 -6.12
CA GLY B 844 38.92 21.40 -7.32
C GLY B 844 40.28 22.04 -7.15
N ASN B 845 40.63 22.47 -5.93
CA ASN B 845 41.91 23.11 -5.67
C ASN B 845 42.67 22.23 -4.67
N ARG B 846 43.37 21.24 -5.18
CA ARG B 846 44.17 20.31 -4.38
C ARG B 846 45.39 19.92 -5.20
N LYS B 847 46.06 18.83 -4.79
CA LYS B 847 47.26 18.36 -5.47
C LYS B 847 46.95 17.05 -6.19
N PRO B 848 46.71 17.07 -7.50
CA PRO B 848 46.49 15.80 -8.21
C PRO B 848 47.74 14.92 -8.19
N LEU B 849 47.51 13.61 -8.23
CA LEU B 849 48.58 12.63 -8.24
C LEU B 849 48.42 11.73 -9.44
N LYS B 850 49.55 11.23 -9.95
CA LYS B 850 49.54 10.43 -11.17
C LYS B 850 48.80 9.12 -10.96
N LEU B 851 48.22 8.61 -12.05
CA LEU B 851 47.45 7.37 -11.98
C LEU B 851 48.29 6.19 -11.55
N GLU B 852 49.61 6.24 -11.74
CA GLU B 852 50.50 5.16 -11.36
C GLU B 852 50.94 5.23 -9.91
N GLU B 853 50.51 6.25 -9.16
CA GLU B 853 50.90 6.42 -7.77
C GLU B 853 49.80 6.06 -6.79
N VAL B 854 48.59 5.76 -7.25
CA VAL B 854 47.48 5.48 -6.37
C VAL B 854 47.26 3.98 -6.30
N GLU B 855 46.45 3.57 -5.32
CA GLU B 855 46.10 2.17 -5.14
C GLU B 855 45.53 1.59 -6.43
N SER B 856 45.65 0.27 -6.59
CA SER B 856 45.40 -0.40 -7.85
C SER B 856 43.96 -0.89 -7.96
N ALA B 857 43.59 -1.25 -9.19
CA ALA B 857 42.21 -1.70 -9.45
C ALA B 857 41.94 -3.06 -8.81
N GLU B 858 42.97 -3.91 -8.73
CA GLU B 858 42.79 -5.18 -8.03
C GLU B 858 42.46 -4.94 -6.56
N SER B 859 43.07 -3.93 -5.96
CA SER B 859 42.70 -3.55 -4.60
C SER B 859 41.32 -2.92 -4.55
N ILE B 860 40.94 -2.20 -5.61
CA ILE B 860 39.62 -1.58 -5.65
C ILE B 860 38.53 -2.65 -5.62
N VAL B 861 38.64 -3.65 -6.48
CA VAL B 861 37.53 -4.56 -6.75
C VAL B 861 37.23 -5.51 -5.60
N LYS B 862 38.10 -5.59 -4.59
CA LYS B 862 37.84 -6.47 -3.46
C LYS B 862 36.80 -5.93 -2.50
N ARG B 863 36.34 -4.68 -2.68
CA ARG B 863 35.38 -4.05 -1.78
C ARG B 863 34.00 -3.91 -2.43
N PHE B 864 33.61 -4.86 -3.28
CA PHE B 864 32.33 -4.83 -3.96
C PHE B 864 31.52 -6.08 -3.62
N LYS B 865 30.20 -5.94 -3.73
CA LYS B 865 29.28 -7.04 -3.47
C LYS B 865 28.18 -7.01 -4.53
N THR B 866 27.52 -8.16 -4.71
CA THR B 866 26.47 -8.28 -5.70
C THR B 866 25.08 -8.05 -5.14
N GLY B 867 24.94 -7.94 -3.82
CA GLY B 867 23.63 -7.79 -3.21
C GLY B 867 22.84 -9.07 -3.26
N ALA B 868 21.90 -9.23 -2.32
CA ALA B 868 21.09 -10.45 -2.27
C ALA B 868 20.29 -10.61 -3.56
N MET B 869 20.30 -11.83 -4.10
CA MET B 869 19.64 -12.14 -5.36
C MET B 869 18.82 -13.41 -5.13
N SER B 870 17.50 -13.27 -5.03
CA SER B 870 16.65 -14.42 -4.77
C SER B 870 16.72 -15.41 -5.92
N PHE B 871 16.96 -16.68 -5.60
CA PHE B 871 17.01 -17.70 -6.64
C PHE B 871 15.65 -17.88 -7.30
N GLY B 872 14.57 -17.74 -6.53
CA GLY B 872 13.24 -17.80 -7.14
C GLY B 872 13.00 -16.67 -8.11
N SER B 873 13.41 -15.45 -7.75
CA SER B 873 13.22 -14.30 -8.63
C SER B 873 14.06 -14.42 -9.88
N LEU B 874 15.33 -14.80 -9.74
CA LEU B 874 16.22 -14.93 -10.88
C LEU B 874 16.15 -16.33 -11.47
N SER B 875 16.80 -16.49 -12.61
CA SER B 875 17.00 -17.80 -13.22
C SER B 875 18.34 -18.39 -12.77
N LYS B 876 18.45 -19.71 -12.92
CA LYS B 876 19.68 -20.39 -12.52
C LYS B 876 20.87 -19.88 -13.32
N GLU B 877 20.69 -19.68 -14.63
CA GLU B 877 21.79 -19.20 -15.47
C GLU B 877 22.26 -17.83 -15.01
N ALA B 878 21.32 -16.90 -14.77
CA ALA B 878 21.70 -15.57 -14.33
C ALA B 878 22.40 -15.61 -12.97
N HIS B 879 21.86 -16.39 -12.03
CA HIS B 879 22.45 -16.45 -10.70
C HIS B 879 23.86 -17.01 -10.76
N GLU B 880 24.05 -18.10 -11.51
CA GLU B 880 25.38 -18.69 -11.61
C GLU B 880 26.34 -17.75 -12.33
N ALA B 881 25.85 -17.01 -13.32
CA ALA B 881 26.72 -16.05 -14.01
C ALA B 881 27.18 -14.97 -13.05
N LEU B 882 26.26 -14.43 -12.24
CA LEU B 882 26.64 -13.42 -11.25
C LEU B 882 27.69 -13.98 -10.29
N ALA B 883 27.42 -15.17 -9.74
CA ALA B 883 28.33 -15.74 -8.76
C ALA B 883 29.70 -16.00 -9.37
N ILE B 884 29.74 -16.56 -10.58
CA ILE B 884 31.01 -16.87 -11.23
C ILE B 884 31.79 -15.60 -11.50
N ALA B 885 31.09 -14.58 -12.02
CA ALA B 885 31.78 -13.31 -12.33
C ALA B 885 32.40 -12.72 -11.07
N MET B 886 31.63 -12.64 -9.99
CA MET B 886 32.15 -12.00 -8.79
C MET B 886 33.26 -12.83 -8.15
N ASN B 887 33.11 -14.16 -8.13
CA ASN B 887 34.15 -15.00 -7.56
C ASN B 887 35.44 -14.90 -8.36
N ARG B 888 35.34 -14.88 -9.70
CA ARG B 888 36.52 -14.71 -10.52
C ARG B 888 37.17 -13.35 -10.28
N LEU B 889 36.36 -12.31 -10.15
CA LEU B 889 36.90 -10.98 -9.88
C LEU B 889 37.57 -10.93 -8.52
N GLY B 890 37.12 -11.76 -7.58
CA GLY B 890 37.68 -11.78 -6.24
C GLY B 890 36.89 -11.02 -5.20
N GLY B 891 35.69 -10.54 -5.53
CA GLY B 891 34.86 -9.85 -4.57
C GLY B 891 34.12 -10.81 -3.65
N LYS B 892 32.86 -10.52 -3.37
CA LYS B 892 32.03 -11.38 -2.53
C LYS B 892 30.64 -11.44 -3.12
N SER B 893 30.30 -12.58 -3.73
CA SER B 893 28.97 -12.77 -4.29
C SER B 893 27.97 -12.93 -3.14
N ASN B 894 26.71 -13.17 -3.47
CA ASN B 894 25.67 -13.30 -2.46
C ASN B 894 24.61 -14.29 -2.94
N SER B 895 23.96 -14.92 -1.99
CA SER B 895 22.87 -15.86 -2.24
C SER B 895 21.62 -15.35 -1.55
N GLY B 896 20.50 -15.38 -2.26
CA GLY B 896 19.26 -14.85 -1.73
C GLY B 896 18.66 -15.76 -0.66
N GLU B 897 17.49 -15.34 -0.19
CA GLU B 897 16.80 -16.07 0.87
C GLU B 897 16.33 -17.45 0.42
N GLY B 898 16.34 -17.74 -0.88
CA GLY B 898 15.86 -19.01 -1.39
C GLY B 898 16.88 -20.14 -1.27
N GLY B 899 17.83 -20.02 -0.35
CA GLY B 899 18.77 -21.09 -0.15
C GLY B 899 19.68 -21.27 -1.36
N GLU B 900 20.26 -22.46 -1.45
CA GLU B 900 21.16 -22.80 -2.55
C GLU B 900 21.35 -24.30 -2.60
N ASP B 901 21.37 -24.85 -3.81
CA ASP B 901 21.61 -26.28 -3.97
C ASP B 901 23.02 -26.61 -3.49
N PRO B 902 23.19 -27.59 -2.60
CA PRO B 902 24.55 -27.91 -2.12
C PRO B 902 25.52 -28.34 -3.22
N LYS B 903 25.04 -28.61 -4.44
CA LYS B 903 25.92 -29.01 -5.52
C LYS B 903 26.87 -27.89 -5.95
N ARG B 904 26.62 -26.65 -5.53
CA ARG B 904 27.44 -25.51 -5.94
C ARG B 904 28.63 -25.27 -5.04
N PHE B 905 28.88 -26.12 -4.05
CA PHE B 905 29.97 -25.93 -3.12
C PHE B 905 31.28 -26.57 -3.57
N VAL B 906 31.32 -27.12 -4.78
CA VAL B 906 32.53 -27.73 -5.32
C VAL B 906 32.90 -27.05 -6.63
N PRO B 907 34.11 -26.55 -6.81
CA PRO B 907 34.48 -25.96 -8.12
C PRO B 907 34.41 -27.00 -9.23
N ASP B 908 34.04 -26.53 -10.42
CA ASP B 908 33.94 -27.39 -11.58
C ASP B 908 35.33 -27.66 -12.16
N GLU B 909 35.39 -28.62 -13.08
CA GLU B 909 36.66 -28.97 -13.70
C GLU B 909 37.26 -27.78 -14.46
N ASN B 910 36.39 -26.94 -15.04
CA ASN B 910 36.87 -25.78 -15.79
C ASN B 910 37.41 -24.68 -14.89
N GLY B 911 37.22 -24.79 -13.57
CA GLY B 911 37.71 -23.79 -12.63
C GLY B 911 36.65 -22.85 -12.10
N ASP B 912 35.43 -22.90 -12.64
CA ASP B 912 34.36 -22.03 -12.17
C ASP B 912 33.98 -22.40 -10.74
N ASP B 913 33.69 -21.38 -9.93
CA ASP B 913 33.30 -21.56 -8.53
C ASP B 913 31.98 -20.81 -8.33
N ARG B 914 30.88 -21.56 -8.24
CA ARG B 914 29.55 -20.99 -8.09
C ARG B 914 29.18 -20.74 -6.62
N ARG B 915 30.08 -21.00 -5.69
CA ARG B 915 29.80 -20.80 -4.28
C ARG B 915 29.60 -19.32 -3.98
N SER B 916 28.64 -19.02 -3.09
CA SER B 916 28.33 -17.66 -2.71
C SER B 916 29.00 -17.33 -1.38
N ALA B 917 29.73 -16.22 -1.35
CA ALA B 917 30.47 -15.84 -0.15
C ALA B 917 29.60 -15.19 0.91
N ILE B 918 28.41 -14.71 0.56
CA ILE B 918 27.52 -14.05 1.49
C ILE B 918 26.23 -14.87 1.53
N LYS B 919 26.06 -15.65 2.60
CA LYS B 919 24.84 -16.43 2.80
C LYS B 919 23.85 -15.59 3.60
N GLN B 920 22.66 -15.42 3.07
CA GLN B 920 21.65 -14.57 3.69
C GLN B 920 20.74 -15.40 4.59
N ILE B 921 20.38 -14.83 5.74
CA ILE B 921 19.49 -15.47 6.70
C ILE B 921 18.26 -14.58 6.79
N ALA B 922 17.24 -14.88 6.00
CA ALA B 922 16.04 -14.08 5.94
C ALA B 922 14.99 -14.59 6.92
N SER B 923 13.82 -13.94 6.92
CA SER B 923 12.75 -14.36 7.82
C SER B 923 12.26 -15.76 7.49
N GLY B 924 12.32 -16.14 6.21
CA GLY B 924 11.83 -17.46 5.83
C GLY B 924 12.64 -18.59 6.43
N ARG B 925 13.95 -18.42 6.52
CA ARG B 925 14.85 -19.48 6.97
C ARG B 925 14.65 -20.74 6.12
N PHE B 926 14.50 -20.54 4.82
CA PHE B 926 14.18 -21.63 3.90
C PHE B 926 15.28 -22.68 3.88
N GLY B 927 16.47 -22.29 3.42
CA GLY B 927 17.58 -23.20 3.25
C GLY B 927 18.56 -23.23 4.39
N VAL B 928 18.20 -22.69 5.56
CA VAL B 928 19.13 -22.67 6.68
C VAL B 928 19.40 -24.09 7.15
N LYS B 929 20.67 -24.46 7.18
CA LYS B 929 21.08 -25.80 7.57
C LYS B 929 22.51 -25.73 8.09
N SER B 930 22.92 -26.80 8.77
CA SER B 930 24.28 -26.85 9.29
C SER B 930 25.30 -26.71 8.17
N HIS B 931 25.15 -27.52 7.12
CA HIS B 931 26.07 -27.44 5.98
C HIS B 931 25.98 -26.07 5.31
N TYR B 932 24.75 -25.61 5.06
CA TYR B 932 24.55 -24.35 4.34
C TYR B 932 25.17 -23.18 5.08
N LEU B 933 25.21 -23.24 6.41
CA LEU B 933 25.79 -22.16 7.20
C LEU B 933 27.30 -22.32 7.34
N VAL B 934 27.78 -23.55 7.59
CA VAL B 934 29.21 -23.73 7.82
C VAL B 934 30.01 -23.50 6.55
N ASN B 935 29.50 -23.92 5.39
CA ASN B 935 30.21 -23.71 4.13
C ASN B 935 29.87 -22.32 3.59
N ALA B 936 30.48 -21.32 4.22
CA ALA B 936 30.26 -19.93 3.86
C ALA B 936 31.44 -19.10 4.34
N ASP B 937 31.45 -17.82 3.95
CA ASP B 937 32.47 -16.87 4.39
C ASP B 937 31.94 -15.77 5.27
N GLU B 938 30.70 -15.30 5.04
CA GLU B 938 30.08 -14.29 5.88
C GLU B 938 28.57 -14.53 5.90
N LEU B 939 27.92 -14.01 6.93
CA LEU B 939 26.49 -14.20 7.13
C LEU B 939 25.82 -12.85 7.30
N GLN B 940 24.71 -12.65 6.58
CA GLN B 940 23.87 -11.47 6.73
C GLN B 940 22.57 -11.86 7.43
N ILE B 941 21.91 -10.84 7.99
CA ILE B 941 20.60 -11.00 8.61
C ILE B 941 19.69 -9.98 7.94
N LYS B 942 18.77 -10.44 7.11
CA LYS B 942 17.91 -9.55 6.35
C LYS B 942 16.83 -8.97 7.25
N MET B 943 17.19 -7.97 8.06
CA MET B 943 16.19 -7.28 8.86
C MET B 943 15.17 -6.54 8.00
N ALA B 944 15.56 -6.13 6.80
CA ALA B 944 14.67 -5.44 5.88
C ALA B 944 15.44 -5.18 4.58
N GLN B 945 14.69 -4.94 3.52
CA GLN B 945 15.24 -4.56 2.22
C GLN B 945 14.73 -3.18 1.83
N GLY B 946 15.35 -2.62 0.79
CA GLY B 946 15.04 -1.25 0.44
C GLY B 946 13.59 -1.05 0.03
N ALA B 947 12.98 -2.05 -0.59
CA ALA B 947 11.67 -1.90 -1.20
C ALA B 947 10.53 -2.25 -0.23
N LYS B 948 10.61 -3.42 0.40
CA LYS B 948 9.53 -3.95 1.24
C LYS B 948 10.07 -4.30 2.61
N PRO B 949 10.43 -3.28 3.40
CA PRO B 949 11.02 -3.55 4.73
C PRO B 949 10.05 -4.25 5.67
N GLY B 950 8.88 -3.66 5.88
CA GLY B 950 7.94 -4.18 6.86
C GLY B 950 6.92 -5.13 6.28
N GLU B 951 7.31 -5.88 5.26
CA GLU B 951 6.42 -6.84 4.61
C GLU B 951 7.20 -8.09 4.23
N GLY B 952 6.47 -9.19 4.10
CA GLY B 952 7.08 -10.46 3.77
C GLY B 952 7.08 -10.74 2.28
N GLY B 953 6.35 -11.77 1.86
CA GLY B 953 6.29 -12.13 0.46
C GLY B 953 5.30 -13.26 0.25
N GLN B 954 5.03 -13.54 -1.02
CA GLN B 954 4.11 -14.60 -1.40
C GLN B 954 4.57 -15.23 -2.69
N LEU B 955 4.70 -16.55 -2.69
CA LEU B 955 5.17 -17.32 -3.85
C LEU B 955 4.14 -18.40 -4.13
N PRO B 956 3.07 -18.08 -4.85
CA PRO B 956 1.97 -19.03 -5.02
C PRO B 956 2.41 -20.30 -5.74
N GLY B 957 1.46 -21.25 -5.81
CA GLY B 957 1.74 -22.53 -6.44
C GLY B 957 2.13 -22.38 -7.90
N ASN B 958 1.51 -21.44 -8.60
CA ASN B 958 1.80 -21.25 -10.01
C ASN B 958 3.27 -20.87 -10.23
N LYS B 959 3.80 -20.01 -9.37
CA LYS B 959 5.16 -19.51 -9.54
C LYS B 959 6.22 -20.38 -8.86
N VAL B 960 5.85 -21.21 -7.90
CA VAL B 960 6.81 -22.09 -7.22
C VAL B 960 6.92 -23.37 -8.05
N TYR B 961 8.00 -23.49 -8.80
CA TYR B 961 8.24 -24.68 -9.61
C TYR B 961 8.96 -25.74 -8.79
N PRO B 962 8.92 -27.00 -9.24
CA PRO B 962 9.62 -28.06 -8.47
C PRO B 962 11.12 -27.79 -8.32
N TRP B 963 11.77 -27.25 -9.35
CA TRP B 963 13.21 -27.01 -9.26
C TRP B 963 13.55 -25.86 -8.31
N VAL B 964 12.56 -25.10 -7.85
CA VAL B 964 12.74 -24.13 -6.78
C VAL B 964 12.33 -24.72 -5.43
N ALA B 965 11.26 -25.50 -5.42
CA ALA B 965 10.78 -26.10 -4.18
C ALA B 965 11.78 -27.08 -3.60
N ASP B 966 12.45 -27.85 -4.46
CA ASP B 966 13.45 -28.79 -3.97
C ASP B 966 14.59 -28.06 -3.27
N VAL B 967 15.03 -26.94 -3.85
CA VAL B 967 16.09 -26.16 -3.23
C VAL B 967 15.62 -25.54 -1.93
N ARG B 968 14.39 -25.02 -1.92
CA ARG B 968 13.85 -24.32 -0.76
C ARG B 968 13.26 -25.27 0.29
N GLY B 969 13.35 -26.58 0.07
CA GLY B 969 12.91 -27.54 1.07
C GLY B 969 11.42 -27.50 1.34
N SER B 970 10.60 -27.46 0.27
CA SER B 970 9.16 -27.45 0.40
C SER B 970 8.56 -28.33 -0.69
N THR B 971 7.28 -28.65 -0.53
CA THR B 971 6.57 -29.47 -1.51
C THR B 971 6.40 -28.70 -2.81
N PRO B 972 6.49 -29.34 -3.99
CA PRO B 972 6.24 -28.61 -5.23
C PRO B 972 4.80 -28.12 -5.30
N GLY B 973 4.63 -26.95 -5.92
CA GLY B 973 3.30 -26.43 -6.18
C GLY B 973 2.50 -26.09 -4.94
N VAL B 974 3.14 -25.55 -3.90
CA VAL B 974 2.46 -25.10 -2.69
C VAL B 974 2.84 -23.65 -2.46
N GLY B 975 1.84 -22.81 -2.22
CA GLY B 975 2.09 -21.39 -2.00
C GLY B 975 2.85 -21.13 -0.71
N LEU B 976 4.12 -20.77 -0.82
CA LEU B 976 4.92 -20.46 0.34
C LEU B 976 4.66 -19.05 0.84
N ILE B 977 4.79 -18.87 2.14
CA ILE B 977 4.62 -17.57 2.78
C ILE B 977 5.83 -17.29 3.65
N SER B 978 6.42 -16.11 3.47
CA SER B 978 7.55 -15.67 4.29
C SER B 978 7.04 -14.63 5.29
N PRO B 979 7.01 -14.91 6.59
CA PRO B 979 6.47 -13.94 7.53
C PRO B 979 7.27 -12.66 7.48
N PRO B 980 6.63 -11.50 7.65
CA PRO B 980 7.36 -10.23 7.58
C PRO B 980 8.46 -10.16 8.63
N PRO B 981 8.14 -10.34 9.91
CA PRO B 981 9.16 -10.16 10.94
C PRO B 981 10.02 -11.40 11.11
N HIS B 982 11.15 -11.21 11.78
CA HIS B 982 11.96 -12.32 12.27
C HIS B 982 11.38 -12.75 13.61
N HIS B 983 10.71 -13.91 13.64
CA HIS B 983 10.08 -14.36 14.88
C HIS B 983 11.08 -14.62 15.99
N ASP B 984 12.37 -14.72 15.66
CA ASP B 984 13.44 -14.81 16.66
C ASP B 984 13.97 -13.44 17.06
N ILE B 985 13.40 -12.36 16.53
CA ILE B 985 13.87 -11.00 16.80
C ILE B 985 12.68 -10.22 17.33
N TYR B 986 12.57 -10.14 18.66
CA TYR B 986 11.57 -9.31 19.31
C TYR B 986 12.17 -8.08 19.98
N SER B 987 13.49 -7.95 19.98
CA SER B 987 14.15 -6.78 20.55
C SER B 987 15.64 -6.86 20.23
N ILE B 988 16.35 -5.79 20.58
CA ILE B 988 17.78 -5.74 20.33
C ILE B 988 18.52 -6.82 21.12
N GLU B 989 18.00 -7.19 22.29
CA GLU B 989 18.60 -8.29 23.04
C GLU B 989 18.51 -9.59 22.26
N ASP B 990 17.34 -9.86 21.66
CA ASP B 990 17.21 -11.05 20.83
C ASP B 990 18.07 -10.96 19.59
N LEU B 991 18.26 -9.74 19.04
CA LEU B 991 19.18 -9.59 17.92
C LEU B 991 20.60 -9.97 18.32
N ALA B 992 21.05 -9.51 19.49
CA ALA B 992 22.37 -9.88 19.98
C ALA B 992 22.47 -11.38 20.19
N GLN B 993 21.41 -12.00 20.72
CA GLN B 993 21.43 -13.44 20.91
C GLN B 993 21.56 -14.18 19.59
N LEU B 994 20.83 -13.73 18.56
CA LEU B 994 20.93 -14.37 17.26
C LEU B 994 22.31 -14.16 16.65
N ILE B 995 22.90 -12.98 16.85
CA ILE B 995 24.25 -12.73 16.35
C ILE B 995 25.23 -13.69 16.99
N HIS B 996 25.12 -13.88 18.31
CA HIS B 996 25.99 -14.83 19.00
C HIS B 996 25.76 -16.24 18.48
N ASP B 997 24.50 -16.61 18.24
CA ASP B 997 24.19 -17.94 17.73
C ASP B 997 24.87 -18.18 16.38
N LEU B 998 24.76 -17.20 15.47
CA LEU B 998 25.37 -17.36 14.16
C LEU B 998 26.90 -17.40 14.25
N LYS B 999 27.48 -16.57 15.13
CA LYS B 999 28.93 -16.60 15.28
C LYS B 999 29.40 -17.95 15.82
N ASN B 1000 28.67 -18.52 16.78
CA ASN B 1000 29.00 -19.85 17.26
C ASN B 1000 28.83 -20.90 16.17
N ALA B 1001 27.79 -20.75 15.33
CA ALA B 1001 27.60 -21.69 14.24
C ALA B 1001 28.77 -21.65 13.27
N ASN B 1002 29.25 -20.45 12.93
CA ASN B 1002 30.39 -20.28 12.03
C ASN B 1002 31.38 -19.33 12.69
N ARG B 1003 32.23 -19.88 13.55
CA ARG B 1003 33.27 -19.09 14.20
C ARG B 1003 34.19 -18.41 13.19
N ASP B 1004 34.37 -19.01 12.01
CA ASP B 1004 35.30 -18.52 11.01
C ASP B 1004 34.62 -17.66 9.96
N ALA B 1005 33.61 -16.90 10.35
CA ALA B 1005 32.89 -16.00 9.46
C ALA B 1005 32.67 -14.67 10.15
N ARG B 1006 32.18 -13.69 9.39
CA ARG B 1006 31.88 -12.36 9.90
C ARG B 1006 30.39 -12.11 9.79
N ILE B 1007 29.79 -11.59 10.86
CA ILE B 1007 28.35 -11.40 10.94
C ILE B 1007 28.02 -10.02 10.36
N SER B 1008 26.90 -9.95 9.64
CA SER B 1008 26.46 -8.73 8.99
C SER B 1008 24.97 -8.52 9.22
N VAL B 1009 24.54 -7.26 9.18
CA VAL B 1009 23.15 -6.90 9.31
C VAL B 1009 22.81 -5.92 8.20
N LYS B 1010 21.55 -5.99 7.74
CA LYS B 1010 21.06 -5.17 6.63
C LYS B 1010 19.97 -4.26 7.14
N LEU B 1011 20.26 -2.96 7.20
CA LEU B 1011 19.31 -1.96 7.66
C LEU B 1011 18.87 -1.09 6.49
N VAL B 1012 17.96 -0.16 6.77
CA VAL B 1012 17.47 0.80 5.79
C VAL B 1012 17.52 2.19 6.41
N SER B 1013 17.89 3.19 5.61
CA SER B 1013 17.99 4.55 6.10
C SER B 1013 16.65 5.01 6.69
N LYS B 1014 16.73 5.68 7.84
CA LYS B 1014 15.53 6.06 8.58
C LYS B 1014 15.93 6.99 9.71
N ALA B 1015 14.95 7.74 10.22
CA ALA B 1015 15.19 8.55 11.40
C ALA B 1015 15.49 7.65 12.60
N GLY B 1016 16.48 8.05 13.38
CA GLY B 1016 16.96 7.22 14.47
C GLY B 1016 17.86 6.09 14.05
N VAL B 1017 18.19 5.98 12.75
CA VAL B 1017 19.05 4.91 12.28
C VAL B 1017 20.41 5.00 12.96
N GLY B 1018 20.84 6.19 13.36
CA GLY B 1018 22.06 6.29 14.14
C GLY B 1018 21.95 5.57 15.47
N THR B 1019 20.83 5.76 16.17
CA THR B 1019 20.61 5.06 17.42
C THR B 1019 20.54 3.55 17.19
N ILE B 1020 19.85 3.12 16.14
CA ILE B 1020 19.75 1.69 15.86
C ILE B 1020 21.13 1.12 15.54
N ALA B 1021 21.95 1.86 14.79
CA ALA B 1021 23.29 1.39 14.47
C ALA B 1021 24.16 1.29 15.72
N ALA B 1022 24.05 2.27 16.62
CA ALA B 1022 24.79 2.19 17.87
C ALA B 1022 24.36 0.98 18.68
N GLY B 1023 23.05 0.74 18.75
CA GLY B 1023 22.56 -0.44 19.45
C GLY B 1023 23.07 -1.73 18.84
N VAL B 1024 23.08 -1.80 17.51
CA VAL B 1024 23.57 -2.99 16.84
C VAL B 1024 25.06 -3.19 17.11
N ALA B 1025 25.84 -2.11 17.07
CA ALA B 1025 27.26 -2.20 17.36
C ALA B 1025 27.48 -2.71 18.78
N LYS B 1026 26.67 -2.24 19.73
CA LYS B 1026 26.73 -2.79 21.08
C LYS B 1026 26.34 -4.27 21.09
N ALA B 1027 25.36 -4.65 20.28
CA ALA B 1027 24.98 -6.04 20.09
C ALA B 1027 26.04 -6.84 19.35
N THR B 1028 27.13 -6.20 18.94
CA THR B 1028 28.30 -6.88 18.40
C THR B 1028 28.01 -7.51 17.04
N ALA B 1029 27.54 -6.68 16.11
CA ALA B 1029 27.45 -7.04 14.70
C ALA B 1029 28.65 -6.43 13.98
N ASP B 1030 29.43 -7.29 13.32
CA ASP B 1030 30.70 -6.84 12.75
C ASP B 1030 30.48 -5.81 11.64
N VAL B 1031 29.51 -6.04 10.78
CA VAL B 1031 29.29 -5.22 9.59
C VAL B 1031 27.83 -4.74 9.58
N ILE B 1032 27.64 -3.46 9.30
CA ILE B 1032 26.31 -2.86 9.17
C ILE B 1032 26.16 -2.36 7.75
N VAL B 1033 25.04 -2.71 7.12
CA VAL B 1033 24.75 -2.33 5.74
C VAL B 1033 23.54 -1.41 5.75
N ILE B 1034 23.69 -0.24 5.15
CA ILE B 1034 22.61 0.74 5.02
C ILE B 1034 22.18 0.76 3.56
N SER B 1035 20.96 0.32 3.29
CA SER B 1035 20.43 0.24 1.95
C SER B 1035 19.30 1.23 1.79
N GLY B 1036 19.42 2.12 0.80
CA GLY B 1036 18.37 3.08 0.53
C GLY B 1036 17.18 2.43 -0.13
N TYR B 1037 16.07 3.16 -0.12
CA TYR B 1037 14.84 2.66 -0.72
C TYR B 1037 14.91 2.59 -2.24
N ASP B 1038 15.94 3.18 -2.86
CA ASP B 1038 16.09 3.10 -4.30
C ASP B 1038 16.43 1.70 -4.79
N GLY B 1039 16.76 0.77 -3.89
CA GLY B 1039 17.08 -0.58 -4.30
C GLY B 1039 15.87 -1.30 -4.88
N GLY B 1040 16.17 -2.33 -5.67
CA GLY B 1040 15.14 -3.09 -6.35
C GLY B 1040 14.57 -4.19 -5.47
N THR B 1041 13.72 -5.02 -6.08
CA THR B 1041 13.07 -6.11 -5.39
C THR B 1041 12.36 -6.99 -6.40
N GLY B 1042 12.23 -8.27 -6.06
CA GLY B 1042 11.51 -9.19 -6.94
C GLY B 1042 10.03 -8.87 -7.02
N ALA B 1043 9.40 -8.59 -5.87
CA ALA B 1043 7.97 -8.28 -5.84
C ALA B 1043 7.67 -7.52 -4.56
N SER B 1044 6.75 -6.57 -4.65
CA SER B 1044 6.33 -5.77 -3.51
C SER B 1044 5.17 -4.88 -3.94
N PRO B 1045 4.32 -4.45 -2.98
CA PRO B 1045 3.24 -3.53 -3.33
C PRO B 1045 3.78 -2.21 -3.85
N LYS B 1046 3.02 -1.61 -4.78
CA LYS B 1046 3.50 -0.44 -5.50
C LYS B 1046 3.69 0.77 -4.59
N THR B 1047 2.78 0.96 -3.62
CA THR B 1047 2.96 2.08 -2.70
C THR B 1047 4.14 1.85 -1.78
N SER B 1048 4.38 0.60 -1.37
CA SER B 1048 5.60 0.28 -0.63
C SER B 1048 6.83 0.57 -1.47
N ILE B 1049 6.74 0.35 -2.78
CA ILE B 1049 7.84 0.69 -3.68
C ILE B 1049 8.10 2.19 -3.65
N LYS B 1050 7.04 2.99 -3.83
CA LYS B 1050 7.25 4.41 -4.07
C LYS B 1050 7.53 5.19 -2.79
N HIS B 1051 6.77 4.93 -1.72
CA HIS B 1051 6.78 5.80 -0.55
C HIS B 1051 7.26 5.11 0.71
N THR B 1052 8.36 4.37 0.63
CA THR B 1052 8.95 3.72 1.79
C THR B 1052 10.43 4.05 1.85
N GLY B 1053 10.95 4.22 3.06
CA GLY B 1053 12.36 4.46 3.26
C GLY B 1053 12.78 5.85 2.83
N LEU B 1054 14.08 6.10 2.97
CA LEU B 1054 14.72 7.36 2.64
C LEU B 1054 15.99 7.07 1.85
N PRO B 1055 16.52 8.08 1.15
CA PRO B 1055 17.78 7.87 0.43
C PRO B 1055 18.90 7.48 1.38
N TRP B 1056 19.79 6.60 0.89
CA TRP B 1056 20.83 6.05 1.76
C TRP B 1056 21.82 7.09 2.22
N GLU B 1057 21.89 8.26 1.56
CA GLU B 1057 22.85 9.27 1.96
C GLU B 1057 22.60 9.74 3.39
N LEU B 1058 21.35 10.10 3.69
CA LEU B 1058 21.01 10.56 5.04
C LEU B 1058 21.25 9.46 6.07
N GLY B 1059 20.85 8.24 5.74
CA GLY B 1059 21.04 7.14 6.68
C GLY B 1059 22.51 6.91 6.98
N LEU B 1060 23.35 6.87 5.94
CA LEU B 1060 24.77 6.64 6.14
C LEU B 1060 25.40 7.77 6.93
N ALA B 1061 25.04 9.03 6.61
CA ALA B 1061 25.61 10.15 7.34
C ALA B 1061 25.23 10.09 8.82
N GLU B 1062 23.95 9.86 9.11
CA GLU B 1062 23.50 9.80 10.49
C GLU B 1062 24.16 8.63 11.23
N ALA B 1063 24.24 7.47 10.59
CA ALA B 1063 24.85 6.31 11.23
C ALA B 1063 26.33 6.57 11.54
N HIS B 1064 27.06 7.12 10.57
CA HIS B 1064 28.47 7.41 10.79
C HIS B 1064 28.65 8.41 11.93
N GLN B 1065 27.87 9.50 11.91
CA GLN B 1065 28.01 10.51 12.95
C GLN B 1065 27.71 9.93 14.32
N THR B 1066 26.60 9.19 14.44
CA THR B 1066 26.23 8.64 15.74
C THR B 1066 27.26 7.62 16.22
N LEU B 1067 27.71 6.74 15.33
CA LEU B 1067 28.67 5.72 15.73
C LEU B 1067 29.97 6.36 16.19
N MET B 1068 30.50 7.32 15.43
CA MET B 1068 31.79 7.90 15.77
C MET B 1068 31.69 8.88 16.94
N LEU B 1069 30.50 9.41 17.22
CA LEU B 1069 30.30 10.17 18.44
C LEU B 1069 30.25 9.25 19.66
N ASN B 1070 29.55 8.13 19.53
CA ASN B 1070 29.49 7.18 20.64
C ASN B 1070 30.84 6.53 20.88
N GLY B 1071 31.69 6.46 19.86
CA GLY B 1071 33.00 5.86 19.98
C GLY B 1071 33.12 4.45 19.46
N LEU B 1072 32.06 3.92 18.83
CA LEU B 1072 32.06 2.57 18.31
C LEU B 1072 32.29 2.48 16.81
N ARG B 1073 32.54 3.61 16.14
CA ARG B 1073 32.75 3.58 14.70
C ARG B 1073 33.98 2.78 14.31
N ASP B 1074 34.94 2.62 15.22
CA ASP B 1074 36.13 1.82 14.98
C ASP B 1074 35.92 0.36 15.37
N ARG B 1075 34.66 -0.08 15.52
CA ARG B 1075 34.35 -1.46 15.82
C ARG B 1075 33.41 -2.10 14.80
N VAL B 1076 32.95 -1.36 13.80
CA VAL B 1076 32.06 -1.85 12.77
C VAL B 1076 32.57 -1.40 11.42
N VAL B 1077 31.97 -1.95 10.36
CA VAL B 1077 32.36 -1.67 8.98
C VAL B 1077 31.08 -1.34 8.22
N LEU B 1078 30.83 -0.05 8.01
CA LEU B 1078 29.64 0.36 7.28
C LEU B 1078 29.76 -0.02 5.81
N GLU B 1079 28.60 -0.13 5.15
CA GLU B 1079 28.56 -0.44 3.72
C GLU B 1079 27.44 0.38 3.11
N THR B 1080 27.19 0.16 1.81
CA THR B 1080 26.22 0.97 1.08
C THR B 1080 25.83 0.23 -0.19
N ASP B 1081 24.61 0.49 -0.63
CA ASP B 1081 24.12 -0.04 -1.91
C ASP B 1081 22.84 0.71 -2.26
N GLY B 1082 22.43 0.57 -3.52
CA GLY B 1082 21.24 1.24 -4.02
C GLY B 1082 21.56 2.29 -5.07
N LYS B 1083 21.35 1.93 -6.33
CA LYS B 1083 21.61 2.83 -7.46
C LYS B 1083 23.03 3.39 -7.42
N LEU B 1084 24.00 2.53 -7.10
CA LEU B 1084 25.41 2.87 -7.23
C LEU B 1084 25.81 2.58 -8.67
N MET B 1085 25.61 3.56 -9.54
CA MET B 1085 25.77 3.38 -10.98
C MET B 1085 27.08 3.93 -11.51
N THR B 1086 27.82 4.70 -10.73
CA THR B 1086 29.00 5.38 -11.24
C THR B 1086 30.07 5.44 -10.16
N GLY B 1087 31.32 5.57 -10.60
CA GLY B 1087 32.41 5.77 -9.67
C GLY B 1087 32.27 7.06 -8.88
N ARG B 1088 31.58 8.05 -9.46
CA ARG B 1088 31.24 9.23 -8.69
C ARG B 1088 30.34 8.88 -7.51
N ASP B 1089 29.34 8.03 -7.74
CA ASP B 1089 28.49 7.57 -6.63
C ASP B 1089 29.31 6.79 -5.62
N VAL B 1090 30.23 5.94 -6.09
CA VAL B 1090 31.08 5.19 -5.18
C VAL B 1090 31.91 6.13 -4.32
N VAL B 1091 32.48 7.16 -4.94
CA VAL B 1091 33.31 8.11 -4.20
C VAL B 1091 32.46 8.90 -3.22
N MET B 1092 31.25 9.28 -3.60
CA MET B 1092 30.35 9.95 -2.67
C MET B 1092 30.06 9.08 -1.46
N ALA B 1093 29.77 7.79 -1.69
CA ALA B 1093 29.52 6.88 -0.58
C ALA B 1093 30.76 6.75 0.30
N ALA B 1094 31.93 6.62 -0.31
CA ALA B 1094 33.16 6.47 0.46
C ALA B 1094 33.42 7.71 1.32
N LEU B 1095 33.22 8.89 0.75
CA LEU B 1095 33.40 10.12 1.52
C LEU B 1095 32.38 10.18 2.66
N LEU B 1096 31.13 9.79 2.39
CA LEU B 1096 30.12 9.74 3.44
C LEU B 1096 30.46 8.71 4.51
N GLY B 1097 31.32 7.74 4.20
CA GLY B 1097 31.81 6.81 5.20
C GLY B 1097 31.58 5.35 4.86
N ALA B 1098 31.47 5.03 3.59
CA ALA B 1098 31.28 3.66 3.16
C ALA B 1098 32.62 2.92 3.14
N GLU B 1099 32.54 1.59 3.28
CA GLU B 1099 33.69 0.71 3.21
C GLU B 1099 33.60 -0.35 2.12
N GLU B 1100 32.44 -0.98 1.94
CA GLU B 1100 32.22 -1.92 0.84
C GLU B 1100 30.87 -1.61 0.23
N PHE B 1101 30.74 -1.88 -1.06
CA PHE B 1101 29.60 -1.45 -1.85
C PHE B 1101 28.91 -2.66 -2.48
N GLY B 1102 27.62 -2.48 -2.76
CA GLY B 1102 26.81 -3.53 -3.36
C GLY B 1102 26.14 -3.10 -4.64
N PHE B 1103 26.40 -3.82 -5.72
CA PHE B 1103 25.83 -3.54 -7.04
C PHE B 1103 24.93 -4.71 -7.43
N ALA B 1104 23.63 -4.46 -7.50
CA ALA B 1104 22.66 -5.49 -7.90
C ALA B 1104 21.93 -5.12 -9.18
N THR B 1105 21.35 -3.92 -9.26
CA THR B 1105 20.60 -3.54 -10.45
C THR B 1105 21.52 -3.45 -11.67
N ALA B 1106 22.71 -2.85 -11.51
CA ALA B 1106 23.60 -2.69 -12.66
C ALA B 1106 24.04 -4.01 -13.25
N PRO B 1107 24.48 -5.01 -12.48
CA PRO B 1107 24.83 -6.30 -13.09
C PRO B 1107 23.70 -6.91 -13.91
N LEU B 1108 22.45 -6.73 -13.49
CA LEU B 1108 21.34 -7.24 -14.29
C LEU B 1108 21.30 -6.55 -15.66
N VAL B 1109 21.49 -5.24 -15.67
CA VAL B 1109 21.52 -4.50 -16.93
C VAL B 1109 22.67 -4.98 -17.81
N VAL B 1110 23.82 -5.23 -17.19
CA VAL B 1110 24.97 -5.75 -17.95
C VAL B 1110 24.62 -7.10 -18.54
N LEU B 1111 23.96 -7.96 -17.76
CA LEU B 1111 23.62 -9.30 -18.23
C LEU B 1111 22.60 -9.27 -19.34
N GLY B 1112 21.72 -8.26 -19.36
CA GLY B 1112 20.74 -8.15 -20.43
C GLY B 1112 19.39 -7.59 -20.02
N CYS B 1113 19.17 -7.39 -18.72
CA CYS B 1113 17.92 -6.81 -18.27
C CYS B 1113 17.72 -5.44 -18.90
N VAL B 1114 16.47 -5.15 -19.27
CA VAL B 1114 16.14 -3.91 -19.96
C VAL B 1114 15.25 -3.04 -19.08
N MET B 1115 15.27 -3.30 -17.77
CA MET B 1115 14.51 -2.52 -16.79
C MET B 1115 13.03 -2.47 -17.18
N MET B 1116 12.50 -3.61 -17.63
CA MET B 1116 11.12 -3.67 -18.08
C MET B 1116 10.12 -3.67 -16.92
N ARG B 1117 10.58 -3.94 -15.70
CA ARG B 1117 9.71 -3.89 -14.52
C ARG B 1117 8.57 -4.89 -14.63
N ALA B 1118 8.91 -6.16 -14.87
CA ALA B 1118 7.89 -7.21 -14.94
C ALA B 1118 8.36 -8.48 -14.24
N CYS B 1119 9.27 -8.38 -13.28
CA CYS B 1119 9.77 -9.56 -12.59
C CYS B 1119 8.65 -10.29 -11.86
N HIS B 1120 7.76 -9.54 -11.21
CA HIS B 1120 6.66 -10.16 -10.49
C HIS B 1120 5.78 -10.98 -11.42
N LEU B 1121 5.68 -10.57 -12.69
CA LEU B 1121 4.86 -11.29 -13.65
C LEU B 1121 5.48 -12.62 -14.08
N ASP B 1122 6.77 -12.84 -13.80
CA ASP B 1122 7.45 -14.07 -14.17
C ASP B 1122 7.44 -14.30 -15.68
N THR B 1123 7.53 -13.22 -16.45
CA THR B 1123 7.46 -13.28 -17.91
C THR B 1123 8.54 -12.40 -18.52
N CYS B 1124 9.75 -12.54 -18.03
CA CYS B 1124 10.86 -11.74 -18.54
C CYS B 1124 11.15 -12.09 -20.00
N PRO B 1125 11.12 -11.14 -20.93
CA PRO B 1125 11.42 -11.48 -22.33
C PRO B 1125 12.87 -11.79 -22.58
N VAL B 1126 13.80 -11.23 -21.79
CA VAL B 1126 15.22 -11.53 -21.95
C VAL B 1126 15.63 -12.78 -21.18
N GLY B 1127 14.74 -13.35 -20.37
CA GLY B 1127 15.03 -14.56 -19.62
C GLY B 1127 16.08 -14.34 -18.55
N VAL B 1128 15.96 -13.23 -17.82
CA VAL B 1128 16.85 -12.94 -16.70
C VAL B 1128 16.19 -13.17 -15.35
N ALA B 1129 14.87 -13.05 -15.25
CA ALA B 1129 14.16 -13.21 -14.00
C ALA B 1129 12.90 -14.03 -14.20
N THR B 1130 12.99 -15.11 -14.97
CA THR B 1130 11.86 -15.99 -15.25
C THR B 1130 12.32 -17.44 -15.17
N GLN B 1131 11.48 -18.29 -14.59
CA GLN B 1131 11.82 -19.70 -14.43
C GLN B 1131 11.43 -20.54 -15.63
N ASN B 1132 10.69 -19.99 -16.58
CA ASN B 1132 10.21 -20.78 -17.71
C ASN B 1132 11.39 -21.24 -18.56
N PRO B 1133 11.51 -22.54 -18.89
CA PRO B 1133 12.63 -22.96 -19.76
C PRO B 1133 12.61 -22.29 -21.12
N GLU B 1134 11.42 -22.03 -21.67
CA GLU B 1134 11.34 -21.42 -22.99
C GLU B 1134 12.00 -20.05 -23.00
N LEU B 1135 11.74 -19.24 -21.97
CA LEU B 1135 12.38 -17.93 -21.87
C LEU B 1135 13.84 -18.08 -21.49
N ARG B 1136 14.17 -19.05 -20.63
CA ARG B 1136 15.56 -19.26 -20.23
C ARG B 1136 16.43 -19.58 -21.43
N LYS B 1137 15.87 -20.24 -22.44
CA LYS B 1137 16.64 -20.55 -23.64
C LYS B 1137 17.07 -19.28 -24.39
N LYS B 1138 16.45 -18.14 -24.12
CA LYS B 1138 16.77 -16.89 -24.79
C LYS B 1138 17.87 -16.10 -24.11
N PHE B 1139 18.43 -16.60 -23.02
CA PHE B 1139 19.43 -15.85 -22.27
C PHE B 1139 20.70 -15.68 -23.10
N MET B 1140 21.40 -14.55 -22.87
CA MET B 1140 22.60 -14.24 -23.62
C MET B 1140 23.73 -13.66 -22.77
N GLY B 1141 23.63 -13.70 -21.44
CA GLY B 1141 24.62 -13.07 -20.59
C GLY B 1141 25.96 -13.79 -20.63
N ASP B 1142 26.94 -13.17 -19.99
CA ASP B 1142 28.29 -13.69 -19.92
C ASP B 1142 29.04 -13.05 -18.76
N PRO B 1143 29.75 -13.82 -17.92
CA PRO B 1143 30.48 -13.20 -16.80
C PRO B 1143 31.52 -12.17 -17.24
N ASP B 1144 32.03 -12.27 -18.47
CA ASP B 1144 33.03 -11.33 -18.93
C ASP B 1144 32.49 -9.90 -18.92
N HIS B 1145 31.21 -9.74 -19.25
CA HIS B 1145 30.61 -8.41 -19.23
C HIS B 1145 30.60 -7.82 -17.82
N ILE B 1146 30.26 -8.63 -16.82
CA ILE B 1146 30.27 -8.17 -15.44
C ILE B 1146 31.69 -7.81 -15.02
N VAL B 1147 32.65 -8.65 -15.40
CA VAL B 1147 34.05 -8.35 -15.08
C VAL B 1147 34.47 -7.02 -15.68
N ASN B 1148 34.10 -6.79 -16.94
CA ASN B 1148 34.43 -5.53 -17.60
C ASN B 1148 33.76 -4.36 -16.89
N TYR B 1149 32.51 -4.52 -16.48
CA TYR B 1149 31.81 -3.44 -15.77
C TYR B 1149 32.54 -3.09 -14.48
N MET B 1150 32.90 -4.11 -13.69
CA MET B 1150 33.58 -3.85 -12.43
C MET B 1150 34.94 -3.21 -12.67
N LEU B 1151 35.67 -3.68 -13.68
CA LEU B 1151 36.98 -3.11 -13.97
C LEU B 1151 36.86 -1.65 -14.39
N PHE B 1152 35.84 -1.32 -15.21
CA PHE B 1152 35.65 0.06 -15.62
C PHE B 1152 35.29 0.94 -14.44
N ILE B 1153 34.43 0.45 -13.55
CA ILE B 1153 34.10 1.21 -12.34
C ILE B 1153 35.36 1.46 -11.53
N ALA B 1154 36.18 0.43 -11.36
CA ALA B 1154 37.41 0.59 -10.58
C ALA B 1154 38.35 1.59 -11.22
N GLU B 1155 38.50 1.52 -12.54
CA GLU B 1155 39.41 2.45 -13.23
C GLU B 1155 38.91 3.88 -13.14
N GLU B 1156 37.61 4.10 -13.29
CA GLU B 1156 37.08 5.45 -13.17
C GLU B 1156 37.26 5.98 -11.76
N VAL B 1157 37.04 5.12 -10.76
CA VAL B 1157 37.26 5.51 -9.38
C VAL B 1157 38.72 5.88 -9.17
N ARG B 1158 39.64 5.09 -9.73
CA ARG B 1158 41.06 5.40 -9.60
C ARG B 1158 41.41 6.73 -10.27
N GLU B 1159 40.79 7.02 -11.41
CA GLU B 1159 41.01 8.31 -12.05
C GLU B 1159 40.57 9.44 -11.14
N TYR B 1160 39.42 9.29 -10.49
CA TYR B 1160 39.00 10.33 -9.54
C TYR B 1160 39.91 10.39 -8.32
N MET B 1161 40.50 9.26 -7.93
CA MET B 1161 41.49 9.29 -6.84
C MET B 1161 42.69 10.11 -7.25
N ALA B 1162 43.15 9.94 -8.49
CA ALA B 1162 44.22 10.77 -9.01
C ALA B 1162 43.82 12.24 -9.00
N ALA B 1163 42.58 12.52 -9.39
CA ALA B 1163 42.11 13.90 -9.41
C ALA B 1163 42.11 14.51 -8.00
N LEU B 1164 41.64 13.75 -7.01
CA LEU B 1164 41.49 14.27 -5.65
C LEU B 1164 42.76 14.20 -4.82
N GLY B 1165 43.78 13.48 -5.27
CA GLY B 1165 45.00 13.37 -4.50
C GLY B 1165 44.88 12.63 -3.20
N PHE B 1166 44.18 11.50 -3.20
CA PHE B 1166 44.07 10.62 -2.03
C PHE B 1166 44.89 9.36 -2.27
N LYS B 1167 45.62 8.94 -1.25
CA LYS B 1167 46.59 7.86 -1.40
C LYS B 1167 46.02 6.48 -1.05
N THR B 1168 45.13 6.40 -0.06
CA THR B 1168 44.62 5.10 0.38
C THR B 1168 43.18 5.24 0.86
N PHE B 1169 42.49 4.09 0.91
CA PHE B 1169 41.06 4.08 1.21
C PHE B 1169 40.79 4.63 2.60
N ASP B 1170 41.43 4.05 3.61
CA ASP B 1170 41.21 4.50 4.98
C ASP B 1170 41.68 5.92 5.16
N GLU B 1171 42.68 6.35 4.39
CA GLU B 1171 43.13 7.74 4.45
C GLU B 1171 42.05 8.68 3.96
N MET B 1172 41.37 8.34 2.87
CA MET B 1172 40.35 9.25 2.35
C MET B 1172 39.07 9.19 3.18
N ILE B 1173 38.76 8.02 3.76
CA ILE B 1173 37.42 7.78 4.27
C ILE B 1173 37.08 8.76 5.37
N GLY B 1174 35.87 9.29 5.33
CA GLY B 1174 35.40 10.22 6.33
C GLY B 1174 35.81 11.67 6.11
N ARG B 1175 36.56 11.95 5.04
CA ARG B 1175 37.03 13.31 4.77
C ARG B 1175 35.94 14.07 4.01
N THR B 1176 34.87 14.39 4.74
CA THR B 1176 33.73 15.09 4.14
C THR B 1176 34.01 16.57 3.93
N ASP B 1177 35.13 17.09 4.44
CA ASP B 1177 35.46 18.50 4.24
C ASP B 1177 35.74 18.82 2.77
N VAL B 1178 35.94 17.81 1.93
CA VAL B 1178 36.28 18.02 0.53
C VAL B 1178 35.01 18.18 -0.30
N LEU B 1179 33.85 18.17 0.35
CA LEU B 1179 32.56 18.25 -0.32
C LEU B 1179 31.95 19.62 -0.09
N HIS B 1180 31.46 20.22 -1.18
CA HIS B 1180 30.74 21.49 -1.10
C HIS B 1180 29.61 21.47 -2.13
N VAL B 1181 28.56 22.24 -1.84
CA VAL B 1181 27.37 22.22 -2.69
C VAL B 1181 27.69 22.85 -4.05
N SER B 1182 27.19 22.23 -5.11
CA SER B 1182 27.37 22.75 -6.45
C SER B 1182 26.46 23.95 -6.69
N GLU B 1183 26.89 24.83 -7.60
CA GLU B 1183 26.09 26.00 -7.93
C GLU B 1183 24.77 25.62 -8.60
N ARG B 1184 24.67 24.42 -9.17
CA ARG B 1184 23.41 24.00 -9.78
C ARG B 1184 22.31 23.86 -8.74
N ALA B 1185 22.66 23.42 -7.53
CA ALA B 1185 21.67 23.36 -6.46
C ALA B 1185 21.12 24.74 -6.14
N LYS B 1186 22.00 25.75 -6.06
CA LYS B 1186 21.56 27.12 -5.85
C LYS B 1186 20.68 27.59 -7.01
N GLU B 1187 21.08 27.26 -8.24
CA GLU B 1187 20.30 27.65 -9.40
C GLU B 1187 18.90 27.05 -9.35
N HIS B 1188 18.78 25.82 -8.85
CA HIS B 1188 17.47 25.19 -8.74
C HIS B 1188 16.52 26.04 -7.90
N TRP B 1189 15.26 26.09 -8.33
CA TRP B 1189 14.31 27.03 -7.76
C TRP B 1189 13.82 26.61 -6.37
N LYS B 1190 13.99 25.35 -5.98
CA LYS B 1190 13.58 24.93 -4.63
C LYS B 1190 14.67 24.15 -3.91
N ALA B 1191 15.56 23.49 -4.67
CA ALA B 1191 16.61 22.69 -4.03
C ALA B 1191 17.62 23.56 -3.30
N SER B 1192 17.63 24.87 -3.57
CA SER B 1192 18.58 25.77 -2.91
C SER B 1192 18.23 26.03 -1.46
N GLN B 1193 17.05 25.62 -0.99
CA GLN B 1193 16.61 25.89 0.37
C GLN B 1193 16.95 24.77 1.34
N LEU B 1194 17.81 23.84 0.93
CA LEU B 1194 18.18 22.71 1.77
C LEU B 1194 19.38 23.05 2.65
N ASP B 1195 19.43 22.44 3.83
CA ASP B 1195 20.50 22.66 4.80
C ASP B 1195 21.36 21.39 4.83
N LEU B 1196 22.57 21.50 4.29
CA LEU B 1196 23.46 20.36 4.11
C LEU B 1196 24.55 20.26 5.19
N SER B 1197 24.54 21.17 6.18
CA SER B 1197 25.55 21.10 7.23
C SER B 1197 25.46 19.81 8.02
N THR B 1198 24.28 19.18 8.05
CA THR B 1198 24.13 17.93 8.78
C THR B 1198 25.02 16.84 8.18
N LEU B 1199 25.04 16.73 6.85
CA LEU B 1199 25.95 15.80 6.20
C LEU B 1199 27.39 16.31 6.14
N LEU B 1200 27.58 17.63 6.04
CA LEU B 1200 28.91 18.21 6.00
C LEU B 1200 29.28 18.61 7.43
N TYR B 1201 29.80 17.64 8.18
CA TYR B 1201 30.20 17.87 9.56
C TYR B 1201 31.04 16.69 10.07
N GLN B 1202 32.21 16.97 10.62
CA GLN B 1202 33.20 15.94 10.99
C GLN B 1202 33.62 16.10 12.45
N PRO B 1203 32.93 15.45 13.37
CA PRO B 1203 33.42 15.43 14.76
C PRO B 1203 34.75 14.68 14.86
N GLU B 1204 35.52 15.04 15.87
CA GLU B 1204 36.82 14.40 16.09
C GLU B 1204 36.64 12.92 16.43
N GLY B 1205 37.53 12.09 15.92
CA GLY B 1205 37.50 10.68 16.21
C GLY B 1205 38.25 9.90 15.14
N VAL B 1206 38.19 8.57 15.28
CA VAL B 1206 38.79 7.65 14.33
C VAL B 1206 37.72 7.22 13.34
N ARG B 1207 38.15 6.91 12.12
CA ARG B 1207 37.24 6.72 11.00
C ARG B 1207 37.64 5.51 10.17
N THR B 1208 37.98 4.41 10.82
CA THR B 1208 38.34 3.19 10.10
C THR B 1208 38.30 2.01 11.06
N PHE B 1209 38.04 0.83 10.51
CA PHE B 1209 37.91 -0.40 11.28
C PHE B 1209 39.29 -0.98 11.54
N GLN B 1210 39.71 -0.99 12.80
CA GLN B 1210 40.96 -1.61 13.22
C GLN B 1210 40.75 -2.75 14.19
N SER B 1211 39.94 -2.56 15.23
CA SER B 1211 39.74 -3.58 16.23
C SER B 1211 39.03 -4.79 15.62
N PRO B 1212 39.19 -5.97 16.22
CA PRO B 1212 38.60 -7.18 15.64
C PRO B 1212 37.16 -7.47 16.04
N GLN B 1213 36.51 -6.60 16.80
CA GLN B 1213 35.16 -6.83 17.29
C GLN B 1213 35.11 -8.13 18.09
N ASN B 1214 35.82 -8.12 19.21
CA ASN B 1214 36.00 -9.32 20.02
C ASN B 1214 34.66 -9.90 20.44
N HIS B 1215 34.40 -11.14 20.02
CA HIS B 1215 33.24 -11.88 20.47
C HIS B 1215 33.58 -12.62 21.76
N LYS B 1216 32.60 -13.37 22.29
CA LYS B 1216 32.76 -14.15 23.50
C LYS B 1216 32.62 -15.64 23.20
N ILE B 1217 33.22 -16.08 22.10
CA ILE B 1217 33.19 -17.50 21.76
C ILE B 1217 33.94 -18.32 22.80
N ASP B 1218 35.03 -17.75 23.34
CA ASP B 1218 35.80 -18.43 24.36
C ASP B 1218 35.01 -18.49 25.68
N GLN B 1219 35.42 -19.42 26.54
CA GLN B 1219 34.81 -19.61 27.86
C GLN B 1219 33.41 -20.20 27.75
N SER B 1220 32.98 -20.57 26.56
CA SER B 1220 31.69 -21.23 26.40
C SER B 1220 31.80 -22.70 26.81
N LEU B 1221 30.70 -23.21 27.39
CA LEU B 1221 30.69 -24.58 27.88
C LEU B 1221 31.12 -25.57 26.81
N ASP B 1222 30.76 -25.31 25.55
CA ASP B 1222 31.12 -26.19 24.45
C ASP B 1222 32.62 -26.37 24.42
N ILE B 1223 33.36 -25.29 24.16
CA ILE B 1223 34.81 -25.37 24.05
C ILE B 1223 35.42 -25.86 25.35
N THR B 1224 34.86 -25.45 26.49
CA THR B 1224 35.48 -25.82 27.77
C THR B 1224 35.44 -27.32 27.99
N THR B 1225 34.29 -27.95 27.80
CA THR B 1225 34.08 -29.33 28.23
C THR B 1225 33.75 -30.29 27.10
N ILE B 1226 32.82 -29.92 26.20
CA ILE B 1226 32.25 -30.91 25.29
C ILE B 1226 33.27 -31.31 24.23
N LEU B 1227 33.73 -30.35 23.43
CA LEU B 1227 34.69 -30.64 22.37
C LEU B 1227 35.94 -31.36 22.85
N PRO B 1228 36.63 -30.93 23.92
CA PRO B 1228 37.93 -31.55 24.24
C PRO B 1228 37.88 -33.06 24.41
N ALA B 1229 36.72 -33.62 24.77
CA ALA B 1229 36.56 -35.06 24.89
C ALA B 1229 35.80 -35.66 23.72
N VAL B 1230 35.57 -34.90 22.64
CA VAL B 1230 34.72 -35.34 21.55
C VAL B 1230 35.40 -35.14 20.20
N GLN B 1231 36.56 -34.49 20.19
CA GLN B 1231 37.32 -34.41 18.93
C GLN B 1231 37.60 -35.81 18.39
N GLU B 1232 38.04 -36.72 19.25
CA GLU B 1232 38.32 -38.08 18.81
C GLU B 1232 37.07 -38.75 18.26
N ALA B 1233 35.94 -38.58 18.94
CA ALA B 1233 34.71 -39.20 18.47
C ALA B 1233 34.33 -38.68 17.09
N ILE B 1234 34.38 -37.36 16.89
CA ILE B 1234 33.95 -36.80 15.61
C ILE B 1234 34.92 -37.22 14.49
N GLU B 1235 36.22 -37.27 14.79
CA GLU B 1235 37.17 -37.56 13.73
C GLU B 1235 37.22 -39.05 13.39
N SER B 1236 37.00 -39.94 14.36
CA SER B 1236 37.03 -41.37 14.12
C SER B 1236 35.66 -41.97 13.84
N GLY B 1237 34.59 -41.20 13.95
CA GLY B 1237 33.26 -41.74 13.73
C GLY B 1237 32.92 -42.83 14.73
N LYS B 1238 33.26 -42.60 16.00
CA LYS B 1238 33.02 -43.56 17.07
C LYS B 1238 32.10 -42.93 18.11
N GLU B 1239 31.30 -43.78 18.75
CA GLU B 1239 30.34 -43.31 19.73
C GLU B 1239 31.04 -42.79 20.98
N ALA B 1240 30.43 -41.78 21.60
CA ALA B 1240 30.96 -41.20 22.83
C ALA B 1240 29.79 -40.64 23.63
N ASP B 1241 29.88 -40.77 24.96
CA ASP B 1241 28.85 -40.31 25.87
C ASP B 1241 29.48 -39.49 26.98
N ILE B 1242 28.82 -38.40 27.36
CA ILE B 1242 29.27 -37.51 28.42
C ILE B 1242 28.05 -36.92 29.10
N SER B 1243 28.24 -36.41 30.32
CA SER B 1243 27.21 -35.72 31.08
C SER B 1243 27.75 -34.38 31.53
N ILE B 1244 26.91 -33.34 31.42
CA ILE B 1244 27.34 -31.97 31.68
C ILE B 1244 26.27 -31.26 32.50
N GLU B 1245 26.72 -30.36 33.36
CA GLU B 1245 25.85 -29.47 34.12
C GLU B 1245 25.81 -28.12 33.42
N ILE B 1246 24.61 -27.67 33.07
CA ILE B 1246 24.41 -26.45 32.29
C ILE B 1246 23.53 -25.50 33.07
N ASN B 1247 23.92 -24.23 33.13
CA ASN B 1247 23.15 -23.17 33.74
C ASN B 1247 22.71 -22.18 32.66
N ASN B 1248 21.83 -21.26 33.05
CA ASN B 1248 21.24 -20.35 32.07
C ASN B 1248 22.28 -19.47 31.38
N THR B 1249 23.42 -19.22 32.03
CA THR B 1249 24.45 -18.40 31.40
C THR B 1249 24.97 -19.03 30.12
N ASN B 1250 25.19 -20.34 30.14
CA ASN B 1250 25.59 -21.05 28.92
C ASN B 1250 24.44 -21.00 27.93
N ARG B 1251 24.64 -20.30 26.80
CA ARG B 1251 23.52 -19.96 25.92
C ARG B 1251 23.17 -21.11 24.97
N VAL B 1252 24.11 -21.50 24.11
CA VAL B 1252 23.78 -22.34 22.96
C VAL B 1252 23.91 -23.81 23.32
N ALA B 1253 25.13 -24.23 23.69
CA ALA B 1253 25.36 -25.59 24.19
C ALA B 1253 25.03 -26.65 23.13
N GLY B 1254 25.84 -26.66 22.07
CA GLY B 1254 25.78 -27.75 21.10
C GLY B 1254 25.99 -27.34 19.66
N THR B 1255 25.69 -26.09 19.34
CA THR B 1255 25.85 -25.62 17.96
C THR B 1255 27.30 -25.77 17.49
N ILE B 1256 28.27 -25.59 18.39
CA ILE B 1256 29.66 -25.71 18.00
C ILE B 1256 29.98 -27.13 17.56
N THR B 1257 29.56 -28.12 18.36
CA THR B 1257 29.78 -29.51 17.99
C THR B 1257 29.04 -29.85 16.69
N GLY B 1258 27.82 -29.34 16.52
CA GLY B 1258 27.10 -29.57 15.29
C GLY B 1258 27.83 -29.00 14.08
N SER B 1259 28.35 -27.79 14.21
CA SER B 1259 29.10 -27.18 13.12
C SER B 1259 30.36 -27.99 12.80
N GLU B 1260 31.05 -28.47 13.84
CA GLU B 1260 32.23 -29.30 13.60
C GLU B 1260 31.86 -30.57 12.84
N ILE B 1261 30.77 -31.23 13.25
CA ILE B 1261 30.35 -32.45 12.58
C ILE B 1261 30.02 -32.16 11.12
N SER B 1262 29.25 -31.09 10.88
CA SER B 1262 28.85 -30.77 9.51
C SER B 1262 30.06 -30.45 8.65
N LYS B 1263 31.01 -29.68 9.18
CA LYS B 1263 32.20 -29.34 8.42
C LYS B 1263 33.01 -30.58 8.09
N ARG B 1264 33.14 -31.50 9.05
CA ARG B 1264 33.98 -32.67 8.82
C ARG B 1264 33.33 -33.64 7.85
N TYR B 1265 32.03 -33.85 7.95
CA TYR B 1265 31.33 -34.87 7.16
C TYR B 1265 30.43 -34.28 6.09
N GLY B 1266 29.48 -33.42 6.47
CA GLY B 1266 28.61 -32.76 5.53
C GLY B 1266 27.16 -33.10 5.81
N GLU B 1267 26.36 -33.07 4.74
CA GLU B 1267 24.93 -33.27 4.87
C GLU B 1267 24.58 -34.67 5.36
N GLU B 1268 25.37 -35.67 4.96
CA GLU B 1268 25.05 -37.04 5.32
C GLU B 1268 25.04 -37.23 6.83
N GLY B 1269 25.99 -36.62 7.53
CA GLY B 1269 26.05 -36.76 8.97
C GLY B 1269 26.65 -38.08 9.40
N LEU B 1270 26.24 -38.54 10.59
CA LEU B 1270 26.75 -39.77 11.18
C LEU B 1270 25.61 -40.77 11.35
N PRO B 1271 25.91 -42.03 11.69
CA PRO B 1271 24.84 -42.98 11.99
C PRO B 1271 24.00 -42.50 13.17
N GLU B 1272 22.76 -42.97 13.21
CA GLU B 1272 21.81 -42.50 14.22
C GLU B 1272 22.36 -42.74 15.62
N ASP B 1273 22.25 -41.71 16.47
CA ASP B 1273 22.69 -41.78 17.86
C ASP B 1273 24.17 -42.13 17.95
N THR B 1274 25.00 -41.24 17.39
CA THR B 1274 26.45 -41.37 17.50
C THR B 1274 27.00 -40.60 18.69
N ILE B 1275 26.50 -39.39 18.93
CA ILE B 1275 26.89 -38.58 20.06
C ILE B 1275 25.66 -38.38 20.94
N LYS B 1276 25.75 -38.80 22.19
CA LYS B 1276 24.63 -38.77 23.13
C LYS B 1276 25.01 -37.83 24.28
N LEU B 1277 24.70 -36.55 24.12
CA LEU B 1277 24.99 -35.56 25.15
C LEU B 1277 23.86 -35.51 26.16
N HIS B 1278 24.21 -35.59 27.44
CA HIS B 1278 23.27 -35.40 28.54
C HIS B 1278 23.40 -33.99 29.10
N PHE B 1279 22.31 -33.51 29.69
CA PHE B 1279 22.29 -32.20 30.32
C PHE B 1279 21.38 -32.24 31.52
N THR B 1280 21.58 -31.30 32.44
CA THR B 1280 20.79 -31.22 33.66
C THR B 1280 20.61 -29.76 34.03
N GLY B 1281 19.48 -29.46 34.68
CA GLY B 1281 19.20 -28.11 35.11
C GLY B 1281 18.67 -27.24 33.98
N SER B 1282 18.41 -25.98 34.33
CA SER B 1282 17.89 -25.03 33.35
C SER B 1282 18.88 -24.81 32.22
N ALA B 1283 18.37 -24.75 31.00
CA ALA B 1283 19.18 -24.52 29.81
C ALA B 1283 19.11 -23.07 29.39
N GLY B 1284 20.04 -22.69 28.49
CA GLY B 1284 20.09 -21.33 28.00
C GLY B 1284 19.22 -21.12 26.76
N GLN B 1285 19.13 -19.86 26.35
CA GLN B 1285 18.33 -19.51 25.20
C GLN B 1285 18.92 -20.11 23.93
N SER B 1286 18.05 -20.46 22.98
CA SER B 1286 18.46 -21.05 21.72
C SER B 1286 19.28 -22.33 21.93
N PHE B 1287 18.84 -23.14 22.88
CA PHE B 1287 19.54 -24.39 23.18
C PHE B 1287 19.44 -25.36 22.01
N GLY B 1288 20.56 -26.01 21.71
CA GLY B 1288 20.56 -27.06 20.70
C GLY B 1288 20.17 -26.58 19.32
N ALA B 1289 20.64 -25.40 18.92
CA ALA B 1289 20.35 -24.88 17.60
C ALA B 1289 21.32 -25.42 16.56
N PHE B 1290 20.83 -25.57 15.33
CA PHE B 1290 21.64 -26.02 14.21
C PHE B 1290 22.24 -27.42 14.46
N VAL B 1291 21.53 -28.24 15.23
CA VAL B 1291 22.06 -29.59 15.51
C VAL B 1291 21.91 -30.44 14.26
N PRO B 1292 22.96 -31.10 13.78
CA PRO B 1292 22.84 -31.95 12.59
C PRO B 1292 22.32 -33.34 12.94
N LYS B 1293 22.13 -34.14 11.89
CA LYS B 1293 21.68 -35.52 12.07
C LYS B 1293 22.75 -36.36 12.75
N GLY B 1294 22.31 -37.30 13.58
CA GLY B 1294 23.19 -38.19 14.30
C GLY B 1294 23.44 -37.77 15.74
N MET B 1295 23.19 -36.51 16.08
CA MET B 1295 23.35 -36.05 17.44
C MET B 1295 22.09 -36.32 18.26
N THR B 1296 22.22 -36.23 19.58
CA THR B 1296 21.10 -36.47 20.47
C THR B 1296 21.37 -35.71 21.77
N LEU B 1297 20.47 -34.79 22.12
CA LEU B 1297 20.65 -33.93 23.29
C LEU B 1297 19.58 -34.26 24.31
N TYR B 1298 19.93 -35.12 25.26
CA TYR B 1298 19.05 -35.37 26.41
C TYR B 1298 19.15 -34.20 27.38
N LEU B 1299 18.07 -33.42 27.47
CA LEU B 1299 18.01 -32.26 28.37
C LEU B 1299 17.03 -32.58 29.48
N ASP B 1300 17.54 -33.13 30.58
CA ASP B 1300 16.72 -33.51 31.72
C ASP B 1300 16.42 -32.28 32.58
N GLY B 1301 15.57 -31.41 32.03
CA GLY B 1301 15.19 -30.19 32.71
C GLY B 1301 14.25 -29.32 31.90
N ASP B 1302 14.32 -28.01 32.09
CA ASP B 1302 13.50 -27.06 31.37
C ASP B 1302 14.41 -26.05 30.67
N SER B 1303 13.95 -25.59 29.51
CA SER B 1303 14.76 -24.76 28.62
C SER B 1303 14.13 -23.37 28.49
N ASN B 1304 14.73 -22.57 27.63
CA ASN B 1304 14.29 -21.21 27.33
C ASN B 1304 13.91 -21.13 25.84
N ASP B 1305 13.69 -19.91 25.35
CA ASP B 1305 13.12 -19.70 24.04
C ASP B 1305 13.98 -20.34 22.94
N TYR B 1306 13.38 -20.49 21.76
CA TYR B 1306 14.07 -20.82 20.53
C TYR B 1306 14.74 -22.19 20.58
N VAL B 1307 14.14 -23.15 21.27
CA VAL B 1307 14.73 -24.48 21.36
C VAL B 1307 14.81 -25.09 19.97
N GLY B 1308 15.94 -25.74 19.69
CA GLY B 1308 16.13 -26.39 18.41
C GLY B 1308 16.05 -25.47 17.22
N LYS B 1309 16.54 -24.23 17.35
CA LYS B 1309 16.48 -23.28 16.25
C LYS B 1309 17.27 -23.82 15.05
N GLY B 1310 16.63 -23.79 13.88
CA GLY B 1310 17.30 -24.24 12.68
C GLY B 1310 17.79 -25.67 12.74
N LEU B 1311 16.98 -26.57 13.30
CA LEU B 1311 17.38 -27.96 13.41
C LEU B 1311 17.56 -28.59 12.03
N SER B 1312 18.56 -29.45 11.90
CA SER B 1312 18.87 -30.14 10.65
C SER B 1312 19.12 -31.62 10.92
N GLY B 1313 18.27 -32.22 11.72
CA GLY B 1313 18.35 -33.62 12.07
C GLY B 1313 18.66 -33.81 13.55
N GLY B 1314 18.68 -35.08 13.95
CA GLY B 1314 18.96 -35.43 15.33
C GLY B 1314 17.74 -35.41 16.21
N LYS B 1315 17.88 -35.87 17.44
CA LYS B 1315 16.79 -35.93 18.40
C LYS B 1315 16.95 -34.86 19.47
N ILE B 1316 15.82 -34.42 20.02
CA ILE B 1316 15.79 -33.51 21.16
C ILE B 1316 14.74 -34.01 22.13
N ILE B 1317 15.18 -34.47 23.30
CA ILE B 1317 14.31 -35.02 24.32
C ILE B 1317 14.37 -34.09 25.53
N VAL B 1318 13.22 -33.54 25.89
CA VAL B 1318 13.10 -32.62 27.02
C VAL B 1318 12.13 -33.22 28.01
N LYS B 1319 12.59 -33.47 29.23
CA LYS B 1319 11.76 -34.02 30.29
C LYS B 1319 11.93 -33.17 31.55
N SER B 1320 10.84 -33.05 32.32
CA SER B 1320 10.86 -32.25 33.52
C SER B 1320 11.89 -32.79 34.51
N SER B 1321 12.17 -31.98 35.53
CA SER B 1321 13.18 -32.35 36.52
C SER B 1321 12.79 -33.64 37.24
N GLU B 1322 13.79 -34.25 37.87
CA GLU B 1322 13.59 -35.50 38.59
C GLU B 1322 12.79 -35.32 39.88
N GLY B 1323 12.95 -34.18 40.56
CA GLY B 1323 12.22 -33.92 41.77
C GLY B 1323 10.83 -33.38 41.58
N PHE B 1324 10.41 -33.15 40.34
CA PHE B 1324 9.09 -32.61 40.03
C PHE B 1324 8.14 -33.78 39.79
N ASN B 1325 7.09 -33.86 40.61
CA ASN B 1325 6.17 -35.00 40.60
C ASN B 1325 4.77 -34.63 40.12
N SER B 1326 4.49 -33.36 39.88
CA SER B 1326 3.16 -32.94 39.44
C SER B 1326 3.04 -33.21 37.94
N ALA B 1327 1.96 -32.70 37.33
CA ALA B 1327 1.67 -32.99 35.92
C ALA B 1327 2.62 -32.20 35.03
N SER B 1328 3.80 -32.80 34.80
CA SER B 1328 4.77 -32.19 33.89
C SER B 1328 4.18 -32.03 32.50
N ASP B 1329 3.29 -32.93 32.10
CA ASP B 1329 2.58 -32.79 30.83
C ASP B 1329 1.62 -31.62 30.82
N ASP B 1330 1.29 -31.04 31.98
CA ASP B 1330 0.44 -29.87 32.08
C ASP B 1330 1.17 -28.61 32.48
N ASN B 1331 2.44 -28.71 32.87
CA ASN B 1331 3.26 -27.54 33.18
C ASN B 1331 4.18 -27.23 32.01
N VAL B 1332 4.22 -25.96 31.60
CA VAL B 1332 5.02 -25.58 30.44
C VAL B 1332 6.49 -25.86 30.70
N ILE B 1333 7.19 -26.31 29.66
CA ILE B 1333 8.60 -26.67 29.77
C ILE B 1333 9.45 -26.09 28.65
N ILE B 1334 8.85 -25.31 27.73
CA ILE B 1334 9.58 -24.71 26.62
C ILE B 1334 9.13 -23.26 26.49
N GLY B 1335 9.98 -22.45 25.87
CA GLY B 1335 9.70 -21.04 25.67
C GLY B 1335 8.72 -20.80 24.53
N ASN B 1336 8.64 -19.54 24.11
CA ASN B 1336 7.68 -19.13 23.10
C ASN B 1336 7.85 -19.91 21.81
N VAL B 1337 8.99 -19.72 21.15
CA VAL B 1337 9.23 -20.24 19.80
C VAL B 1337 10.14 -21.44 19.90
N ALA B 1338 9.78 -22.50 19.17
CA ALA B 1338 10.57 -23.71 19.13
C ALA B 1338 10.69 -24.19 17.68
N PHE B 1339 11.89 -24.62 17.31
CA PHE B 1339 12.13 -25.25 16.02
C PHE B 1339 11.85 -24.30 14.86
N TYR B 1340 12.16 -23.02 15.04
CA TYR B 1340 11.91 -22.03 14.01
C TYR B 1340 12.81 -22.29 12.79
N GLY B 1341 12.19 -22.58 11.65
CA GLY B 1341 12.92 -22.74 10.42
C GLY B 1341 13.63 -24.06 10.25
N ALA B 1342 13.39 -25.03 11.13
CA ALA B 1342 14.07 -26.31 11.02
C ALA B 1342 13.61 -27.04 9.75
N THR B 1343 14.43 -28.00 9.32
CA THR B 1343 14.22 -28.72 8.06
C THR B 1343 13.90 -30.19 8.24
N SER B 1344 14.53 -30.86 9.21
CA SER B 1344 14.30 -32.29 9.39
C SER B 1344 14.86 -32.71 10.74
N GLY B 1345 14.14 -33.59 11.43
CA GLY B 1345 14.57 -34.08 12.73
C GLY B 1345 13.37 -34.59 13.50
N GLU B 1346 13.64 -34.93 14.76
CA GLU B 1346 12.63 -35.43 15.68
C GLU B 1346 12.66 -34.60 16.95
N ALA B 1347 11.67 -34.81 17.81
CA ALA B 1347 11.58 -34.09 19.07
C ALA B 1347 10.53 -34.74 19.95
N TYR B 1348 10.75 -34.68 21.26
CA TYR B 1348 9.82 -35.24 22.23
C TYR B 1348 9.83 -34.32 23.47
N ILE B 1349 8.86 -33.42 23.52
CA ILE B 1349 8.75 -32.44 24.60
C ILE B 1349 7.72 -32.96 25.60
N ASN B 1350 8.12 -33.08 26.86
CA ASN B 1350 7.26 -33.61 27.92
C ASN B 1350 6.54 -32.48 28.67
N GLY B 1351 5.83 -31.63 27.94
CA GLY B 1351 5.10 -30.56 28.58
C GLY B 1351 4.57 -29.58 27.55
N ARG B 1352 3.79 -28.62 28.05
CA ARG B 1352 3.22 -27.58 27.20
C ARG B 1352 4.33 -26.74 26.58
N ALA B 1353 4.05 -26.16 25.42
CA ALA B 1353 4.98 -25.28 24.72
C ALA B 1353 4.49 -23.84 24.84
N GLY B 1354 5.25 -22.92 24.25
CA GLY B 1354 4.94 -21.51 24.30
C GLY B 1354 4.21 -21.02 23.06
N GLU B 1355 3.95 -19.71 23.05
CA GLU B 1355 3.23 -19.09 21.96
C GLU B 1355 4.07 -19.13 20.68
N ARG B 1356 3.43 -19.43 19.56
CA ARG B 1356 4.11 -19.63 18.28
C ARG B 1356 5.06 -20.81 18.34
N PHE B 1357 4.50 -21.98 18.63
CA PHE B 1357 5.28 -23.21 18.62
C PHE B 1357 5.40 -23.75 17.20
N ALA B 1358 6.60 -24.16 16.83
CA ALA B 1358 6.87 -24.69 15.49
C ALA B 1358 6.44 -23.69 14.41
N VAL B 1359 7.05 -22.51 14.47
CA VAL B 1359 6.64 -21.40 13.61
C VAL B 1359 6.82 -21.75 12.14
N ARG B 1360 7.99 -22.29 11.79
CA ARG B 1360 8.33 -22.61 10.41
C ARG B 1360 8.88 -24.02 10.31
N ASN B 1361 8.22 -24.98 10.97
CA ASN B 1361 8.61 -26.37 10.84
C ASN B 1361 8.48 -26.82 9.39
N SER B 1362 9.51 -27.48 8.87
CA SER B 1362 9.55 -27.89 7.47
C SER B 1362 10.10 -29.31 7.36
N GLY B 1363 9.64 -30.20 8.24
CA GLY B 1363 10.04 -31.59 8.17
C GLY B 1363 10.33 -32.24 9.50
N VAL B 1364 10.30 -31.46 10.58
CA VAL B 1364 10.62 -31.96 11.91
C VAL B 1364 9.36 -32.51 12.54
N ASN B 1365 9.40 -33.77 12.94
CA ASN B 1365 8.30 -34.38 13.67
C ASN B 1365 8.47 -34.09 15.17
N VAL B 1366 7.41 -33.59 15.80
CA VAL B 1366 7.45 -33.18 17.19
C VAL B 1366 6.28 -33.80 17.93
N VAL B 1367 6.47 -33.97 19.24
CA VAL B 1367 5.43 -34.47 20.14
C VAL B 1367 5.39 -33.55 21.35
N VAL B 1368 4.24 -32.93 21.59
CA VAL B 1368 4.08 -31.98 22.69
C VAL B 1368 2.73 -32.21 23.35
N GLU B 1369 2.67 -31.92 24.66
CA GLU B 1369 1.43 -31.98 25.42
C GLU B 1369 0.90 -30.56 25.57
N GLY B 1370 0.24 -30.09 24.52
CA GLY B 1370 -0.32 -28.76 24.51
C GLY B 1370 0.66 -27.72 23.99
N ILE B 1371 0.14 -26.68 23.33
CA ILE B 1371 0.98 -25.60 22.80
C ILE B 1371 0.29 -24.27 23.08
N GLY B 1372 1.06 -23.19 22.95
CA GLY B 1372 0.53 -21.86 23.16
C GLY B 1372 -0.31 -21.38 21.99
N ASP B 1373 -0.32 -20.07 21.76
CA ASP B 1373 -1.13 -19.47 20.70
C ASP B 1373 -0.31 -19.32 19.43
N HIS B 1374 -1.02 -19.29 18.30
CA HIS B 1374 -0.40 -19.18 16.97
C HIS B 1374 0.52 -20.36 16.66
N GLY B 1375 0.30 -21.51 17.30
CA GLY B 1375 1.17 -22.64 17.05
C GLY B 1375 1.04 -23.15 15.64
N CYS B 1376 2.14 -23.70 15.12
CA CYS B 1376 2.19 -24.25 13.77
C CYS B 1376 1.78 -23.20 12.74
N GLU B 1377 2.34 -21.99 12.89
CA GLU B 1377 1.88 -20.86 12.10
C GLU B 1377 2.11 -21.08 10.61
N TYR B 1378 3.37 -21.21 10.19
CA TYR B 1378 3.75 -21.26 8.79
C TYR B 1378 4.47 -22.56 8.44
N MET B 1379 3.92 -23.69 8.89
CA MET B 1379 4.53 -24.97 8.53
C MET B 1379 4.47 -25.20 7.02
N THR B 1380 5.45 -25.93 6.51
CA THR B 1380 5.49 -26.30 5.10
C THR B 1380 5.90 -27.77 4.93
N GLY B 1381 5.65 -28.58 5.95
CA GLY B 1381 6.02 -29.99 5.89
C GLY B 1381 6.07 -30.58 7.28
N GLY B 1382 6.65 -31.78 7.36
CA GLY B 1382 6.78 -32.44 8.64
C GLY B 1382 5.44 -32.84 9.21
N SER B 1383 5.40 -32.99 10.53
CA SER B 1383 4.17 -33.35 11.23
C SER B 1383 4.28 -32.92 12.68
N VAL B 1384 3.12 -32.73 13.30
CA VAL B 1384 3.02 -32.38 14.71
C VAL B 1384 1.96 -33.24 15.35
N VAL B 1385 2.21 -33.65 16.60
CA VAL B 1385 1.29 -34.52 17.33
C VAL B 1385 1.07 -33.92 18.71
N VAL B 1386 -0.01 -33.15 18.86
CA VAL B 1386 -0.31 -32.44 20.10
C VAL B 1386 -1.17 -33.35 20.98
N LEU B 1387 -0.64 -33.73 22.14
CA LEU B 1387 -1.37 -34.57 23.09
C LEU B 1387 -2.06 -33.72 24.16
N GLY B 1388 -2.88 -32.76 23.73
CA GLY B 1388 -3.57 -31.92 24.70
C GLY B 1388 -4.27 -30.76 24.02
N ASP B 1389 -4.56 -29.74 24.81
CA ASP B 1389 -5.28 -28.57 24.33
C ASP B 1389 -4.43 -27.81 23.31
N VAL B 1390 -5.03 -26.78 22.74
CA VAL B 1390 -4.36 -25.94 21.74
C VAL B 1390 -4.89 -24.52 21.85
N GLY B 1391 -4.00 -23.56 21.65
CA GLY B 1391 -4.37 -22.16 21.73
C GLY B 1391 -5.14 -21.71 20.49
N LYS B 1392 -5.60 -20.47 20.55
CA LYS B 1392 -6.40 -19.92 19.47
C LYS B 1392 -5.52 -19.63 18.25
N ASN B 1393 -6.17 -19.48 17.10
CA ASN B 1393 -5.49 -19.17 15.84
C ASN B 1393 -4.48 -20.24 15.46
N PHE B 1394 -4.77 -21.49 15.80
CA PHE B 1394 -3.89 -22.58 15.42
C PHE B 1394 -3.84 -22.74 13.90
N ALA B 1395 -2.66 -23.08 13.39
CA ALA B 1395 -2.46 -23.29 11.96
C ALA B 1395 -2.88 -22.05 11.16
N ALA B 1396 -2.35 -20.91 11.57
CA ALA B 1396 -2.64 -19.64 10.90
C ALA B 1396 -1.70 -19.49 9.72
N GLY B 1397 -2.21 -19.72 8.51
CA GLY B 1397 -1.39 -19.69 7.32
C GLY B 1397 -0.68 -20.99 7.01
N MET B 1398 -0.96 -22.06 7.74
CA MET B 1398 -0.32 -23.35 7.50
C MET B 1398 -0.61 -23.81 6.08
N SER B 1399 0.43 -23.84 5.25
CA SER B 1399 0.31 -24.17 3.84
C SER B 1399 0.83 -25.58 3.52
N GLY B 1400 1.25 -26.34 4.52
CA GLY B 1400 1.72 -27.67 4.26
C GLY B 1400 1.85 -28.47 5.55
N GLY B 1401 2.33 -29.70 5.41
CA GLY B 1401 2.51 -30.54 6.57
C GLY B 1401 1.20 -31.08 7.11
N ILE B 1402 1.32 -31.75 8.25
CA ILE B 1402 0.19 -32.38 8.93
C ILE B 1402 0.28 -32.02 10.41
N ALA B 1403 -0.86 -32.12 11.10
CA ALA B 1403 -0.92 -31.85 12.53
C ALA B 1403 -1.98 -32.75 13.14
N TYR B 1404 -1.55 -33.88 13.70
CA TYR B 1404 -2.46 -34.80 14.38
C TYR B 1404 -2.70 -34.27 15.78
N VAL B 1405 -3.66 -33.37 15.90
CA VAL B 1405 -3.94 -32.67 17.15
C VAL B 1405 -4.96 -33.48 17.94
N LEU B 1406 -4.55 -33.96 19.10
CA LEU B 1406 -5.49 -34.63 19.99
C LEU B 1406 -6.45 -33.62 20.60
N THR B 1407 -7.70 -34.03 20.76
CA THR B 1407 -8.70 -33.16 21.38
C THR B 1407 -9.90 -34.00 21.78
N GLU B 1408 -10.73 -33.42 22.65
CA GLU B 1408 -11.97 -34.05 23.11
C GLU B 1408 -13.19 -33.26 22.64
N ASP B 1409 -13.24 -31.95 22.91
CA ASP B 1409 -14.36 -31.12 22.49
C ASP B 1409 -14.12 -30.73 21.03
N VAL B 1410 -14.71 -31.51 20.13
CA VAL B 1410 -14.45 -31.32 18.70
C VAL B 1410 -14.89 -29.93 18.26
N LYS B 1411 -16.09 -29.52 18.66
CA LYS B 1411 -16.61 -28.22 18.22
C LYS B 1411 -15.76 -27.08 18.76
N ALA B 1412 -15.30 -27.17 20.01
CA ALA B 1412 -14.42 -26.15 20.55
C ALA B 1412 -13.12 -26.09 19.76
N PHE B 1413 -12.60 -27.26 19.36
CA PHE B 1413 -11.40 -27.27 18.52
C PHE B 1413 -11.68 -26.61 17.17
N LYS B 1414 -12.85 -26.89 16.60
CA LYS B 1414 -13.24 -26.26 15.34
C LYS B 1414 -13.19 -24.74 15.47
N ARG B 1415 -13.80 -24.24 16.55
CA ARG B 1415 -13.87 -22.80 16.76
C ARG B 1415 -12.48 -22.21 16.99
N LYS B 1416 -11.64 -22.91 17.76
CA LYS B 1416 -10.31 -22.39 18.05
C LYS B 1416 -9.47 -22.30 16.79
N CYS B 1417 -9.53 -23.31 15.94
CA CYS B 1417 -8.72 -23.32 14.73
C CYS B 1417 -9.15 -22.24 13.75
N ASN B 1418 -8.20 -21.77 12.95
CA ASN B 1418 -8.48 -20.81 11.89
C ASN B 1418 -8.88 -21.59 10.64
N LEU B 1419 -10.06 -21.29 10.10
CA LEU B 1419 -10.67 -22.10 9.05
C LEU B 1419 -10.26 -21.69 7.66
N GLU B 1420 -9.33 -20.74 7.52
CA GLU B 1420 -9.03 -20.18 6.19
C GLU B 1420 -8.47 -21.24 5.24
N MET B 1421 -7.41 -21.93 5.67
CA MET B 1421 -6.63 -22.78 4.76
C MET B 1421 -6.27 -24.11 5.42
N ILE B 1422 -7.26 -24.77 6.03
CA ILE B 1422 -7.03 -26.10 6.62
C ILE B 1422 -8.29 -26.94 6.45
N LEU B 1423 -8.08 -28.22 6.17
CA LEU B 1423 -9.14 -29.21 6.08
C LEU B 1423 -8.93 -30.29 7.13
N PHE B 1424 -10.00 -30.67 7.81
CA PHE B 1424 -9.93 -31.62 8.92
C PHE B 1424 -10.48 -32.97 8.50
N GLU B 1425 -9.98 -34.02 9.16
CA GLU B 1425 -10.38 -35.39 8.85
C GLU B 1425 -10.34 -36.21 10.15
N SER B 1426 -10.55 -37.52 9.99
CA SER B 1426 -10.36 -38.47 11.06
C SER B 1426 -9.48 -39.59 10.55
N LEU B 1427 -8.61 -40.11 11.41
CA LEU B 1427 -7.61 -41.08 10.98
C LEU B 1427 -8.28 -42.34 10.46
N GLU B 1428 -7.96 -42.70 9.22
CA GLU B 1428 -8.47 -43.91 8.60
C GLU B 1428 -7.35 -44.72 7.98
N ASP B 1429 -6.24 -44.07 7.64
CA ASP B 1429 -5.15 -44.76 6.97
C ASP B 1429 -4.36 -45.60 7.95
N GLU B 1430 -4.16 -46.88 7.59
CA GLU B 1430 -3.39 -47.78 8.46
C GLU B 1430 -1.96 -47.30 8.61
N LYS B 1431 -1.36 -46.79 7.53
CA LYS B 1431 0.01 -46.29 7.62
C LYS B 1431 0.09 -45.08 8.55
N GLU B 1432 -0.88 -44.17 8.47
CA GLU B 1432 -0.88 -43.03 9.39
C GLU B 1432 -1.02 -43.51 10.83
N ILE B 1433 -1.92 -44.46 11.07
CA ILE B 1433 -2.11 -44.99 12.42
C ILE B 1433 -0.82 -45.60 12.93
N GLN B 1434 -0.15 -46.39 12.08
CA GLN B 1434 1.09 -47.04 12.50
C GLN B 1434 2.20 -46.03 12.76
N GLN B 1435 2.28 -44.98 11.93
CA GLN B 1435 3.28 -43.95 12.16
C GLN B 1435 3.05 -43.25 13.49
N ILE B 1436 1.79 -42.90 13.79
CA ILE B 1436 1.50 -42.26 15.07
C ILE B 1436 1.81 -43.20 16.22
N LYS B 1437 1.48 -44.49 16.06
CA LYS B 1437 1.76 -45.46 17.12
C LYS B 1437 3.26 -45.58 17.37
N ALA B 1438 4.06 -45.63 16.30
CA ALA B 1438 5.51 -45.73 16.46
C ALA B 1438 6.06 -44.46 17.11
N MET B 1439 5.56 -43.30 16.71
CA MET B 1439 6.02 -42.05 17.32
C MET B 1439 5.72 -42.02 18.80
N LEU B 1440 4.50 -42.45 19.19
CA LEU B 1440 4.16 -42.49 20.61
C LEU B 1440 4.98 -43.54 21.36
N GLU B 1441 5.29 -44.66 20.70
CA GLU B 1441 6.12 -45.69 21.33
C GLU B 1441 7.51 -45.14 21.62
N ARG B 1442 8.11 -44.44 20.66
CA ARG B 1442 9.41 -43.83 20.90
C ARG B 1442 9.30 -42.76 21.97
N HIS B 1443 8.23 -41.97 21.95
CA HIS B 1443 8.02 -40.94 22.97
C HIS B 1443 8.02 -41.55 24.36
N THR B 1444 7.24 -42.61 24.57
CA THR B 1444 7.22 -43.22 25.90
C THR B 1444 8.56 -43.82 26.24
N ALA B 1445 9.19 -44.54 25.29
CA ALA B 1445 10.46 -45.19 25.58
C ALA B 1445 11.52 -44.19 25.99
N TYR B 1446 11.43 -42.95 25.47
CA TYR B 1446 12.44 -41.94 25.76
C TYR B 1446 12.06 -40.99 26.89
N THR B 1447 10.79 -40.95 27.30
CA THR B 1447 10.35 -39.94 28.26
C THR B 1447 9.70 -40.52 29.52
N ASN B 1448 8.98 -41.63 29.40
CA ASN B 1448 8.16 -42.17 30.48
C ASN B 1448 7.02 -41.21 30.84
N SER B 1449 6.34 -40.71 29.82
CA SER B 1449 5.22 -39.79 30.04
C SER B 1449 3.94 -40.57 30.33
N GLN B 1450 3.27 -40.20 31.43
CA GLN B 1450 2.06 -40.90 31.83
C GLN B 1450 0.93 -40.70 30.81
N LYS B 1451 0.82 -39.49 30.25
CA LYS B 1451 -0.20 -39.26 29.24
C LYS B 1451 0.02 -40.16 28.03
N ALA B 1452 1.26 -40.26 27.56
CA ALA B 1452 1.56 -41.12 26.42
C ALA B 1452 1.30 -42.58 26.76
N GLU B 1453 1.67 -43.01 27.96
CA GLU B 1453 1.43 -44.40 28.36
C GLU B 1453 -0.06 -44.71 28.39
N ASP B 1454 -0.86 -43.78 28.94
CA ASP B 1454 -2.30 -43.99 28.99
C ASP B 1454 -2.89 -44.02 27.58
N LEU B 1455 -2.39 -43.16 26.69
CA LEU B 1455 -2.88 -43.17 25.31
C LEU B 1455 -2.54 -44.48 24.62
N LEU B 1456 -1.33 -45.01 24.84
CA LEU B 1456 -0.99 -46.31 24.29
C LEU B 1456 -1.90 -47.39 24.84
N ASP B 1457 -2.20 -47.34 26.13
CA ASP B 1457 -3.09 -48.33 26.74
C ASP B 1457 -4.49 -48.27 26.11
N GLN B 1458 -5.02 -47.06 25.94
CA GLN B 1458 -6.37 -46.86 25.42
C GLN B 1458 -6.37 -46.52 23.93
N TRP B 1459 -5.37 -46.99 23.19
CA TRP B 1459 -5.30 -46.87 21.74
C TRP B 1459 -6.65 -47.01 21.04
N GLU B 1460 -7.50 -47.93 21.51
CA GLU B 1460 -8.79 -48.15 20.85
C GLU B 1460 -9.62 -46.88 20.84
N ASP B 1461 -9.69 -46.18 21.98
CA ASP B 1461 -10.39 -44.90 22.03
C ASP B 1461 -9.56 -43.78 21.40
N SER B 1462 -8.23 -43.87 21.53
CA SER B 1462 -7.37 -42.80 21.06
C SER B 1462 -7.45 -42.64 19.55
N VAL B 1463 -7.49 -43.75 18.81
CA VAL B 1463 -7.56 -43.66 17.35
C VAL B 1463 -8.84 -42.94 16.93
N LYS B 1464 -9.93 -43.19 17.66
CA LYS B 1464 -11.19 -42.50 17.34
C LYS B 1464 -11.12 -41.03 17.71
N LYS B 1465 -10.49 -40.72 18.85
CA LYS B 1465 -10.50 -39.35 19.35
C LYS B 1465 -9.47 -38.45 18.66
N PHE B 1466 -8.49 -39.02 17.95
CA PHE B 1466 -7.53 -38.19 17.25
C PHE B 1466 -8.23 -37.36 16.16
N VAL B 1467 -7.62 -36.22 15.86
CA VAL B 1467 -8.11 -35.31 14.82
C VAL B 1467 -6.92 -34.94 13.93
N LYS B 1468 -7.13 -35.00 12.61
CA LYS B 1468 -6.08 -34.74 11.64
C LYS B 1468 -6.40 -33.47 10.87
N VAL B 1469 -5.37 -32.67 10.60
CA VAL B 1469 -5.49 -31.41 9.88
C VAL B 1469 -4.49 -31.41 8.74
N ILE B 1470 -4.95 -31.01 7.55
CA ILE B 1470 -4.10 -30.97 6.36
C ILE B 1470 -4.59 -29.90 5.40
N PRO B 1471 -3.73 -29.06 4.83
CA PRO B 1471 -4.20 -28.07 3.86
C PRO B 1471 -4.69 -28.70 2.57
N LYS B 1472 -5.59 -27.96 1.90
CA LYS B 1472 -6.20 -28.47 0.67
C LYS B 1472 -5.16 -28.72 -0.41
N ASN B 1473 -4.30 -27.73 -0.66
CA ASN B 1473 -3.30 -27.86 -1.72
C ASN B 1473 -2.32 -28.98 -1.42
N TYR B 1474 -1.88 -29.07 -0.16
CA TYR B 1474 -0.96 -30.15 0.22
C TYR B 1474 -1.61 -31.51 -0.02
N LYS B 1475 -2.86 -31.67 0.41
CA LYS B 1475 -3.55 -32.94 0.24
C LYS B 1475 -3.69 -33.28 -1.25
N GLN B 1476 -4.11 -32.31 -2.06
CA GLN B 1476 -4.31 -32.58 -3.49
C GLN B 1476 -2.99 -32.92 -4.17
N MET B 1477 -1.92 -32.19 -3.84
CA MET B 1477 -0.62 -32.49 -4.44
C MET B 1477 -0.13 -33.87 -4.04
N LEU B 1478 -0.29 -34.24 -2.77
CA LEU B 1478 0.12 -35.56 -2.34
C LEU B 1478 -0.67 -36.64 -3.05
N ALA B 1479 -1.99 -36.45 -3.18
CA ALA B 1479 -2.82 -37.43 -3.87
C ALA B 1479 -2.38 -37.58 -5.32
N SER B 1480 -2.15 -36.46 -6.00
CA SER B 1480 -1.77 -36.52 -7.41
C SER B 1480 -0.42 -37.22 -7.60
N ILE B 1481 0.58 -36.86 -6.78
CA ILE B 1481 1.90 -37.47 -6.93
C ILE B 1481 1.84 -38.95 -6.58
N GLU B 1482 1.03 -39.32 -5.58
CA GLU B 1482 0.87 -40.73 -5.26
C GLU B 1482 0.22 -41.48 -6.41
N GLU B 1483 -0.78 -40.87 -7.05
CA GLU B 1483 -1.43 -41.51 -8.19
C GLU B 1483 -0.43 -41.72 -9.32
N GLN B 1484 0.38 -40.71 -9.61
CA GLN B 1484 1.38 -40.85 -10.67
C GLN B 1484 2.40 -41.94 -10.33
N LYS B 1485 2.86 -41.97 -9.08
CA LYS B 1485 3.84 -42.99 -8.68
C LYS B 1485 3.24 -44.39 -8.79
N ALA B 1486 1.98 -44.55 -8.39
CA ALA B 1486 1.30 -45.84 -8.56
C ALA B 1486 1.19 -46.20 -10.03
N ALA B 1487 0.87 -45.21 -10.88
CA ALA B 1487 0.86 -45.47 -12.32
C ALA B 1487 2.23 -45.93 -12.80
N GLY B 1488 3.30 -45.48 -12.16
CA GLY B 1488 4.62 -46.00 -12.44
C GLY B 1488 5.48 -45.09 -13.29
N LEU B 1489 5.47 -43.79 -12.98
CA LEU B 1489 6.29 -42.81 -13.67
C LEU B 1489 7.45 -42.38 -12.78
N SER B 1490 8.53 -41.93 -13.42
CA SER B 1490 9.70 -41.47 -12.68
C SER B 1490 9.30 -40.31 -11.76
N ASP B 1491 10.11 -40.10 -10.72
CA ASP B 1491 9.78 -39.09 -9.73
C ASP B 1491 9.70 -37.70 -10.35
N GLU B 1492 10.71 -37.33 -11.14
CA GLU B 1492 10.76 -35.99 -11.71
C GLU B 1492 9.60 -35.75 -12.67
N GLU B 1493 9.38 -36.68 -13.60
CA GLU B 1493 8.31 -36.51 -14.57
C GLU B 1493 6.94 -36.51 -13.89
N ALA B 1494 6.76 -37.36 -12.88
CA ALA B 1494 5.50 -37.38 -12.15
C ALA B 1494 5.27 -36.06 -11.42
N ILE B 1495 6.32 -35.52 -10.80
CA ILE B 1495 6.18 -34.24 -10.10
C ILE B 1495 5.82 -33.14 -11.10
N MET B 1496 6.49 -33.12 -12.25
CA MET B 1496 6.21 -32.11 -13.25
C MET B 1496 4.77 -32.22 -13.75
N PHE B 1497 4.32 -33.45 -14.02
CA PHE B 1497 2.96 -33.64 -14.53
C PHE B 1497 1.93 -33.21 -13.49
N ALA B 1498 2.13 -33.59 -12.22
CA ALA B 1498 1.21 -33.20 -11.17
C ALA B 1498 1.18 -31.68 -11.00
N PHE B 1499 2.35 -31.04 -11.05
CA PHE B 1499 2.40 -29.59 -10.93
C PHE B 1499 1.67 -28.92 -12.08
N GLU B 1500 1.87 -29.42 -13.31
CA GLU B 1500 1.17 -28.85 -14.46
C GLU B 1500 -0.33 -29.01 -14.32
N ALA B 1501 -0.78 -30.19 -13.90
CA ALA B 1501 -2.21 -30.42 -13.73
C ALA B 1501 -2.80 -29.51 -12.67
N ASN B 1502 -2.07 -29.31 -11.57
CA ASN B 1502 -2.58 -28.50 -10.48
C ASN B 1502 -2.61 -27.01 -10.84
N THR B 1503 -1.59 -26.53 -11.56
CA THR B 1503 -1.45 -25.12 -11.86
C THR B 1503 -1.62 -24.82 -13.35
N LYS B 1504 -2.48 -25.59 -14.02
CA LYS B 1504 -2.82 -25.31 -15.42
C LYS B 1504 -3.21 -23.85 -15.62
N LYS C 3 -2.07 -11.93 -17.29
CA LYS C 3 -0.75 -12.44 -17.63
C LYS C 3 -0.56 -12.52 -19.13
N PRO C 4 -0.26 -11.38 -19.77
CA PRO C 4 -0.02 -11.39 -21.21
C PRO C 4 1.10 -12.35 -21.59
N THR C 5 0.84 -13.16 -22.63
CA THR C 5 1.81 -14.12 -23.14
C THR C 5 1.83 -14.14 -24.66
N GLY C 6 1.29 -13.09 -25.30
CA GLY C 6 1.19 -13.10 -26.75
C GLY C 6 2.54 -13.16 -27.44
N PHE C 7 3.55 -12.52 -26.84
CA PHE C 7 4.85 -12.43 -27.50
C PHE C 7 5.45 -13.80 -27.79
N MET C 8 5.06 -14.84 -27.05
CA MET C 8 5.52 -16.19 -27.31
C MET C 8 4.42 -17.14 -27.76
N GLU C 9 3.15 -16.85 -27.45
CA GLU C 9 2.05 -17.71 -27.85
C GLU C 9 1.43 -17.29 -29.19
N ILE C 10 1.97 -16.25 -29.83
CA ILE C 10 1.47 -15.77 -31.12
C ILE C 10 2.65 -15.54 -32.04
N LYS C 11 2.42 -15.72 -33.33
CA LYS C 11 3.44 -15.50 -34.36
C LYS C 11 3.01 -14.32 -35.23
N ARG C 12 3.95 -13.42 -35.48
CA ARG C 12 3.65 -12.22 -36.25
C ARG C 12 3.16 -12.59 -37.65
N GLU C 13 2.15 -11.86 -38.13
CA GLU C 13 1.61 -12.06 -39.46
C GLU C 13 1.60 -10.75 -40.23
N LYS C 14 1.00 -10.75 -41.40
CA LYS C 14 0.91 -9.57 -42.25
C LYS C 14 -0.49 -9.50 -42.84
N PRO C 15 -0.92 -8.31 -43.25
CA PRO C 15 -2.30 -8.18 -43.76
C PRO C 15 -2.46 -8.80 -45.14
N ALA C 16 -3.65 -8.66 -45.73
CA ALA C 16 -3.92 -9.20 -47.05
C ALA C 16 -3.42 -8.22 -48.10
N GLU C 17 -2.34 -8.59 -48.79
CA GLU C 17 -1.76 -7.77 -49.85
C GLU C 17 -2.18 -8.30 -51.20
N ARG C 18 -2.39 -7.38 -52.14
CA ARG C 18 -2.72 -7.76 -53.50
C ARG C 18 -1.55 -8.50 -54.13
N ASP C 19 -1.86 -9.49 -54.96
CA ASP C 19 -0.83 -10.37 -55.48
C ASP C 19 0.16 -9.57 -56.34
N PRO C 20 1.46 -9.88 -56.27
CA PRO C 20 2.41 -9.08 -57.07
C PRO C 20 2.13 -9.08 -58.55
N LEU C 21 1.71 -10.21 -59.13
CA LEU C 21 1.51 -10.28 -60.57
C LEU C 21 0.38 -9.38 -61.04
N THR C 22 -0.52 -8.97 -60.16
CA THR C 22 -1.54 -7.98 -60.48
C THR C 22 -1.25 -6.62 -59.86
N ARG C 23 -0.20 -6.51 -59.04
CA ARG C 23 0.17 -5.23 -58.45
C ARG C 23 0.64 -4.21 -59.48
N LEU C 24 1.00 -4.63 -60.69
CA LEU C 24 1.61 -3.76 -61.68
C LEU C 24 0.60 -3.12 -62.62
N LYS C 25 -0.70 -3.37 -62.45
CA LYS C 25 -1.71 -2.89 -63.38
C LYS C 25 -2.51 -1.70 -62.88
N ASP C 26 -2.94 -1.72 -61.62
CA ASP C 26 -3.81 -0.69 -61.08
C ASP C 26 -3.01 0.20 -60.14
N TRP C 27 -3.12 1.51 -60.34
CA TRP C 27 -2.45 2.49 -59.48
C TRP C 27 -3.33 2.71 -58.25
N LYS C 28 -3.18 1.83 -57.28
CA LYS C 28 -3.96 1.90 -56.04
C LYS C 28 -3.10 1.38 -54.90
N GLU C 29 -3.62 1.52 -53.69
CA GLU C 29 -2.91 1.03 -52.51
C GLU C 29 -2.64 -0.46 -52.64
N TYR C 30 -1.40 -0.86 -52.36
CA TYR C 30 -0.97 -2.25 -52.51
C TYR C 30 -1.08 -3.03 -51.20
N SER C 31 -1.78 -2.50 -50.20
CA SER C 31 -1.95 -3.20 -48.94
C SER C 31 -3.21 -2.67 -48.27
N ALA C 32 -3.70 -3.45 -47.31
CA ALA C 32 -4.92 -3.14 -46.58
C ALA C 32 -4.69 -3.37 -45.10
N PRO C 33 -5.48 -2.73 -44.22
CA PRO C 33 -5.28 -2.93 -42.79
C PRO C 33 -5.75 -4.30 -42.32
N PHE C 34 -5.51 -4.60 -41.04
CA PHE C 34 -5.92 -5.88 -40.48
C PHE C 34 -7.44 -5.93 -40.28
N SER C 35 -7.97 -7.14 -40.28
CA SER C 35 -9.33 -7.35 -39.81
C SER C 35 -9.36 -7.20 -38.29
N GLU C 36 -10.56 -7.28 -37.72
CA GLU C 36 -10.70 -7.05 -36.28
C GLU C 36 -9.94 -8.09 -35.48
N GLU C 37 -10.15 -9.37 -35.77
CA GLU C 37 -9.51 -10.43 -34.99
C GLU C 37 -8.00 -10.41 -35.17
N ALA C 38 -7.53 -10.22 -36.40
CA ALA C 38 -6.09 -10.17 -36.65
C ALA C 38 -5.46 -8.98 -35.94
N SER C 39 -6.13 -7.83 -35.97
CA SER C 39 -5.61 -6.65 -35.29
C SER C 39 -5.53 -6.88 -33.79
N LYS C 40 -6.58 -7.49 -33.22
CA LYS C 40 -6.55 -7.79 -31.79
C LYS C 40 -5.40 -8.74 -31.45
N ARG C 41 -5.21 -9.78 -32.26
CA ARG C 41 -4.14 -10.73 -31.99
C ARG C 41 -2.77 -10.05 -32.07
N GLN C 42 -2.56 -9.21 -33.07
CA GLN C 42 -1.27 -8.52 -33.19
C GLN C 42 -1.07 -7.55 -32.04
N GLY C 43 -2.10 -6.82 -31.65
CA GLY C 43 -1.97 -5.90 -30.53
C GLY C 43 -1.67 -6.62 -29.22
N ALA C 44 -2.20 -7.83 -29.07
CA ALA C 44 -1.96 -8.59 -27.85
C ALA C 44 -0.48 -8.91 -27.65
N ARG C 45 0.32 -8.88 -28.71
CA ARG C 45 1.72 -9.27 -28.60
C ARG C 45 2.48 -8.36 -27.65
N CYS C 46 2.27 -7.05 -27.74
CA CYS C 46 3.00 -6.12 -26.90
C CYS C 46 2.68 -6.39 -25.43
N MET C 47 3.71 -6.44 -24.60
CA MET C 47 3.61 -6.98 -23.25
C MET C 47 3.52 -5.90 -22.17
N ASP C 48 2.83 -4.79 -22.46
CA ASP C 48 2.75 -3.67 -21.51
C ASP C 48 4.16 -3.24 -21.11
N CYS C 49 5.04 -3.17 -22.10
CA CYS C 49 6.46 -2.99 -21.92
C CYS C 49 6.79 -1.79 -21.04
N GLY C 50 7.42 -2.03 -19.89
CA GLY C 50 7.89 -0.93 -19.08
C GLY C 50 9.18 -0.35 -19.62
N THR C 51 9.31 0.96 -19.51
CA THR C 51 10.42 1.70 -20.10
C THR C 51 10.56 1.34 -21.58
N PRO C 52 9.52 1.59 -22.38
CA PRO C 52 9.54 1.13 -23.77
C PRO C 52 10.69 1.74 -24.56
N PHE C 53 11.26 0.92 -25.44
CA PHE C 53 12.29 1.38 -26.37
C PHE C 53 11.73 1.75 -27.73
N CYS C 54 10.41 1.68 -27.91
CA CYS C 54 9.76 2.11 -29.13
C CYS C 54 9.38 3.59 -29.09
N GLN C 55 9.75 4.31 -28.03
CA GLN C 55 9.36 5.69 -27.86
C GLN C 55 10.52 6.61 -27.55
N ILE C 56 11.77 6.14 -27.60
CA ILE C 56 12.91 6.99 -27.27
C ILE C 56 13.02 8.15 -28.27
N GLY C 57 12.87 7.85 -29.56
CA GLY C 57 12.89 8.86 -30.59
C GLY C 57 14.04 9.85 -30.50
N ALA C 58 15.26 9.36 -30.69
CA ALA C 58 16.43 10.22 -30.63
C ALA C 58 17.52 9.65 -31.52
N ASP C 59 18.39 10.53 -32.01
CA ASP C 59 19.49 10.11 -32.85
C ASP C 59 20.44 9.22 -32.07
N ILE C 60 20.64 7.99 -32.55
CA ILE C 60 21.53 7.02 -31.91
C ILE C 60 22.49 6.51 -32.97
N ASN C 61 23.78 6.76 -32.76
CA ASN C 61 24.84 6.27 -33.64
C ASN C 61 24.58 6.67 -35.10
N GLY C 62 24.05 7.87 -35.29
CA GLY C 62 23.81 8.37 -36.63
C GLY C 62 22.56 7.87 -37.31
N PHE C 63 21.73 7.08 -36.60
CA PHE C 63 20.49 6.56 -37.17
C PHE C 63 19.38 6.70 -36.14
N THR C 64 18.19 7.04 -36.63
CA THR C 64 17.05 7.24 -35.74
C THR C 64 16.60 5.91 -35.14
N SER C 65 15.89 6.00 -34.01
CA SER C 65 15.36 4.82 -33.33
C SER C 65 14.21 5.25 -32.45
N GLY C 66 13.10 4.53 -32.55
CA GLY C 66 11.90 4.88 -31.80
C GLY C 66 11.09 5.94 -32.51
N CYS C 67 9.79 6.01 -32.21
CA CYS C 67 8.91 6.94 -32.89
C CYS C 67 9.22 8.36 -32.43
N PRO C 68 9.76 9.22 -33.30
CA PRO C 68 10.17 10.56 -32.83
C PRO C 68 9.03 11.40 -32.28
N ILE C 69 7.80 11.23 -32.77
CA ILE C 69 6.68 12.07 -32.32
C ILE C 69 6.09 11.53 -31.03
N TYR C 70 6.73 10.51 -30.43
CA TYR C 70 6.37 10.05 -29.09
C TYR C 70 4.94 9.50 -29.05
N ASN C 71 4.60 8.64 -30.01
CA ASN C 71 3.29 8.00 -29.98
C ASN C 71 3.17 7.12 -28.73
N LEU C 72 1.98 7.12 -28.13
CA LEU C 72 1.72 6.35 -26.91
C LEU C 72 1.54 4.87 -27.26
N ILE C 73 2.60 4.31 -27.86
CA ILE C 73 2.50 3.00 -28.51
C ILE C 73 2.01 1.93 -27.55
N PRO C 74 2.59 1.76 -26.36
CA PRO C 74 2.03 0.73 -25.45
C PRO C 74 0.58 0.98 -25.11
N GLU C 75 0.20 2.24 -24.91
CA GLU C 75 -1.17 2.54 -24.49
C GLU C 75 -2.17 2.14 -25.56
N TRP C 76 -1.98 2.61 -26.80
CA TRP C 76 -2.98 2.26 -27.80
C TRP C 76 -2.83 0.84 -28.33
N ASN C 77 -1.66 0.20 -28.15
CA ASN C 77 -1.61 -1.24 -28.41
C ASN C 77 -2.47 -2.00 -27.39
N GLY C 78 -2.37 -1.64 -26.12
CA GLY C 78 -3.23 -2.26 -25.13
C GLY C 78 -4.70 -2.00 -25.40
N LEU C 79 -5.04 -0.79 -25.81
CA LEU C 79 -6.43 -0.48 -26.13
C LEU C 79 -6.89 -1.28 -27.35
N VAL C 80 -6.04 -1.43 -28.36
CA VAL C 80 -6.38 -2.24 -29.53
C VAL C 80 -6.66 -3.67 -29.10
N TYR C 81 -5.81 -4.23 -28.24
CA TYR C 81 -6.04 -5.58 -27.76
C TYR C 81 -7.37 -5.67 -27.00
N ARG C 82 -7.64 -4.69 -26.15
CA ARG C 82 -8.86 -4.71 -25.35
C ARG C 82 -10.09 -4.61 -26.22
N GLY C 83 -9.99 -3.90 -27.35
CA GLY C 83 -11.09 -3.80 -28.28
C GLY C 83 -11.86 -2.50 -28.28
N ARG C 84 -11.40 -1.50 -27.51
CA ARG C 84 -12.00 -0.17 -27.54
C ARG C 84 -11.22 0.69 -28.52
N TRP C 85 -11.87 1.10 -29.61
CA TRP C 85 -11.19 1.73 -30.74
C TRP C 85 -11.27 3.25 -30.71
N LYS C 86 -12.40 3.82 -30.27
CA LYS C 86 -12.49 5.28 -30.21
C LYS C 86 -11.49 5.84 -29.22
N GLU C 87 -11.32 5.19 -28.07
CA GLU C 87 -10.34 5.64 -27.10
C GLU C 87 -8.93 5.55 -27.67
N ALA C 88 -8.63 4.47 -28.39
CA ALA C 88 -7.31 4.34 -29.02
C ALA C 88 -7.08 5.45 -30.03
N LEU C 89 -8.10 5.77 -30.83
CA LEU C 89 -7.98 6.87 -31.78
C LEU C 89 -7.73 8.18 -31.06
N GLU C 90 -8.44 8.42 -29.95
CA GLU C 90 -8.24 9.66 -29.21
C GLU C 90 -6.82 9.75 -28.68
N ARG C 91 -6.30 8.65 -28.11
CA ARG C 91 -4.94 8.66 -27.59
C ARG C 91 -3.93 8.88 -28.72
N LEU C 92 -4.16 8.25 -29.88
CA LEU C 92 -3.25 8.45 -31.00
C LEU C 92 -3.23 9.91 -31.45
N LEU C 93 -4.42 10.50 -31.63
CA LEU C 93 -4.52 11.89 -32.06
C LEU C 93 -4.08 12.88 -31.00
N LYS C 94 -3.98 12.44 -29.73
CA LYS C 94 -3.43 13.32 -28.71
C LYS C 94 -2.06 13.86 -29.12
N THR C 95 -1.18 12.98 -29.61
CA THR C 95 0.16 13.35 -30.01
C THR C 95 0.31 13.48 -31.51
N ASN C 96 -0.07 12.46 -32.28
CA ASN C 96 0.10 12.50 -33.72
C ASN C 96 -1.04 13.31 -34.34
N ASN C 97 -0.71 13.99 -35.44
CA ASN C 97 -1.69 14.80 -36.18
C ASN C 97 -1.98 14.29 -37.58
N PHE C 98 -1.10 13.50 -38.17
CA PHE C 98 -1.27 12.98 -39.52
C PHE C 98 -1.13 11.46 -39.52
N PRO C 99 -2.01 10.76 -38.79
CA PRO C 99 -1.92 9.29 -38.78
C PRO C 99 -2.07 8.67 -40.15
N GLU C 100 -2.95 9.20 -41.00
CA GLU C 100 -3.19 8.59 -42.30
C GLU C 100 -1.96 8.63 -43.20
N PHE C 101 -1.03 9.54 -42.97
CA PHE C 101 0.25 9.55 -43.67
C PHE C 101 1.32 8.77 -42.93
N THR C 102 1.43 8.93 -41.61
CA THR C 102 2.48 8.26 -40.87
C THR C 102 2.33 6.74 -40.96
N GLY C 103 1.10 6.24 -40.85
CA GLY C 103 0.90 4.80 -40.84
C GLY C 103 1.32 4.13 -42.13
N ARG C 104 1.01 4.75 -43.26
CA ARG C 104 1.25 4.13 -44.57
C ARG C 104 2.43 4.74 -45.30
N VAL C 105 3.25 5.57 -44.65
CA VAL C 105 4.45 6.09 -45.26
C VAL C 105 5.67 5.78 -44.39
N CYS C 106 5.56 6.03 -43.09
CA CYS C 106 6.73 5.96 -42.22
C CYS C 106 7.39 4.59 -42.32
N PRO C 107 8.72 4.51 -42.37
CA PRO C 107 9.39 3.21 -42.42
C PRO C 107 9.41 2.47 -41.09
N ALA C 108 8.81 3.04 -40.06
CA ALA C 108 8.59 2.37 -38.78
C ALA C 108 9.91 2.00 -38.11
N PRO C 109 10.72 2.99 -37.69
CA PRO C 109 11.86 2.67 -36.81
C PRO C 109 11.43 2.06 -35.49
N CYS C 110 10.19 2.32 -35.06
CA CYS C 110 9.70 1.71 -33.83
C CYS C 110 9.65 0.20 -33.95
N GLU C 111 9.24 -0.32 -35.11
CA GLU C 111 9.28 -1.76 -35.31
C GLU C 111 10.70 -2.29 -35.22
N GLY C 112 11.65 -1.59 -35.85
CA GLY C 112 13.02 -2.05 -35.84
C GLY C 112 13.62 -2.08 -34.45
N SER C 113 13.32 -1.06 -33.64
CA SER C 113 13.93 -0.88 -32.32
C SER C 113 12.84 -0.90 -31.26
N CYS C 114 12.66 -2.05 -30.60
CA CYS C 114 11.90 -2.08 -29.36
C CYS C 114 12.38 -3.29 -28.57
N THR C 115 11.83 -3.43 -27.36
CA THR C 115 12.28 -4.51 -26.48
C THR C 115 11.99 -5.89 -27.06
N LEU C 116 10.82 -6.08 -27.65
CA LEU C 116 10.45 -7.40 -28.17
C LEU C 116 11.23 -7.80 -29.41
N ALA C 117 11.99 -6.89 -30.01
CA ALA C 117 12.76 -7.19 -31.21
C ALA C 117 14.05 -7.96 -30.92
N ILE C 118 14.26 -8.39 -29.68
CA ILE C 118 15.47 -9.12 -29.31
C ILE C 118 15.29 -10.57 -29.79
N SER C 119 15.85 -10.90 -30.95
CA SER C 119 15.87 -12.23 -31.53
C SER C 119 14.50 -12.69 -32.02
N ASP C 120 13.47 -11.85 -31.96
CA ASP C 120 12.13 -12.22 -32.36
C ASP C 120 11.55 -11.13 -33.25
N PRO C 121 10.58 -11.47 -34.11
CA PRO C 121 9.93 -10.42 -34.91
C PRO C 121 9.26 -9.40 -34.03
N ALA C 122 9.32 -8.13 -34.46
CA ALA C 122 8.76 -7.04 -33.68
C ALA C 122 7.25 -6.96 -33.89
N VAL C 123 6.59 -6.21 -33.01
CA VAL C 123 5.15 -5.99 -33.10
C VAL C 123 4.88 -4.96 -34.18
N SER C 124 3.81 -5.17 -34.95
CA SER C 124 3.51 -4.34 -36.12
C SER C 124 2.84 -3.04 -35.68
N ILE C 125 3.66 -2.15 -35.13
CA ILE C 125 3.18 -0.85 -34.69
C ILE C 125 2.59 -0.09 -35.86
N LYS C 126 3.29 -0.08 -36.99
CA LYS C 126 2.84 0.67 -38.16
C LYS C 126 1.48 0.17 -38.64
N ASN C 127 1.32 -1.16 -38.74
CA ASN C 127 0.07 -1.70 -39.24
C ASN C 127 -1.06 -1.47 -38.25
N ILE C 128 -0.80 -1.57 -36.95
CA ILE C 128 -1.84 -1.29 -35.96
C ILE C 128 -2.28 0.17 -36.06
N GLU C 129 -1.32 1.09 -36.20
CA GLU C 129 -1.66 2.50 -36.34
C GLU C 129 -2.50 2.74 -37.60
N ARG C 130 -2.10 2.13 -38.72
CA ARG C 130 -2.85 2.30 -39.96
C ARG C 130 -4.27 1.75 -39.81
N THR C 131 -4.41 0.59 -39.18
CA THR C 131 -5.73 0.01 -38.97
C THR C 131 -6.60 0.93 -38.12
N ILE C 132 -6.03 1.46 -37.04
CA ILE C 132 -6.79 2.35 -36.16
C ILE C 132 -7.29 3.56 -36.94
N ILE C 133 -6.39 4.22 -37.66
CA ILE C 133 -6.80 5.46 -38.34
C ILE C 133 -7.78 5.15 -39.47
N ASP C 134 -7.56 4.06 -40.20
CA ASP C 134 -8.46 3.73 -41.30
C ASP C 134 -9.86 3.41 -40.79
N LYS C 135 -9.95 2.63 -39.71
CA LYS C 135 -11.27 2.33 -39.16
C LYS C 135 -11.94 3.59 -38.63
N GLY C 136 -11.16 4.48 -38.00
CA GLY C 136 -11.74 5.73 -37.53
C GLY C 136 -12.30 6.56 -38.67
N PHE C 137 -11.54 6.69 -39.75
CA PHE C 137 -12.02 7.45 -40.90
C PHE C 137 -13.25 6.80 -41.52
N GLU C 138 -13.24 5.46 -41.63
CA GLU C 138 -14.39 4.76 -42.22
C GLU C 138 -15.64 4.97 -41.38
N ASN C 139 -15.52 4.89 -40.06
CA ASN C 139 -16.66 5.15 -39.18
C ASN C 139 -16.99 6.63 -39.06
N GLY C 140 -16.13 7.51 -39.57
CA GLY C 140 -16.41 8.93 -39.55
C GLY C 140 -16.46 9.56 -38.18
N TRP C 141 -15.64 9.08 -37.25
CA TRP C 141 -15.53 9.75 -35.96
C TRP C 141 -14.71 11.03 -36.04
N ILE C 142 -13.78 11.11 -37.00
CA ILE C 142 -12.97 12.30 -37.17
C ILE C 142 -13.81 13.39 -37.81
N GLN C 143 -13.93 14.52 -37.13
CA GLN C 143 -14.65 15.68 -37.64
C GLN C 143 -13.86 16.93 -37.30
N PRO C 144 -14.05 18.02 -38.05
CA PRO C 144 -13.29 19.23 -37.77
C PRO C 144 -13.52 19.74 -36.36
N ARG C 145 -12.43 20.18 -35.72
CA ARG C 145 -12.52 20.65 -34.33
C ARG C 145 -13.17 22.03 -34.25
N ILE C 146 -12.82 22.93 -35.17
CA ILE C 146 -13.38 24.28 -35.20
C ILE C 146 -13.15 24.94 -33.84
N PRO C 147 -11.92 25.33 -33.50
CA PRO C 147 -11.68 25.96 -32.19
C PRO C 147 -12.47 27.25 -32.04
N LYS C 148 -13.28 27.31 -30.98
CA LYS C 148 -14.13 28.47 -30.76
C LYS C 148 -13.31 29.73 -30.50
N LYS C 149 -12.28 29.62 -29.67
CA LYS C 149 -11.48 30.79 -29.32
C LYS C 149 -10.60 31.20 -30.50
N ARG C 150 -10.51 32.50 -30.73
CA ARG C 150 -9.71 33.04 -31.82
C ARG C 150 -9.27 34.45 -31.47
N THR C 151 -7.97 34.72 -31.63
CA THR C 151 -7.42 36.05 -31.45
C THR C 151 -6.78 36.48 -32.77
N GLY C 152 -7.10 37.70 -33.21
CA GLY C 152 -6.62 38.17 -34.49
C GLY C 152 -5.12 38.22 -34.57
N LYS C 153 -4.54 37.30 -35.33
CA LYS C 153 -3.09 37.25 -35.56
C LYS C 153 -2.85 36.67 -36.95
N LYS C 154 -1.58 36.44 -37.27
CA LYS C 154 -1.21 36.14 -38.66
C LYS C 154 0.22 35.57 -38.72
N VAL C 155 0.39 34.39 -39.33
CA VAL C 155 1.64 33.66 -39.20
C VAL C 155 2.28 33.32 -40.55
N ALA C 156 1.46 33.18 -41.60
CA ALA C 156 1.93 32.91 -42.96
C ALA C 156 2.99 31.80 -43.00
N ILE C 157 2.55 30.59 -42.65
CA ILE C 157 3.39 29.43 -42.88
C ILE C 157 3.67 29.31 -44.36
N VAL C 158 4.92 29.02 -44.72
CA VAL C 158 5.34 28.89 -46.11
C VAL C 158 5.79 27.46 -46.33
N GLY C 159 5.28 26.85 -47.40
CA GLY C 159 5.54 25.45 -47.67
C GLY C 159 4.39 24.56 -47.23
N SER C 160 3.86 23.77 -48.15
CA SER C 160 2.70 22.92 -47.89
C SER C 160 3.09 21.51 -47.47
N GLY C 161 4.35 21.27 -47.16
CA GLY C 161 4.80 19.96 -46.76
C GLY C 161 4.16 19.48 -45.47
N PRO C 162 4.52 18.28 -45.03
CA PRO C 162 3.96 17.77 -43.76
C PRO C 162 4.27 18.67 -42.58
N ALA C 163 5.48 19.22 -42.51
CA ALA C 163 5.81 20.13 -41.42
C ALA C 163 4.94 21.38 -41.46
N GLY C 164 4.77 21.95 -42.65
CA GLY C 164 3.92 23.13 -42.77
C GLY C 164 2.49 22.84 -42.38
N LEU C 165 1.96 21.70 -42.83
CA LEU C 165 0.58 21.35 -42.49
C LEU C 165 0.42 21.13 -40.99
N ALA C 166 1.36 20.44 -40.36
CA ALA C 166 1.28 20.22 -38.92
C ALA C 166 1.35 21.54 -38.15
N SER C 167 2.27 22.41 -38.55
CA SER C 167 2.37 23.71 -37.88
C SER C 167 1.11 24.53 -38.07
N ALA C 168 0.54 24.50 -39.28
CA ALA C 168 -0.69 25.24 -39.53
C ALA C 168 -1.83 24.71 -38.69
N ASP C 169 -1.95 23.38 -38.59
CA ASP C 169 -3.01 22.80 -37.77
C ASP C 169 -2.84 23.19 -36.30
N GLN C 170 -1.61 23.13 -35.79
CA GLN C 170 -1.37 23.47 -34.39
C GLN C 170 -1.69 24.95 -34.14
N LEU C 171 -1.24 25.84 -35.03
CA LEU C 171 -1.51 27.25 -34.85
C LEU C 171 -3.02 27.55 -34.93
N ASN C 172 -3.71 26.89 -35.87
CA ASN C 172 -5.15 27.11 -35.98
C ASN C 172 -5.87 26.63 -34.73
N GLN C 173 -5.46 25.48 -34.17
CA GLN C 173 -6.02 25.05 -32.91
C GLN C 173 -5.71 26.05 -31.80
N ALA C 174 -4.52 26.65 -31.84
CA ALA C 174 -4.18 27.68 -30.86
C ALA C 174 -5.13 28.86 -30.97
N GLY C 175 -5.45 29.28 -32.20
CA GLY C 175 -6.38 30.36 -32.43
C GLY C 175 -5.79 31.53 -33.19
N HIS C 176 -4.77 31.26 -34.00
CA HIS C 176 -4.12 32.28 -34.82
C HIS C 176 -4.35 31.95 -36.29
N SER C 177 -4.86 32.91 -37.05
CA SER C 177 -5.07 32.71 -38.47
C SER C 177 -3.75 32.51 -39.18
N VAL C 178 -3.73 31.57 -40.13
CA VAL C 178 -2.52 31.22 -40.86
C VAL C 178 -2.85 31.11 -42.35
N THR C 179 -1.81 31.23 -43.17
CA THR C 179 -1.93 31.10 -44.62
C THR C 179 -0.75 30.28 -45.14
N VAL C 180 -1.03 29.34 -46.03
CA VAL C 180 -0.02 28.43 -46.55
C VAL C 180 0.27 28.83 -47.99
N PHE C 181 1.50 29.29 -48.24
CA PHE C 181 1.94 29.68 -49.57
C PHE C 181 2.64 28.50 -50.23
N GLU C 182 2.18 28.11 -51.41
CA GLU C 182 2.69 26.94 -52.12
C GLU C 182 2.86 27.26 -53.60
N ARG C 183 3.91 26.69 -54.19
CA ARG C 183 4.13 26.84 -55.63
C ARG C 183 3.25 25.88 -56.42
N ALA C 184 3.23 24.61 -56.01
CA ALA C 184 2.49 23.60 -56.76
C ALA C 184 0.99 23.87 -56.69
N ASP C 185 0.27 23.27 -57.64
CA ASP C 185 -1.17 23.49 -57.72
C ASP C 185 -1.88 22.98 -56.46
N ARG C 186 -1.48 21.81 -55.97
CA ARG C 186 -2.13 21.16 -54.85
C ARG C 186 -1.21 21.16 -53.64
N ALA C 187 -1.79 21.36 -52.46
CA ALA C 187 -1.02 21.35 -51.22
C ALA C 187 -0.61 19.93 -50.86
N GLY C 188 0.39 19.84 -49.98
CA GLY C 188 0.88 18.56 -49.52
C GLY C 188 2.39 18.44 -49.60
N GLY C 189 2.99 19.08 -50.60
CA GLY C 189 4.44 19.03 -50.75
C GLY C 189 4.86 17.68 -51.28
N LEU C 190 5.82 17.05 -50.60
CA LEU C 190 6.27 15.73 -51.01
C LEU C 190 5.13 14.73 -51.05
N LEU C 191 4.21 14.83 -50.08
CA LEU C 191 3.12 13.86 -49.99
C LEU C 191 2.30 13.81 -51.28
N THR C 192 2.24 14.92 -52.01
CA THR C 192 1.45 14.95 -53.25
C THR C 192 2.23 14.35 -54.41
N TYR C 193 3.40 14.91 -54.71
CA TYR C 193 4.14 14.58 -55.92
C TYR C 193 5.31 13.63 -55.69
N GLY C 194 6.11 13.85 -54.65
CA GLY C 194 7.28 13.04 -54.42
C GLY C 194 6.94 11.59 -54.12
N ILE C 195 6.19 11.37 -53.03
CA ILE C 195 5.84 10.00 -52.66
C ILE C 195 4.93 9.42 -53.72
N PRO C 196 5.12 8.18 -54.16
CA PRO C 196 4.29 7.66 -55.26
C PRO C 196 2.85 7.40 -54.85
N ASN C 197 1.99 7.36 -55.88
CA ASN C 197 0.59 6.99 -55.68
C ASN C 197 0.48 5.66 -54.95
N MET C 198 1.35 4.71 -55.28
CA MET C 198 1.36 3.41 -54.62
C MET C 198 1.33 3.56 -53.11
N LYS C 199 2.34 4.25 -52.56
CA LYS C 199 2.39 4.43 -51.11
C LYS C 199 1.21 5.28 -50.62
N LEU C 200 1.00 6.44 -51.24
CA LEU C 200 0.01 7.41 -50.73
C LEU C 200 -0.91 7.86 -51.87
N GLU C 201 -1.93 7.04 -52.14
CA GLU C 201 -3.10 7.48 -52.89
C GLU C 201 -3.49 8.90 -52.49
N LYS C 202 -3.56 9.79 -53.48
CA LYS C 202 -3.74 11.20 -53.22
C LYS C 202 -5.14 11.54 -52.73
N GLY C 203 -6.08 10.60 -52.78
CA GLY C 203 -7.40 10.87 -52.24
C GLY C 203 -7.36 11.16 -50.74
N ILE C 204 -6.55 10.40 -50.00
CA ILE C 204 -6.43 10.62 -48.57
C ILE C 204 -5.80 11.98 -48.30
N VAL C 205 -4.75 12.34 -49.04
CA VAL C 205 -4.12 13.64 -48.88
C VAL C 205 -5.13 14.75 -49.14
N GLU C 206 -5.90 14.63 -50.22
CA GLU C 206 -6.88 15.65 -50.54
C GLU C 206 -7.93 15.76 -49.45
N ARG C 207 -8.37 14.61 -48.92
CA ARG C 207 -9.35 14.63 -47.83
C ARG C 207 -8.81 15.37 -46.61
N ARG C 208 -7.55 15.10 -46.25
CA ARG C 208 -6.97 15.78 -45.09
C ARG C 208 -6.84 17.28 -45.35
N ILE C 209 -6.43 17.66 -46.55
CA ILE C 209 -6.32 19.09 -46.86
C ILE C 209 -7.69 19.75 -46.84
N LYS C 210 -8.74 19.04 -47.28
CA LYS C 210 -10.08 19.60 -47.17
C LYS C 210 -10.49 19.76 -45.71
N LEU C 211 -10.11 18.81 -44.86
CA LEU C 211 -10.37 18.95 -43.43
C LEU C 211 -9.68 20.19 -42.87
N LEU C 212 -8.42 20.41 -43.26
CA LEU C 212 -7.71 21.61 -42.80
C LEU C 212 -8.37 22.88 -43.32
N THR C 213 -8.83 22.89 -44.56
CA THR C 213 -9.52 24.07 -45.08
C THR C 213 -10.82 24.31 -44.30
N GLN C 214 -11.53 23.24 -43.95
CA GLN C 214 -12.73 23.38 -43.11
C GLN C 214 -12.37 23.97 -41.76
N GLU C 215 -11.25 23.53 -41.18
CA GLU C 215 -10.72 24.21 -39.99
C GLU C 215 -10.51 25.69 -40.25
N GLY C 216 -10.00 26.04 -41.43
CA GLY C 216 -9.83 27.44 -41.81
C GLY C 216 -8.41 27.84 -42.11
N ILE C 217 -7.59 26.89 -42.56
CA ILE C 217 -6.20 27.21 -42.90
C ILE C 217 -6.13 28.19 -44.07
N ASP C 218 -7.06 28.05 -45.02
CA ASP C 218 -7.16 28.98 -46.15
C ASP C 218 -5.85 28.97 -46.97
N PHE C 219 -5.61 27.84 -47.60
CA PHE C 219 -4.45 27.69 -48.47
C PHE C 219 -4.52 28.68 -49.62
N VAL C 220 -3.34 29.07 -50.12
CA VAL C 220 -3.22 29.83 -51.36
C VAL C 220 -2.20 29.13 -52.25
N THR C 221 -2.57 28.91 -53.50
CA THR C 221 -1.78 28.11 -54.43
C THR C 221 -1.10 29.01 -55.46
N ASN C 222 -0.06 28.44 -56.09
CA ASN C 222 0.69 29.11 -57.14
C ASN C 222 1.25 30.45 -56.65
N THR C 223 2.09 30.35 -55.62
CA THR C 223 2.75 31.52 -55.03
C THR C 223 4.14 31.05 -54.58
N GLU C 224 5.14 31.30 -55.43
CA GLU C 224 6.51 30.87 -55.13
C GLU C 224 7.19 31.75 -54.10
N ILE C 225 6.50 32.77 -53.58
CA ILE C 225 6.95 33.62 -52.47
C ILE C 225 8.41 34.05 -52.63
N GLY C 226 8.88 34.12 -53.87
CA GLY C 226 10.22 34.59 -54.18
C GLY C 226 10.18 35.90 -54.91
N VAL C 227 10.33 35.85 -56.23
CA VAL C 227 10.18 37.05 -57.04
C VAL C 227 8.76 37.58 -56.96
N ASP C 228 7.78 36.68 -56.84
CA ASP C 228 6.38 37.10 -56.82
C ASP C 228 6.08 38.02 -55.66
N ILE C 229 6.47 37.61 -54.45
CA ILE C 229 6.20 38.37 -53.22
C ILE C 229 7.53 38.59 -52.51
N THR C 230 7.75 39.83 -52.07
CA THR C 230 9.02 40.19 -51.45
C THR C 230 8.98 39.97 -49.95
N ALA C 231 10.16 39.67 -49.39
CA ALA C 231 10.26 39.32 -47.97
C ALA C 231 9.87 40.50 -47.08
N ASP C 232 10.27 41.71 -47.46
CA ASP C 232 9.93 42.87 -46.64
C ASP C 232 8.42 43.05 -46.55
N GLU C 233 7.73 42.93 -47.69
CA GLU C 233 6.27 43.04 -47.67
C GLU C 233 5.65 41.90 -46.87
N LEU C 234 6.19 40.69 -47.00
CA LEU C 234 5.67 39.57 -46.22
C LEU C 234 5.80 39.84 -44.73
N LYS C 235 6.96 40.34 -44.30
CA LYS C 235 7.17 40.65 -42.90
C LYS C 235 6.23 41.76 -42.44
N GLU C 236 6.05 42.79 -43.26
CA GLU C 236 5.18 43.89 -42.87
C GLU C 236 3.73 43.43 -42.75
N GLN C 237 3.28 42.58 -43.66
CA GLN C 237 1.90 42.11 -43.66
C GLN C 237 1.65 40.98 -42.66
N PHE C 238 2.69 40.32 -42.17
CA PHE C 238 2.51 39.17 -41.28
C PHE C 238 3.56 39.23 -40.18
N ASP C 239 3.15 38.94 -38.95
CA ASP C 239 4.04 39.08 -37.81
C ASP C 239 5.22 38.11 -37.91
N ALA C 240 4.94 36.82 -37.91
CA ALA C 240 5.95 35.77 -37.97
C ALA C 240 5.86 35.04 -39.31
N VAL C 241 6.85 34.21 -39.59
CA VAL C 241 6.85 33.37 -40.78
C VAL C 241 7.57 32.07 -40.46
N ILE C 242 6.86 30.94 -40.58
CA ILE C 242 7.44 29.63 -40.31
C ILE C 242 8.04 29.10 -41.61
N LEU C 243 9.37 29.12 -41.71
CA LEU C 243 10.05 28.74 -42.95
C LEU C 243 10.15 27.23 -43.05
N CYS C 244 9.05 26.62 -43.50
CA CYS C 244 9.07 25.22 -43.95
C CYS C 244 9.33 25.16 -45.45
N THR C 245 10.41 25.83 -45.87
CA THR C 245 10.69 26.03 -47.29
C THR C 245 11.02 24.72 -48.02
N GLY C 246 11.30 23.64 -47.30
CA GLY C 246 11.63 22.38 -47.93
C GLY C 246 13.10 22.29 -48.31
N ALA C 247 13.48 21.12 -48.80
CA ALA C 247 14.83 20.86 -49.28
C ALA C 247 14.70 20.04 -50.55
N GLN C 248 14.78 20.72 -51.70
CA GLN C 248 14.56 20.10 -52.99
C GLN C 248 15.77 20.14 -53.91
N LYS C 249 16.85 20.82 -53.52
CA LYS C 249 18.06 20.83 -54.32
C LYS C 249 18.78 19.50 -54.20
N GLN C 250 19.06 18.86 -55.33
CA GLN C 250 19.66 17.53 -55.37
C GLN C 250 21.07 17.62 -55.91
N ARG C 251 22.00 16.96 -55.22
CA ARG C 251 23.39 16.99 -55.63
C ARG C 251 23.57 16.32 -56.99
N ASP C 252 24.49 16.86 -57.78
CA ASP C 252 24.79 16.36 -59.11
C ASP C 252 26.16 15.70 -59.14
N LEU C 253 26.32 14.77 -60.08
CA LEU C 253 27.58 14.05 -60.26
C LEU C 253 28.43 14.84 -61.25
N LEU C 254 29.51 15.44 -60.75
CA LEU C 254 30.42 16.19 -61.59
C LEU C 254 31.31 15.24 -62.38
N ILE C 255 30.72 14.52 -63.32
CA ILE C 255 31.43 13.55 -64.15
C ILE C 255 31.09 13.83 -65.60
N GLU C 256 32.11 13.77 -66.47
CA GLU C 256 31.89 14.05 -67.87
C GLU C 256 30.93 13.04 -68.50
N GLY C 257 30.18 13.50 -69.50
CA GLY C 257 29.17 12.69 -70.14
C GLY C 257 27.76 12.97 -69.68
N ARG C 258 27.58 13.68 -68.56
CA ARG C 258 26.25 14.02 -68.05
C ARG C 258 25.77 15.34 -68.66
N ASP C 259 25.68 15.36 -69.99
CA ASP C 259 25.16 16.51 -70.72
C ASP C 259 24.14 16.07 -71.77
N SER C 260 24.28 14.84 -72.24
CA SER C 260 23.41 14.34 -73.30
C SER C 260 21.97 14.21 -72.80
N LYS C 261 21.03 14.39 -73.72
CA LYS C 261 19.62 14.26 -73.37
C LYS C 261 19.31 12.82 -72.96
N GLY C 262 18.35 12.68 -72.05
CA GLY C 262 17.98 11.38 -71.52
C GLY C 262 18.21 11.29 -70.02
N VAL C 263 19.32 11.86 -69.55
CA VAL C 263 19.59 11.89 -68.12
C VAL C 263 18.59 12.83 -67.45
N HIS C 264 17.89 12.33 -66.43
CA HIS C 264 16.81 13.05 -65.78
C HIS C 264 16.98 12.97 -64.27
N TYR C 265 16.29 13.87 -63.58
CA TYR C 265 16.29 13.91 -62.13
C TYR C 265 15.09 13.14 -61.59
N ALA C 266 15.34 12.37 -60.53
CA ALA C 266 14.28 11.54 -59.97
C ALA C 266 13.10 12.38 -59.49
N MET C 267 13.39 13.50 -58.81
CA MET C 267 12.30 14.34 -58.30
C MET C 267 11.48 14.91 -59.43
N ASP C 268 12.13 15.47 -60.45
CA ASP C 268 11.38 16.06 -61.56
C ASP C 268 10.56 14.99 -62.28
N TYR C 269 11.15 13.81 -62.51
CA TYR C 269 10.43 12.75 -63.21
C TYR C 269 9.22 12.28 -62.41
N LEU C 270 9.39 12.06 -61.10
CA LEU C 270 8.28 11.63 -60.27
C LEU C 270 7.19 12.69 -60.23
N THR C 271 7.56 13.96 -60.08
CA THR C 271 6.58 15.02 -60.06
C THR C 271 5.79 15.07 -61.36
N LEU C 272 6.49 14.96 -62.49
CA LEU C 272 5.81 14.99 -63.78
C LEU C 272 4.83 13.82 -63.91
N ALA C 273 5.28 12.62 -63.55
CA ALA C 273 4.42 11.45 -63.68
C ALA C 273 3.19 11.57 -62.78
N THR C 274 3.39 11.95 -61.53
CA THR C 274 2.27 12.04 -60.59
C THR C 274 1.29 13.13 -61.03
N LYS C 275 1.80 14.28 -61.46
CA LYS C 275 0.92 15.34 -61.92
C LYS C 275 0.13 14.90 -63.15
N SER C 276 0.79 14.22 -64.09
CA SER C 276 0.09 13.74 -65.28
C SER C 276 -1.02 12.78 -64.91
N TYR C 277 -0.73 11.84 -63.99
CA TYR C 277 -1.75 10.89 -63.57
C TYR C 277 -2.92 11.60 -62.91
N LEU C 278 -2.63 12.51 -61.96
CA LEU C 278 -3.69 13.22 -61.28
C LEU C 278 -4.48 14.11 -62.22
N ASP C 279 -3.88 14.55 -63.33
CA ASP C 279 -4.58 15.42 -64.26
C ASP C 279 -5.49 14.63 -65.20
N SER C 280 -4.91 13.74 -66.00
CA SER C 280 -5.68 13.04 -67.03
C SER C 280 -5.24 11.59 -67.16
N ASN C 281 -4.98 10.93 -66.04
CA ASN C 281 -4.57 9.51 -66.06
C ASN C 281 -3.42 9.29 -67.03
N PHE C 282 -2.42 10.17 -66.95
CA PHE C 282 -1.27 10.22 -67.86
C PHE C 282 -1.71 9.98 -69.31
N LYS C 283 -2.66 10.80 -69.75
CA LYS C 283 -3.03 10.91 -71.15
C LYS C 283 -2.60 12.22 -71.77
N ASP C 284 -2.16 13.19 -70.96
CA ASP C 284 -1.75 14.49 -71.50
C ASP C 284 -0.50 14.38 -72.36
N LYS C 285 0.32 13.35 -72.14
CA LYS C 285 1.56 13.15 -72.90
C LYS C 285 2.53 14.31 -72.68
N GLN C 286 2.62 14.78 -71.44
CA GLN C 286 3.60 15.79 -71.05
C GLN C 286 4.59 15.27 -70.02
N PHE C 287 4.75 13.94 -69.94
CA PHE C 287 5.64 13.30 -68.99
C PHE C 287 6.73 12.54 -69.74
N ILE C 288 7.57 11.83 -68.99
CA ILE C 288 8.70 11.09 -69.54
C ILE C 288 8.28 9.63 -69.68
N ASP C 289 8.36 9.10 -70.89
CA ASP C 289 7.96 7.73 -71.17
C ASP C 289 9.18 6.84 -71.33
N ALA C 290 9.06 5.61 -70.81
CA ALA C 290 10.15 4.63 -70.89
C ALA C 290 9.64 3.23 -71.19
N LYS C 291 8.50 3.10 -71.88
CA LYS C 291 7.90 1.79 -72.07
C LYS C 291 8.80 0.86 -72.88
N GLY C 292 9.42 1.36 -73.94
CA GLY C 292 10.23 0.53 -74.82
C GLY C 292 11.72 0.70 -74.63
N LYS C 293 12.13 1.37 -73.55
CA LYS C 293 13.53 1.72 -73.33
C LYS C 293 14.01 1.15 -72.01
N ASP C 294 15.33 1.00 -71.90
CA ASP C 294 15.94 0.59 -70.65
C ASP C 294 15.86 1.71 -69.61
N VAL C 295 15.93 1.33 -68.34
CA VAL C 295 15.90 2.27 -67.23
C VAL C 295 16.98 1.90 -66.24
N ILE C 296 17.83 2.86 -65.90
CA ILE C 296 18.86 2.70 -64.88
C ILE C 296 18.71 3.84 -63.88
N VAL C 297 18.72 3.50 -62.59
CA VAL C 297 18.62 4.48 -61.51
C VAL C 297 19.90 4.38 -60.69
N ILE C 298 20.53 5.53 -60.45
CA ILE C 298 21.76 5.61 -59.66
C ILE C 298 21.43 6.32 -58.35
N GLY C 299 21.81 5.70 -57.23
CA GLY C 299 21.52 6.23 -55.92
C GLY C 299 20.50 5.39 -55.19
N GLY C 300 20.97 4.53 -54.29
CA GLY C 300 20.07 3.67 -53.57
C GLY C 300 19.31 4.40 -52.48
N GLY C 301 18.16 3.83 -52.10
CA GLY C 301 17.33 4.35 -51.05
C GLY C 301 15.89 4.41 -51.48
N ASP C 302 15.10 5.18 -50.72
CA ASP C 302 13.68 5.32 -51.02
C ASP C 302 13.46 5.92 -52.39
N THR C 303 14.27 6.91 -52.77
CA THR C 303 14.14 7.53 -54.09
C THR C 303 14.39 6.50 -55.19
N GLY C 304 15.43 5.68 -55.03
CA GLY C 304 15.70 4.66 -56.01
C GLY C 304 14.59 3.63 -56.10
N ALA C 305 14.04 3.23 -54.95
CA ALA C 305 12.93 2.28 -54.95
C ALA C 305 11.72 2.86 -55.68
N ASP C 306 11.41 4.13 -55.40
CA ASP C 306 10.27 4.77 -56.06
C ASP C 306 10.50 4.87 -57.57
N CYS C 307 11.72 5.22 -57.98
CA CYS C 307 12.02 5.29 -59.41
C CYS C 307 11.86 3.93 -60.07
N VAL C 308 12.35 2.87 -59.42
CA VAL C 308 12.23 1.53 -59.97
C VAL C 308 10.74 1.17 -60.10
N ALA C 309 9.96 1.46 -59.08
CA ALA C 309 8.54 1.14 -59.13
C ALA C 309 7.83 1.90 -60.25
N THR C 310 8.14 3.19 -60.40
CA THR C 310 7.51 3.97 -61.46
C THR C 310 7.89 3.45 -62.83
N ALA C 311 9.16 3.10 -63.02
CA ALA C 311 9.58 2.54 -64.31
C ALA C 311 8.89 1.22 -64.57
N LEU C 312 8.76 0.38 -63.55
CA LEU C 312 8.08 -0.90 -63.72
C LEU C 312 6.63 -0.71 -64.11
N ARG C 313 5.94 0.24 -63.46
CA ARG C 313 4.56 0.51 -63.82
C ARG C 313 4.45 1.11 -65.22
N GLN C 314 5.47 1.87 -65.64
CA GLN C 314 5.54 2.34 -67.02
C GLN C 314 5.96 1.24 -67.98
N LYS C 315 6.31 0.05 -67.47
CA LYS C 315 6.56 -1.13 -68.29
C LYS C 315 7.85 -0.98 -69.11
N ALA C 316 8.91 -0.54 -68.43
CA ALA C 316 10.23 -0.54 -69.06
C ALA C 316 10.70 -1.97 -69.28
N LYS C 317 11.46 -2.17 -70.36
CA LYS C 317 11.91 -3.51 -70.71
C LYS C 317 12.83 -4.09 -69.63
N SER C 318 13.74 -3.27 -69.09
CA SER C 318 14.68 -3.75 -68.08
C SER C 318 14.97 -2.62 -67.10
N VAL C 319 15.16 -2.97 -65.84
CA VAL C 319 15.46 -2.01 -64.79
C VAL C 319 16.58 -2.59 -63.92
N HIS C 320 17.57 -1.77 -63.60
CA HIS C 320 18.66 -2.15 -62.71
C HIS C 320 18.95 -1.01 -61.76
N GLN C 321 19.11 -1.33 -60.48
CA GLN C 321 19.39 -0.35 -59.43
C GLN C 321 20.85 -0.47 -59.00
N PHE C 322 21.54 0.67 -58.94
CA PHE C 322 22.96 0.71 -58.65
C PHE C 322 23.21 1.41 -57.33
N GLY C 323 24.24 0.95 -56.61
CA GLY C 323 24.60 1.53 -55.33
C GLY C 323 26.01 1.19 -54.89
N LYS C 324 26.70 2.16 -54.30
CA LYS C 324 28.08 1.91 -53.85
C LYS C 324 28.13 1.11 -52.56
N HIS C 325 27.17 1.31 -51.67
CA HIS C 325 27.21 0.65 -50.37
C HIS C 325 27.13 -0.86 -50.56
N PRO C 326 27.98 -1.65 -49.90
CA PRO C 326 27.91 -3.11 -50.07
C PRO C 326 26.55 -3.65 -49.61
N LYS C 327 26.16 -4.77 -50.21
CA LYS C 327 24.86 -5.37 -49.89
C LYS C 327 24.78 -5.67 -48.39
N LEU C 328 23.64 -5.32 -47.80
CA LEU C 328 23.47 -5.47 -46.37
C LEU C 328 23.39 -6.94 -45.98
N PRO C 329 23.78 -7.29 -44.76
CA PRO C 329 23.74 -8.69 -44.34
C PRO C 329 22.32 -9.15 -44.08
N PRO C 330 22.09 -10.46 -43.96
CA PRO C 330 20.74 -10.97 -43.74
C PRO C 330 20.28 -11.02 -42.29
N ALA C 331 21.11 -10.60 -41.34
CA ALA C 331 20.76 -10.63 -39.93
C ALA C 331 21.69 -9.67 -39.20
N ARG C 332 21.43 -9.48 -37.90
CA ARG C 332 22.22 -8.56 -37.11
C ARG C 332 23.67 -9.03 -37.03
N THR C 333 24.59 -8.07 -37.12
CA THR C 333 26.02 -8.35 -37.09
C THR C 333 26.60 -7.91 -35.73
N ASN C 334 27.92 -8.05 -35.59
CA ASN C 334 28.57 -7.71 -34.33
C ASN C 334 28.45 -6.22 -34.02
N ASP C 335 28.63 -5.37 -35.03
CA ASP C 335 28.63 -3.93 -34.85
C ASP C 335 27.23 -3.32 -35.01
N ASN C 336 26.18 -4.10 -34.84
CA ASN C 336 24.81 -3.61 -34.89
C ASN C 336 24.01 -4.28 -33.79
N MET C 337 23.23 -3.48 -33.06
CA MET C 337 22.50 -3.97 -31.90
C MET C 337 21.09 -3.40 -31.90
N TRP C 338 20.20 -4.05 -31.16
CA TRP C 338 18.77 -3.74 -31.20
C TRP C 338 18.41 -2.36 -30.69
N PRO C 339 19.18 -1.73 -29.80
CA PRO C 339 18.88 -0.32 -29.50
C PRO C 339 19.01 0.59 -30.71
N GLU C 340 19.82 0.18 -31.69
CA GLU C 340 20.03 0.93 -32.93
C GLU C 340 19.16 0.34 -34.03
N GLN C 341 18.80 1.17 -35.00
CA GLN C 341 18.03 0.70 -36.14
C GLN C 341 18.83 -0.39 -36.86
N PRO C 342 18.22 -1.56 -37.15
CA PRO C 342 18.99 -2.63 -37.80
C PRO C 342 19.39 -2.27 -39.22
N HIS C 343 20.29 -3.07 -39.79
CA HIS C 343 20.74 -2.91 -41.17
C HIS C 343 20.65 -4.26 -41.89
N VAL C 344 19.53 -4.94 -41.69
CA VAL C 344 19.32 -6.26 -42.28
C VAL C 344 18.68 -6.11 -43.65
N PHE C 345 18.74 -7.17 -44.44
CA PHE C 345 18.07 -7.19 -45.73
C PHE C 345 16.57 -6.97 -45.54
N THR C 346 16.01 -6.03 -46.30
CA THR C 346 14.63 -5.60 -46.11
C THR C 346 13.69 -6.25 -47.12
N LEU C 347 13.94 -6.09 -48.42
CA LEU C 347 13.06 -6.59 -49.46
C LEU C 347 11.66 -6.01 -49.30
N GLU C 348 11.59 -4.69 -49.48
CA GLU C 348 10.33 -3.97 -49.41
C GLU C 348 9.60 -4.12 -50.74
N TYR C 349 8.54 -3.33 -50.94
CA TYR C 349 7.79 -3.37 -52.19
C TYR C 349 8.69 -2.97 -53.35
N ALA C 350 8.19 -3.14 -54.57
CA ALA C 350 8.86 -2.72 -55.81
C ALA C 350 10.09 -3.54 -56.14
N TYR C 351 10.49 -4.48 -55.28
CA TYR C 351 11.63 -5.35 -55.53
C TYR C 351 11.22 -6.80 -55.67
N GLU C 352 10.42 -7.31 -54.73
CA GLU C 352 9.83 -8.63 -54.91
C GLU C 352 8.96 -8.65 -56.16
N GLU C 353 8.27 -7.54 -56.43
CA GLU C 353 7.45 -7.47 -57.64
C GLU C 353 8.30 -7.55 -58.89
N ALA C 354 9.44 -6.84 -58.91
CA ALA C 354 10.33 -6.93 -60.06
C ALA C 354 10.87 -8.34 -60.22
N GLU C 355 11.26 -8.97 -59.10
CA GLU C 355 11.78 -10.32 -59.16
C GLU C 355 10.74 -11.29 -59.73
N ALA C 356 9.48 -11.13 -59.30
CA ALA C 356 8.43 -12.04 -59.75
C ALA C 356 8.10 -11.79 -61.23
N LYS C 357 7.94 -10.53 -61.61
CA LYS C 357 7.50 -10.24 -62.98
C LYS C 357 8.59 -10.58 -63.99
N PHE C 358 9.83 -10.17 -63.71
CA PHE C 358 10.93 -10.44 -64.63
C PHE C 358 11.24 -11.93 -64.61
N GLY C 359 10.98 -12.61 -65.73
CA GLY C 359 11.27 -14.03 -65.86
C GLY C 359 12.59 -14.28 -66.56
N ARG C 360 12.86 -13.50 -67.61
CA ARG C 360 14.14 -13.64 -68.31
C ARG C 360 15.30 -13.27 -67.41
N ASP C 361 15.15 -12.20 -66.62
CA ASP C 361 16.19 -11.72 -65.71
C ASP C 361 15.58 -11.52 -64.33
N PRO C 362 15.30 -12.61 -63.61
CA PRO C 362 14.72 -12.49 -62.26
C PRO C 362 15.78 -12.13 -61.21
N ARG C 363 16.24 -10.89 -61.27
CA ARG C 363 17.28 -10.43 -60.35
C ARG C 363 17.15 -8.93 -60.15
N GLU C 364 17.73 -8.45 -59.07
CA GLU C 364 17.70 -7.04 -58.73
C GLU C 364 18.86 -6.78 -57.76
N TYR C 365 19.04 -5.51 -57.40
CA TYR C 365 20.09 -5.09 -56.48
C TYR C 365 21.48 -5.42 -57.05
N SER C 366 21.79 -4.77 -58.16
CA SER C 366 23.15 -4.80 -58.72
C SER C 366 23.97 -3.77 -57.96
N ILE C 367 24.82 -4.25 -57.05
CA ILE C 367 25.49 -3.39 -56.08
C ILE C 367 26.99 -3.41 -56.36
N GLN C 368 27.73 -2.59 -55.60
CA GLN C 368 29.20 -2.50 -55.60
C GLN C 368 29.74 -1.76 -56.81
N THR C 369 28.94 -0.91 -57.46
CA THR C 369 29.42 -0.11 -58.57
C THR C 369 28.40 0.96 -58.94
N THR C 370 28.83 2.23 -59.06
CA THR C 370 27.89 3.27 -59.44
C THR C 370 27.93 3.59 -60.94
N LYS C 371 28.99 4.25 -61.41
CA LYS C 371 29.20 4.51 -62.83
C LYS C 371 30.43 5.40 -63.05
N MET C 372 30.76 5.63 -64.32
CA MET C 372 31.64 6.73 -64.74
C MET C 372 31.17 7.19 -66.11
N VAL C 373 32.07 7.85 -66.84
CA VAL C 373 31.74 8.56 -68.08
C VAL C 373 30.81 7.74 -68.97
N ALA C 374 29.74 8.37 -69.43
CA ALA C 374 28.71 7.70 -70.22
C ALA C 374 29.03 7.86 -71.71
N ASP C 375 28.06 7.53 -72.56
CA ASP C 375 28.22 7.57 -74.00
C ASP C 375 27.89 8.99 -74.50
N LYS C 376 27.89 9.20 -75.80
CA LYS C 376 27.67 10.51 -76.40
C LYS C 376 26.92 10.30 -77.72
N ASN C 377 26.94 11.33 -78.58
CA ASN C 377 26.27 11.29 -79.88
C ASN C 377 24.75 11.22 -79.73
N GLY C 378 24.17 12.20 -79.04
CA GLY C 378 22.72 12.31 -78.95
C GLY C 378 22.16 11.62 -77.72
N LYS C 379 21.48 10.50 -77.92
CA LYS C 379 20.91 9.73 -76.83
C LYS C 379 21.96 8.82 -76.21
N LEU C 380 21.66 8.31 -75.02
CA LEU C 380 22.56 7.40 -74.34
C LEU C 380 22.49 6.03 -74.97
N LYS C 381 23.66 5.47 -75.32
CA LYS C 381 23.75 4.14 -75.92
C LYS C 381 24.21 3.09 -74.92
N GLU C 382 25.23 3.41 -74.12
CA GLU C 382 25.80 2.45 -73.17
C GLU C 382 26.32 3.21 -71.97
N LEU C 383 26.49 2.48 -70.87
CA LEU C 383 27.05 3.03 -69.63
C LEU C 383 28.18 2.15 -69.16
N HIS C 384 29.26 2.79 -68.70
CA HIS C 384 30.42 2.10 -68.15
C HIS C 384 30.29 2.01 -66.64
N THR C 385 30.81 0.94 -66.05
CA THR C 385 30.76 0.77 -64.61
C THR C 385 31.98 -0.04 -64.16
N ILE C 386 32.37 0.18 -62.91
CA ILE C 386 33.53 -0.47 -62.31
C ILE C 386 33.22 -0.79 -60.86
N GLN C 387 33.80 -1.87 -60.36
CA GLN C 387 33.51 -2.34 -59.01
C GLN C 387 34.41 -1.64 -57.99
N MET C 388 33.82 -1.29 -56.85
CA MET C 388 34.54 -0.74 -55.72
C MET C 388 34.31 -1.62 -54.50
N GLU C 389 35.28 -1.61 -53.59
CA GLU C 389 35.20 -2.37 -52.35
C GLU C 389 35.59 -1.47 -51.19
N LYS C 390 34.89 -1.63 -50.07
CA LYS C 390 35.16 -0.84 -48.88
C LYS C 390 36.36 -1.41 -48.14
N VAL C 391 37.42 -0.61 -48.00
CA VAL C 391 38.66 -1.06 -47.38
C VAL C 391 39.07 -0.06 -46.31
N LYS C 392 39.91 -0.53 -45.40
CA LYS C 392 40.41 0.29 -44.30
C LYS C 392 41.74 0.93 -44.67
N ASN C 393 41.85 2.22 -44.35
CA ASN C 393 43.04 2.99 -44.70
C ASN C 393 43.37 3.95 -43.56
N GLU C 394 44.63 4.37 -43.53
CA GLU C 394 45.11 5.39 -42.61
C GLU C 394 45.07 4.93 -41.16
N HIS C 395 43.88 4.91 -40.57
CA HIS C 395 43.70 4.56 -39.16
C HIS C 395 42.47 3.66 -38.99
N GLY C 396 42.35 2.67 -39.86
CA GLY C 396 41.13 1.87 -39.89
C GLY C 396 39.93 2.65 -40.37
N LYS C 397 40.12 3.50 -41.38
CA LYS C 397 39.05 4.33 -41.93
C LYS C 397 38.61 3.78 -43.27
N TYR C 398 37.29 3.70 -43.48
CA TYR C 398 36.76 3.13 -44.71
C TYR C 398 37.23 3.94 -45.92
N GLU C 399 37.54 3.23 -47.00
CA GLU C 399 37.98 3.84 -48.24
C GLU C 399 37.40 3.08 -49.42
N PHE C 400 37.15 3.80 -50.51
CA PHE C 400 36.56 3.24 -51.73
C PHE C 400 37.64 3.18 -52.80
N ARG C 401 38.06 1.97 -53.14
CA ARG C 401 39.06 1.74 -54.19
C ARG C 401 38.44 0.87 -55.28
N GLU C 402 38.62 1.28 -56.53
CA GLU C 402 38.02 0.57 -57.65
C GLU C 402 38.86 -0.65 -58.02
N LEU C 403 38.19 -1.63 -58.64
CA LEU C 403 38.86 -2.81 -59.16
C LEU C 403 39.13 -2.60 -60.65
N PRO C 404 40.38 -2.41 -61.07
CA PRO C 404 40.62 -2.11 -62.49
C PRO C 404 40.11 -3.18 -63.45
N GLY C 405 40.12 -4.44 -63.05
CA GLY C 405 39.75 -5.53 -63.93
C GLY C 405 38.27 -5.85 -64.01
N THR C 406 37.42 -5.06 -63.35
CA THR C 406 35.99 -5.32 -63.30
C THR C 406 35.18 -4.33 -64.15
N GLU C 407 35.81 -3.67 -65.10
CA GLU C 407 35.08 -2.77 -65.99
C GLU C 407 33.99 -3.53 -66.73
N LYS C 408 32.81 -2.94 -66.82
CA LYS C 408 31.66 -3.56 -67.46
C LYS C 408 30.85 -2.52 -68.20
N VAL C 409 30.05 -2.99 -69.16
CA VAL C 409 29.23 -2.13 -70.00
C VAL C 409 27.79 -2.60 -69.88
N TRP C 410 26.87 -1.65 -69.68
CA TRP C 410 25.45 -1.94 -69.61
C TRP C 410 24.70 -1.07 -70.61
N PRO C 411 23.67 -1.60 -71.27
CA PRO C 411 22.89 -0.78 -72.20
C PRO C 411 21.85 0.04 -71.44
N ALA C 412 21.95 1.36 -71.56
CA ALA C 412 21.06 2.28 -70.84
C ALA C 412 20.73 3.46 -71.74
N GLN C 413 19.44 3.69 -71.97
CA GLN C 413 18.98 4.83 -72.76
C GLN C 413 18.33 5.91 -71.93
N LEU C 414 17.73 5.57 -70.79
CA LEU C 414 17.24 6.55 -69.82
C LEU C 414 17.93 6.29 -68.49
N VAL C 415 18.34 7.37 -67.82
CA VAL C 415 19.10 7.29 -66.58
C VAL C 415 18.55 8.30 -65.59
N PHE C 416 18.46 7.89 -64.33
CA PHE C 416 18.02 8.73 -63.23
C PHE C 416 19.13 8.86 -62.21
N ILE C 417 19.13 10.00 -61.50
CA ILE C 417 20.12 10.29 -60.46
C ILE C 417 19.37 10.69 -59.21
N ALA C 418 19.51 9.89 -58.15
CA ALA C 418 18.87 10.17 -56.87
C ALA C 418 19.84 9.81 -55.72
N ILE C 419 21.10 10.22 -55.86
CA ILE C 419 22.12 9.83 -54.89
C ILE C 419 22.02 10.60 -53.57
N GLY C 420 21.11 11.54 -53.46
CA GLY C 420 20.94 12.28 -52.22
C GLY C 420 20.28 13.62 -52.49
N PHE C 421 20.36 14.50 -51.50
CA PHE C 421 19.75 15.82 -51.57
C PHE C 421 20.63 16.81 -50.83
N GLU C 422 20.33 18.09 -51.03
CA GLU C 422 21.02 19.20 -50.39
C GLU C 422 20.02 20.00 -49.57
N GLY C 423 20.48 21.13 -49.03
CA GLY C 423 19.63 21.97 -48.22
C GLY C 423 18.52 22.64 -49.00
N THR C 424 17.97 23.73 -48.46
CA THR C 424 16.89 24.44 -49.13
C THR C 424 17.40 25.04 -50.44
N GLU C 425 16.48 25.70 -51.14
CA GLU C 425 16.80 26.35 -52.42
C GLU C 425 17.46 27.69 -52.14
N GLN C 426 18.75 27.62 -51.80
CA GLN C 426 19.59 28.80 -51.65
C GLN C 426 20.66 28.82 -52.73
N PRO C 427 21.17 29.99 -53.12
CA PRO C 427 20.86 31.33 -52.59
C PRO C 427 19.63 31.98 -53.22
N LEU C 428 18.73 31.16 -53.78
CA LEU C 428 17.55 31.71 -54.44
C LEU C 428 16.70 32.53 -53.49
N LEU C 429 16.46 32.01 -52.29
CA LEU C 429 15.65 32.70 -51.29
C LEU C 429 16.55 33.46 -50.32
N LYS C 430 17.24 34.46 -50.85
CA LYS C 430 18.11 35.33 -50.05
C LYS C 430 17.42 36.60 -49.62
N GLN C 431 16.12 36.74 -49.89
CA GLN C 431 15.40 37.95 -49.50
C GLN C 431 15.43 38.15 -47.99
N PHE C 432 15.55 37.08 -47.21
CA PHE C 432 15.69 37.16 -45.77
C PHE C 432 17.17 37.18 -45.38
N GLY C 433 17.42 37.52 -44.12
CA GLY C 433 18.76 37.60 -43.58
C GLY C 433 19.28 36.32 -42.95
N VAL C 434 18.60 35.20 -43.15
CA VAL C 434 19.05 33.95 -42.55
C VAL C 434 20.44 33.59 -43.09
N ASN C 435 21.20 32.85 -42.27
CA ASN C 435 22.54 32.40 -42.62
C ASN C 435 22.54 30.88 -42.70
N SER C 436 23.19 30.34 -43.74
CA SER C 436 23.26 28.91 -43.96
C SER C 436 24.71 28.45 -43.91
N VAL C 437 24.91 27.21 -43.47
CA VAL C 437 26.25 26.64 -43.32
C VAL C 437 26.59 25.71 -44.48
N ASN C 438 25.68 24.79 -44.83
CA ASN C 438 25.86 23.86 -45.93
C ASN C 438 24.60 23.81 -46.78
N ASN C 439 24.06 24.97 -47.10
CA ASN C 439 22.81 25.19 -47.82
C ASN C 439 21.61 24.99 -46.88
N LYS C 440 21.82 24.52 -45.66
CA LYS C 440 20.75 24.35 -44.68
C LYS C 440 20.71 25.56 -43.76
N ILE C 441 19.53 26.14 -43.59
CA ILE C 441 19.41 27.30 -42.72
C ILE C 441 19.75 26.91 -41.28
N SER C 442 20.47 27.80 -40.61
CA SER C 442 21.07 27.52 -39.30
C SER C 442 20.01 27.68 -38.21
N ALA C 443 19.87 26.65 -37.38
CA ALA C 443 18.98 26.68 -36.23
C ALA C 443 19.26 25.44 -35.39
N ALA C 444 18.89 25.51 -34.12
CA ALA C 444 19.11 24.42 -33.17
C ALA C 444 17.77 23.78 -32.83
N TYR C 445 17.84 22.50 -32.45
CA TYR C 445 16.64 21.79 -32.03
C TYR C 445 16.01 22.51 -30.84
N GLY C 446 14.81 23.04 -31.04
CA GLY C 446 14.23 23.96 -30.08
C GLY C 446 14.86 25.33 -30.19
N ASP C 447 14.07 26.38 -29.94
CA ASP C 447 14.55 27.75 -30.08
C ASP C 447 15.03 28.02 -31.51
N TYR C 448 14.08 27.94 -32.44
CA TYR C 448 14.36 28.12 -33.86
C TYR C 448 14.50 29.59 -34.26
N GLN C 449 14.40 30.53 -33.32
CA GLN C 449 14.54 31.95 -33.65
C GLN C 449 15.90 32.20 -34.27
N THR C 450 15.91 32.56 -35.56
CA THR C 450 17.14 32.77 -36.30
C THR C 450 17.58 34.23 -36.18
N ASN C 451 18.52 34.65 -37.03
CA ASN C 451 19.07 36.00 -36.94
C ASN C 451 17.98 37.06 -37.03
N ILE C 452 17.09 36.93 -38.01
CA ILE C 452 16.03 37.90 -38.22
C ILE C 452 14.84 37.55 -37.35
N ASP C 453 14.24 38.57 -36.74
CA ASP C 453 13.10 38.36 -35.86
C ASP C 453 11.90 37.85 -36.67
N GLY C 454 11.14 36.94 -36.05
CA GLY C 454 9.95 36.41 -36.67
C GLY C 454 10.20 35.37 -37.73
N VAL C 455 11.44 34.92 -37.91
CA VAL C 455 11.80 33.91 -38.90
C VAL C 455 12.21 32.66 -38.14
N PHE C 456 11.57 31.54 -38.45
CA PHE C 456 11.78 30.29 -37.74
C PHE C 456 12.05 29.18 -38.74
N ALA C 457 13.12 28.42 -38.51
CA ALA C 457 13.40 27.25 -39.32
C ALA C 457 12.46 26.11 -38.93
N ALA C 458 12.36 25.12 -39.82
CA ALA C 458 11.49 23.99 -39.56
C ALA C 458 11.71 22.92 -40.62
N GLY C 459 11.55 21.67 -40.20
CA GLY C 459 11.54 20.55 -41.13
C GLY C 459 12.89 20.30 -41.76
N ASP C 460 12.85 19.71 -42.96
CA ASP C 460 14.07 19.35 -43.67
C ASP C 460 14.94 20.55 -44.00
N ALA C 461 14.35 21.75 -44.03
CA ALA C 461 15.14 22.95 -44.33
C ALA C 461 16.34 23.06 -43.40
N ARG C 462 16.16 22.74 -42.13
CA ARG C 462 17.27 22.69 -41.17
C ARG C 462 17.71 21.28 -40.83
N ARG C 463 16.87 20.27 -41.07
CA ARG C 463 17.19 18.90 -40.72
C ARG C 463 17.97 18.17 -41.81
N GLY C 464 18.18 18.77 -42.97
CA GLY C 464 18.82 18.08 -44.07
C GLY C 464 17.87 17.14 -44.77
N GLN C 465 18.06 15.84 -44.57
CA GLN C 465 17.15 14.82 -45.08
C GLN C 465 16.60 14.04 -43.90
N SER C 466 15.27 13.93 -43.83
CA SER C 466 14.61 13.31 -42.69
C SER C 466 13.34 12.62 -43.19
N LEU C 467 12.48 12.24 -42.24
CA LEU C 467 11.26 11.52 -42.52
C LEU C 467 10.05 12.40 -42.22
N ILE C 468 8.87 11.90 -42.60
CA ILE C 468 7.63 12.64 -42.36
C ILE C 468 7.39 12.80 -40.87
N VAL C 469 7.74 11.77 -40.09
CA VAL C 469 7.57 11.87 -38.64
C VAL C 469 8.48 12.95 -38.07
N TRP C 470 9.72 13.02 -38.55
CA TRP C 470 10.61 14.11 -38.14
C TRP C 470 10.02 15.46 -38.52
N ALA C 471 9.47 15.57 -39.72
CA ALA C 471 8.87 16.82 -40.16
C ALA C 471 7.71 17.21 -39.24
N ILE C 472 6.87 16.25 -38.87
CA ILE C 472 5.73 16.54 -38.00
C ILE C 472 6.22 16.99 -36.62
N ASN C 473 7.23 16.32 -36.08
CA ASN C 473 7.77 16.72 -34.78
C ASN C 473 8.32 18.14 -34.85
N GLU C 474 9.07 18.45 -35.90
CA GLU C 474 9.62 19.80 -36.07
C GLU C 474 8.49 20.82 -36.18
N GLY C 475 7.44 20.49 -36.93
CA GLY C 475 6.32 21.41 -37.06
C GLY C 475 5.65 21.69 -35.73
N ARG C 476 5.39 20.65 -34.95
CA ARG C 476 4.78 20.84 -33.64
C ARG C 476 5.67 21.70 -32.74
N GLU C 477 6.96 21.41 -32.71
CA GLU C 477 7.86 22.14 -31.83
C GLU C 477 7.97 23.61 -32.24
N VAL C 478 8.08 23.88 -33.55
CA VAL C 478 8.17 25.27 -33.98
C VAL C 478 6.86 25.99 -33.73
N ALA C 479 5.72 25.30 -33.87
CA ALA C 479 4.44 25.89 -33.53
C ALA C 479 4.41 26.32 -32.08
N ARG C 480 4.84 25.44 -31.17
CA ARG C 480 4.89 25.80 -29.76
C ARG C 480 5.83 26.98 -29.53
N GLU C 481 6.99 26.96 -30.20
CA GLU C 481 7.97 28.02 -30.00
C GLU C 481 7.41 29.38 -30.44
N VAL C 482 6.76 29.43 -31.60
CA VAL C 482 6.24 30.70 -32.08
C VAL C 482 5.06 31.15 -31.24
N ASP C 483 4.24 30.21 -30.76
CA ASP C 483 3.16 30.58 -29.86
C ASP C 483 3.70 31.21 -28.59
N ARG C 484 4.76 30.63 -28.02
CA ARG C 484 5.38 31.21 -26.84
C ARG C 484 5.98 32.58 -27.17
N TYR C 485 6.60 32.72 -28.33
CA TYR C 485 7.21 33.99 -28.71
C TYR C 485 6.15 35.08 -28.81
N LEU C 486 4.98 34.75 -29.36
CA LEU C 486 3.94 35.76 -29.56
C LEU C 486 3.18 36.04 -28.26
N MET C 487 2.51 35.03 -27.71
CA MET C 487 1.66 35.20 -26.55
C MET C 487 2.35 34.87 -25.23
N GLY C 488 3.62 34.51 -25.25
CA GLY C 488 4.35 34.25 -24.02
C GLY C 488 4.01 32.91 -23.39
N SER C 489 2.75 32.72 -23.03
CA SER C 489 2.29 31.52 -22.34
C SER C 489 1.52 30.62 -23.30
N SER C 490 1.93 29.36 -23.38
CA SER C 490 1.24 28.36 -24.18
C SER C 490 1.67 26.99 -23.72
N VAL C 491 0.71 26.17 -23.30
CA VAL C 491 1.05 24.84 -22.78
C VAL C 491 1.65 23.97 -23.88
N LEU C 492 1.10 24.04 -25.08
CA LEU C 492 1.61 23.25 -26.20
C LEU C 492 1.10 23.80 -27.52
N1 FMN D . 17.43 -7.66 -1.17
C2 FMN D . 17.17 -8.57 -0.17
O2 FMN D . 17.53 -8.33 0.98
N3 FMN D . 16.49 -9.74 -0.44
C4 FMN D . 16.08 -10.00 -1.73
O4 FMN D . 15.48 -11.03 -1.99
C4A FMN D . 16.34 -9.09 -2.75
N5 FMN D . 15.92 -9.36 -4.02
C5A FMN D . 16.18 -8.45 -5.04
C6 FMN D . 15.74 -8.76 -6.32
C7 FMN D . 15.97 -7.88 -7.37
C7M FMN D . 15.49 -8.25 -8.74
C8 FMN D . 16.65 -6.70 -7.12
C8M FMN D . 16.92 -5.73 -8.22
C9 FMN D . 17.09 -6.39 -5.83
C9A FMN D . 16.86 -7.27 -4.78
N10 FMN D . 17.28 -6.99 -3.48
C10 FMN D . 17.01 -7.91 -2.47
C1' FMN D . 18.02 -5.71 -3.14
C2' FMN D . 19.51 -5.91 -3.39
O2' FMN D . 19.87 -7.20 -2.97
C3' FMN D . 20.38 -4.89 -2.62
O3' FMN D . 20.05 -4.94 -1.25
C4' FMN D . 20.24 -3.45 -3.12
O4' FMN D . 18.91 -3.00 -2.94
C5' FMN D . 20.65 -3.31 -4.57
O5' FMN D . 20.87 -1.96 -4.89
P FMN D . 21.15 -1.54 -6.43
O1P FMN D . 19.82 -1.30 -7.11
O2P FMN D . 21.98 -0.28 -6.47
O3P FMN D . 21.89 -2.65 -7.13
HN3 FMN D . 16.41 -10.47 0.28
H6 FMN D . 15.18 -9.68 -6.50
HM71 FMN D . 16.15 -7.87 -9.51
HM72 FMN D . 14.49 -7.83 -8.89
HM73 FMN D . 15.42 -9.34 -8.82
HM81 FMN D . 17.31 -4.80 -7.80
HM82 FMN D . 15.99 -5.53 -8.74
HM83 FMN D . 17.65 -6.15 -8.92
H9 FMN D . 17.82 -5.59 -5.70
H1'1 FMN D . 17.85 -5.44 -2.11
H1'2 FMN D . 17.65 -4.89 -3.75
H2' FMN D . 19.71 -5.82 -4.45
HO2' FMN D . 20.57 -7.14 -2.28
H3' FMN D . 21.42 -5.19 -2.75
HO3' FMN D . 19.82 -4.04 -0.94
H4' FMN D . 20.91 -2.83 -2.51
HO4' FMN D . 18.54 -2.80 -3.82
H5'1 FMN D . 21.56 -3.87 -4.75
H5'2 FMN D . 19.87 -3.71 -5.21
FE1 F3S E . 13.16 -9.23 -17.06
FE3 F3S E . 12.58 -8.09 -14.67
FE4 F3S E . 14.39 -6.96 -16.30
S1 F3S E . 11.14 -9.01 -16.11
S2 F3S E . 13.70 -7.45 -18.40
S3 F3S E . 14.59 -9.02 -15.27
S4 F3S E . 12.89 -5.86 -15.03
PA FAD F . 8.29 19.92 -48.47
O1A FAD F . 7.46 19.39 -49.58
O2A FAD F . 9.80 19.79 -48.69
O5B FAD F . 7.94 21.42 -48.19
C5B FAD F . 8.26 22.46 -49.14
C4B FAD F . 7.04 22.83 -49.94
O4B FAD F . 7.15 24.20 -50.38
C3B FAD F . 6.84 22.02 -51.23
O3B FAD F . 5.47 21.98 -51.60
C2B FAD F . 7.68 22.83 -52.22
O2B FAD F . 7.25 22.62 -53.57
C1B FAD F . 7.38 24.26 -51.78
N9A FAD F . 8.45 25.22 -52.02
C8A FAD F . 9.64 24.99 -52.65
N7A FAD F . 10.42 26.04 -52.73
C5A FAD F . 9.69 27.03 -52.10
C6A FAD F . 9.94 28.40 -51.85
N6A FAD F . 11.07 29.01 -52.22
N1A FAD F . 9.00 29.11 -51.20
C2A FAD F . 7.87 28.49 -50.83
N3A FAD F . 7.52 27.22 -51.02
C4A FAD F . 8.47 26.54 -51.66
N1 FAD F . 11.70 12.58 -50.30
C2 FAD F . 11.88 12.74 -51.64
O2 FAD F . 12.33 13.78 -52.12
N3 FAD F . 11.54 11.70 -52.50
C4 FAD F . 11.00 10.48 -52.12
O4 FAD F . 10.74 9.64 -52.97
C4X FAD F . 10.83 10.33 -50.69
N5 FAD F . 10.34 9.21 -50.26
C5X FAD F . 10.17 9.07 -48.89
C6 FAD F . 9.64 7.86 -48.40
C7 FAD F . 9.45 7.66 -47.04
C7M FAD F . 8.88 6.35 -46.57
C8 FAD F . 9.79 8.69 -46.14
C8M FAD F . 9.59 8.49 -44.65
C9 FAD F . 10.31 9.88 -46.61
C9A FAD F . 10.50 10.08 -47.97
N10 FAD F . 11.03 11.28 -48.49
C10 FAD F . 11.20 11.44 -49.85
C1' FAD F . 11.40 12.38 -47.59
C2' FAD F . 10.21 13.23 -47.17
O2' FAD F . 9.25 13.31 -48.22
C3' FAD F . 10.68 14.64 -46.81
O3' FAD F . 11.82 14.52 -45.95
C4' FAD F . 9.63 15.49 -46.10
O4' FAD F . 8.35 14.92 -46.33
C5' FAD F . 9.65 16.92 -46.57
O5' FAD F . 9.15 17.78 -45.52
P FAD F . 8.76 19.28 -45.79
O1P FAD F . 7.83 19.77 -44.69
O2P FAD F . 9.97 20.10 -46.01
O3P FAD F . 7.93 19.18 -47.13
H51A FAD F . 8.93 22.15 -49.72
H52A FAD F . 8.57 23.22 -48.68
H4B FAD F . 6.27 22.74 -49.41
H3B FAD F . 7.19 21.16 -51.13
HO3A FAD F . 5.41 21.73 -52.39
H2B FAD F . 8.58 22.61 -52.12
HO2A FAD F . 7.82 22.18 -53.98
H1B FAD F . 6.60 24.56 -52.20
H8A FAD F . 9.89 24.16 -53.00
H61A FAD F . 11.07 29.55 -52.89
H62A FAD F . 11.81 28.88 -51.77
H2A FAD F . 7.25 29.02 -50.39
HN3 FAD F . 11.66 11.83 -53.34
H6 FAD F . 9.47 7.28 -49.12
HM71 FAD F . 9.22 6.14 -45.72
HM72 FAD F . 7.95 6.41 -46.55
HM73 FAD F . 9.14 5.68 -47.17
HM81 FAD F . 10.29 7.97 -44.31
HM82 FAD F . 9.60 9.33 -44.21
HM83 FAD F . 8.77 8.07 -44.49
H9 FAD F . 10.46 10.41 -45.87
H1'1 FAD F . 11.80 12.02 -46.81
H1'2 FAD F . 12.04 12.95 -47.98
H2' FAD F . 9.81 12.84 -46.41
HO2' FAD F . 8.50 13.49 -47.91
H3' FAD F . 10.95 15.06 -47.59
HO3' FAD F . 11.62 14.07 -45.28
H4' FAD F . 9.80 15.47 -45.18
HO4' FAD F . 7.77 15.52 -46.34
H5'1 FAD F . 9.11 17.02 -47.33
H5'2 FAD F . 10.54 17.17 -46.78
FE1 SF4 G . 7.31 -0.84 -27.41
FE2 SF4 G . 6.05 -3.26 -27.48
FE3 SF4 G . 7.66 -2.61 -25.37
FE4 SF4 G . 8.76 -3.12 -27.83
S1 SF4 G . 7.63 -4.59 -26.50
S2 SF4 G . 9.27 -1.40 -26.40
S3 SF4 G . 7.15 -2.26 -29.20
S4 SF4 G . 5.71 -1.58 -25.98
FE1 SF4 H . 6.18 3.76 -35.67
FE2 SF4 H . 4.04 5.24 -36.52
FE3 SF4 H . 6.50 5.64 -37.62
FE4 SF4 H . 6.02 6.41 -35.04
S1 SF4 H . 5.05 7.24 -36.93
S2 SF4 H . 7.85 5.29 -35.82
S3 SF4 H . 4.61 4.77 -34.36
S4 SF4 H . 5.24 3.74 -37.75
#